data_2MHD
#
_entry.id   2MHD
#
_cell.length_a   1.000
_cell.length_b   1.000
_cell.length_c   1.000
_cell.angle_alpha   90.00
_cell.angle_beta   90.00
_cell.angle_gamma   90.00
#
_symmetry.space_group_name_H-M   'P 1'
#
_entity_poly.entity_id   1
_entity_poly.type   'polypeptide(L)'
_entity_poly.pdbx_seq_one_letter_code
;GDEDDKVEIPQLVGKWIVKEPVLQDDFVTCYTFNADKTYEVYTGSPLSNGVPFRGTYIISLDEKLIKLYDKEEHCTEQYH
ILKLTSKEMKWENASPKDGNSDKRLEKYND
;
_entity_poly.pdbx_strand_id   A
#
# COMPACT_ATOMS: atom_id res chain seq x y z
N GLY A 1 -0.02 15.96 -16.65
CA GLY A 1 -1.28 16.65 -16.34
C GLY A 1 -1.11 17.57 -15.14
N ASP A 2 -2.17 18.32 -14.87
CA ASP A 2 -2.23 19.45 -13.95
C ASP A 2 -2.05 18.92 -12.53
N GLU A 3 -0.88 19.16 -11.95
CA GLU A 3 -0.40 18.61 -10.67
C GLU A 3 -0.57 17.09 -10.53
N ASP A 4 -0.77 16.38 -11.64
CA ASP A 4 -1.34 15.03 -11.70
C ASP A 4 -0.27 14.00 -12.05
N ASP A 5 0.98 14.41 -11.92
CA ASP A 5 2.12 13.50 -11.80
C ASP A 5 3.07 14.03 -10.73
N LYS A 6 2.61 13.95 -9.48
CA LYS A 6 3.39 14.25 -8.30
C LYS A 6 2.83 13.52 -7.09
N VAL A 7 3.63 13.54 -6.03
CA VAL A 7 3.38 13.04 -4.69
C VAL A 7 2.26 13.88 -4.05
N GLU A 8 1.05 13.68 -4.54
CA GLU A 8 -0.16 14.21 -3.96
C GLU A 8 -0.51 13.41 -2.71
N ILE A 9 -0.98 14.09 -1.68
CA ILE A 9 -1.57 13.44 -0.51
C ILE A 9 -2.90 12.75 -0.90
N PRO A 10 -3.92 13.44 -1.47
CA PRO A 10 -5.21 12.81 -1.73
C PRO A 10 -5.15 11.75 -2.82
N GLN A 11 -4.12 11.75 -3.66
CA GLN A 11 -3.99 10.73 -4.68
C GLN A 11 -3.65 9.35 -4.08
N LEU A 12 -3.40 9.23 -2.78
CA LEU A 12 -3.23 7.92 -2.14
C LEU A 12 -4.55 7.15 -2.05
N VAL A 13 -5.67 7.78 -1.67
CA VAL A 13 -6.90 7.11 -1.19
C VAL A 13 -7.69 6.31 -2.26
N GLY A 14 -7.18 6.22 -3.48
CA GLY A 14 -7.68 5.31 -4.48
C GLY A 14 -7.40 3.84 -4.18
N LYS A 15 -7.79 2.99 -5.12
CA LYS A 15 -7.51 1.56 -5.10
C LYS A 15 -6.15 1.29 -5.72
N TRP A 16 -5.45 0.28 -5.21
CA TRP A 16 -4.11 -0.05 -5.66
C TRP A 16 -3.93 -1.57 -5.58
N ILE A 17 -3.80 -2.25 -6.72
CA ILE A 17 -3.57 -3.70 -6.72
C ILE A 17 -2.05 -3.89 -6.64
N VAL A 18 -1.59 -4.76 -5.76
CA VAL A 18 -0.16 -5.09 -5.57
C VAL A 18 0.37 -5.87 -6.78
N LYS A 19 -0.51 -6.22 -7.73
CA LYS A 19 -0.34 -7.33 -8.66
C LYS A 19 0.53 -6.91 -9.85
N GLU A 20 1.73 -6.43 -9.54
CA GLU A 20 2.73 -5.96 -10.49
C GLU A 20 3.99 -5.59 -9.66
N PRO A 21 5.03 -6.43 -9.67
CA PRO A 21 4.97 -7.83 -10.08
C PRO A 21 4.09 -8.66 -9.13
N VAL A 22 3.69 -9.85 -9.55
CA VAL A 22 2.83 -10.74 -8.78
C VAL A 22 3.59 -12.00 -8.38
N LEU A 23 3.29 -12.47 -7.17
CA LEU A 23 3.88 -13.61 -6.50
C LEU A 23 3.32 -14.93 -7.07
N GLN A 24 3.93 -16.03 -6.65
CA GLN A 24 3.42 -17.39 -6.79
C GLN A 24 2.39 -17.64 -5.68
N ASP A 25 1.88 -18.87 -5.61
CA ASP A 25 0.81 -19.31 -4.71
C ASP A 25 -0.51 -18.57 -4.99
N ASP A 26 -0.57 -17.98 -6.19
CA ASP A 26 -1.59 -17.09 -6.74
C ASP A 26 -1.93 -15.93 -5.78
N PHE A 27 -0.96 -15.48 -4.99
CA PHE A 27 -1.13 -14.42 -4.03
C PHE A 27 -1.40 -13.11 -4.76
N VAL A 28 -2.55 -12.54 -4.43
CA VAL A 28 -3.08 -11.31 -5.01
C VAL A 28 -3.72 -10.45 -3.92
N THR A 29 -3.53 -9.14 -4.03
CA THR A 29 -3.90 -8.19 -3.00
C THR A 29 -4.28 -6.85 -3.64
N CYS A 30 -5.24 -6.15 -3.05
CA CYS A 30 -5.48 -4.74 -3.26
C CYS A 30 -5.43 -4.02 -1.91
N TYR A 31 -4.60 -2.98 -1.82
CA TYR A 31 -4.69 -1.98 -0.76
C TYR A 31 -5.78 -0.98 -1.17
N THR A 32 -6.59 -0.53 -0.22
CA THR A 32 -7.48 0.60 -0.38
C THR A 32 -7.38 1.44 0.89
N PHE A 33 -6.56 2.50 0.85
CA PHE A 33 -6.42 3.43 1.95
C PHE A 33 -7.69 4.28 2.04
N ASN A 34 -7.89 5.00 3.14
CA ASN A 34 -8.88 6.08 3.24
C ASN A 34 -8.16 7.41 3.26
N ALA A 35 -8.93 8.49 3.09
CA ALA A 35 -8.39 9.83 2.90
C ALA A 35 -7.61 10.28 4.13
N ASP A 36 -8.10 9.94 5.33
CA ASP A 36 -7.44 10.31 6.59
C ASP A 36 -8.02 9.53 7.78
N LYS A 37 -8.16 8.20 7.65
CA LYS A 37 -8.84 7.38 8.64
C LYS A 37 -8.17 6.01 8.85
N THR A 38 -8.23 5.15 7.83
CA THR A 38 -8.13 3.71 7.94
C THR A 38 -7.53 3.16 6.64
N TYR A 39 -7.25 1.87 6.59
CA TYR A 39 -6.82 1.17 5.40
C TYR A 39 -7.49 -0.20 5.32
N GLU A 40 -7.47 -0.83 4.15
CA GLU A 40 -7.85 -2.23 3.96
C GLU A 40 -6.74 -2.91 3.16
N VAL A 41 -6.52 -4.19 3.41
CA VAL A 41 -5.63 -5.04 2.63
C VAL A 41 -6.17 -6.47 2.72
N TYR A 42 -5.73 -7.36 1.84
CA TYR A 42 -6.02 -8.77 1.93
C TYR A 42 -4.86 -9.51 1.28
N THR A 43 -4.31 -10.53 1.93
CA THR A 43 -3.31 -11.39 1.31
C THR A 43 -3.55 -12.81 1.79
N GLY A 44 -3.44 -13.75 0.86
CA GLY A 44 -3.68 -15.17 1.02
C GLY A 44 -4.43 -15.60 -0.22
N SER A 45 -5.71 -15.83 -0.03
CA SER A 45 -6.63 -16.44 -0.93
C SER A 45 -6.08 -17.71 -1.59
N PRO A 46 -5.91 -18.80 -0.81
CA PRO A 46 -5.68 -20.13 -1.36
C PRO A 46 -6.98 -20.82 -1.83
N LEU A 47 -8.16 -20.27 -1.46
CA LEU A 47 -9.47 -20.88 -1.76
C LEU A 47 -10.61 -19.88 -1.89
N SER A 48 -10.58 -18.76 -1.16
CA SER A 48 -11.55 -17.68 -1.24
C SER A 48 -10.93 -16.41 -0.68
N ASN A 49 -11.64 -15.29 -0.86
CA ASN A 49 -11.32 -13.99 -0.31
C ASN A 49 -12.66 -13.40 0.17
N GLY A 50 -12.77 -13.14 1.47
CA GLY A 50 -14.00 -12.68 2.09
C GLY A 50 -13.82 -12.17 3.52
N VAL A 51 -12.63 -12.33 4.07
CA VAL A 51 -12.21 -11.86 5.38
C VAL A 51 -11.06 -10.86 5.11
N PRO A 52 -11.37 -9.58 4.87
CA PRO A 52 -10.36 -8.56 4.67
C PRO A 52 -9.62 -8.30 5.99
N PHE A 53 -8.48 -7.62 5.88
CA PHE A 53 -7.86 -6.93 7.00
C PHE A 53 -8.24 -5.45 6.89
N ARG A 54 -8.38 -4.77 8.03
CA ARG A 54 -8.40 -3.32 8.08
C ARG A 54 -7.70 -2.84 9.35
N GLY A 55 -7.09 -1.66 9.28
CA GLY A 55 -6.36 -1.06 10.38
C GLY A 55 -6.25 0.45 10.16
N THR A 56 -5.36 1.08 10.92
CA THR A 56 -5.06 2.50 10.86
C THR A 56 -3.69 2.69 10.20
N TYR A 57 -3.39 3.90 9.77
CA TYR A 57 -2.13 4.24 9.11
C TYR A 57 -1.56 5.52 9.71
N ILE A 58 -0.26 5.69 9.53
CA ILE A 58 0.51 6.86 9.95
C ILE A 58 1.43 7.24 8.80
N ILE A 59 1.62 8.53 8.53
CA ILE A 59 2.59 9.06 7.56
C ILE A 59 3.38 10.12 8.32
N SER A 60 4.60 10.44 7.90
CA SER A 60 5.14 11.76 8.13
C SER A 60 6.05 12.15 6.96
N LEU A 61 6.23 13.46 6.79
CA LEU A 61 7.01 14.02 5.71
C LEU A 61 8.50 13.85 5.99
N ASP A 62 8.91 13.69 7.25
CA ASP A 62 10.28 13.94 7.74
C ASP A 62 11.32 13.36 6.81
N GLU A 63 11.24 12.04 6.58
CA GLU A 63 12.00 11.32 5.57
C GLU A 63 11.07 10.57 4.62
N LYS A 64 9.81 11.02 4.49
CA LYS A 64 8.80 10.49 3.57
C LYS A 64 8.62 8.99 3.84
N LEU A 65 8.13 8.69 5.05
CA LEU A 65 8.05 7.36 5.63
C LEU A 65 6.58 7.11 5.97
N ILE A 66 6.12 5.87 5.87
CA ILE A 66 4.73 5.51 6.09
C ILE A 66 4.67 4.12 6.74
N LYS A 67 3.89 3.96 7.82
CA LYS A 67 3.87 2.78 8.68
C LYS A 67 2.42 2.45 9.06
N LEU A 68 1.94 1.28 8.65
CA LEU A 68 0.57 0.85 8.90
C LEU A 68 0.52 0.04 10.21
N TYR A 69 -0.63 0.08 10.89
CA TYR A 69 -0.82 -0.42 12.25
C TYR A 69 -2.07 -1.29 12.30
N ASP A 70 -2.02 -2.39 13.04
CA ASP A 70 -3.18 -3.30 13.10
C ASP A 70 -4.29 -2.69 13.94
N LYS A 71 -5.42 -3.40 14.03
CA LYS A 71 -6.40 -3.28 15.11
C LYS A 71 -5.88 -3.72 16.49
N GLU A 72 -4.57 -3.96 16.61
CA GLU A 72 -3.85 -4.16 17.85
C GLU A 72 -2.71 -3.15 17.99
N GLU A 73 -2.65 -2.19 17.07
CA GLU A 73 -1.82 -1.00 17.03
C GLU A 73 -0.34 -1.26 17.39
N HIS A 74 0.23 -2.37 16.93
CA HIS A 74 1.59 -2.77 17.25
C HIS A 74 2.56 -2.75 16.06
N CYS A 75 2.21 -1.91 15.08
CA CYS A 75 2.70 -1.84 13.70
C CYS A 75 2.77 -3.21 12.99
N THR A 76 2.93 -3.21 11.67
CA THR A 76 2.98 -4.47 10.91
C THR A 76 3.86 -4.32 9.68
N GLU A 77 3.78 -3.18 8.99
CA GLU A 77 4.56 -2.92 7.80
C GLU A 77 5.10 -1.50 7.89
N GLN A 78 6.26 -1.23 7.26
CA GLN A 78 6.80 0.09 7.13
C GLN A 78 7.44 0.15 5.74
N TYR A 79 7.24 1.21 4.94
CA TYR A 79 7.94 1.32 3.67
C TYR A 79 8.20 2.77 3.28
N HIS A 80 9.16 2.98 2.38
CA HIS A 80 9.51 4.31 1.91
C HIS A 80 8.61 4.70 0.76
N ILE A 81 8.20 5.97 0.77
CA ILE A 81 7.48 6.58 -0.31
C ILE A 81 8.55 7.07 -1.30
N LEU A 82 8.72 6.39 -2.43
CA LEU A 82 9.53 6.93 -3.51
C LEU A 82 8.72 8.02 -4.21
N LYS A 83 7.63 7.63 -4.87
CA LYS A 83 6.77 8.50 -5.66
C LYS A 83 5.34 8.00 -5.60
N LEU A 84 4.41 8.90 -5.92
CA LEU A 84 2.99 8.69 -6.16
C LEU A 84 2.71 9.45 -7.44
N THR A 85 1.87 8.90 -8.30
CA THR A 85 1.20 9.64 -9.36
C THR A 85 -0.27 9.23 -9.41
N SER A 86 -0.99 9.73 -10.40
CA SER A 86 -2.31 9.26 -10.78
C SER A 86 -2.41 7.73 -10.80
N LYS A 87 -1.40 7.00 -11.27
CA LYS A 87 -1.48 5.55 -11.51
C LYS A 87 -0.16 4.82 -11.22
N GLU A 88 0.72 5.38 -10.41
CA GLU A 88 2.01 4.78 -10.05
C GLU A 88 2.23 5.02 -8.56
N MET A 89 2.64 4.02 -7.78
CA MET A 89 3.04 4.17 -6.39
C MET A 89 4.13 3.17 -6.09
N LYS A 90 5.25 3.68 -5.59
CA LYS A 90 6.46 2.89 -5.41
C LYS A 90 6.86 2.81 -3.94
N TRP A 91 6.34 1.77 -3.27
CA TRP A 91 6.61 1.45 -1.86
C TRP A 91 7.91 0.65 -1.85
N GLU A 92 9.02 1.33 -1.67
CA GLU A 92 10.31 0.68 -1.43
C GLU A 92 10.25 -0.03 -0.07
N ASN A 93 10.81 -1.24 0.03
CA ASN A 93 10.84 -2.03 1.25
C ASN A 93 11.34 -1.18 2.41
N ALA A 94 12.48 -0.52 2.23
CA ALA A 94 13.14 0.36 3.18
C ALA A 94 13.73 -0.39 4.37
N SER A 95 12.98 -1.27 5.05
CA SER A 95 13.48 -2.03 6.18
C SER A 95 13.69 -3.50 5.77
N PRO A 96 14.85 -3.85 5.19
CA PRO A 96 15.11 -5.23 4.78
C PRO A 96 15.17 -6.20 5.96
N LYS A 97 15.14 -5.70 7.20
CA LYS A 97 15.12 -6.46 8.43
C LYS A 97 13.71 -6.93 8.77
N ASP A 98 12.71 -6.04 8.66
CA ASP A 98 11.36 -6.33 9.15
C ASP A 98 10.64 -7.28 8.20
N GLY A 99 10.92 -7.19 6.89
CA GLY A 99 10.37 -8.09 5.87
C GLY A 99 9.46 -7.42 4.84
N ASN A 100 9.60 -6.11 4.63
CA ASN A 100 8.68 -5.31 3.81
C ASN A 100 8.82 -5.64 2.31
N SER A 101 7.93 -5.24 1.39
CA SER A 101 7.97 -5.76 0.03
C SER A 101 8.02 -4.62 -1.00
N ASP A 102 9.05 -4.66 -1.83
CA ASP A 102 9.31 -3.68 -2.88
C ASP A 102 8.75 -4.22 -4.19
N LYS A 103 7.53 -3.80 -4.52
CA LYS A 103 6.84 -4.05 -5.80
C LYS A 103 6.52 -2.72 -6.48
N ARG A 104 5.57 -2.65 -7.42
CA ARG A 104 5.22 -1.39 -8.06
C ARG A 104 3.71 -1.23 -8.29
N LEU A 105 3.02 -0.66 -7.30
CA LEU A 105 1.55 -0.53 -7.26
C LEU A 105 1.16 0.35 -8.46
N GLU A 106 0.36 -0.17 -9.39
CA GLU A 106 0.03 0.56 -10.62
C GLU A 106 -1.48 0.74 -10.77
N LYS A 107 -2.10 1.21 -9.69
CA LYS A 107 -3.54 1.35 -9.51
C LYS A 107 -4.25 0.02 -9.46
N TYR A 108 -5.57 -0.03 -9.42
CA TYR A 108 -6.33 -1.27 -9.51
C TYR A 108 -6.85 -1.37 -10.93
N ASN A 109 -6.18 -2.17 -11.76
CA ASN A 109 -6.53 -2.41 -13.15
C ASN A 109 -7.66 -3.44 -13.17
N ASP A 110 -8.86 -2.97 -12.84
CA ASP A 110 -10.09 -3.75 -12.79
C ASP A 110 -10.39 -4.33 -14.16
N GLY A 1 0.94 13.85 -19.69
CA GLY A 1 0.23 14.46 -18.55
C GLY A 1 1.21 15.15 -17.63
N ASP A 2 1.25 16.48 -17.63
CA ASP A 2 2.21 17.25 -16.82
C ASP A 2 1.74 17.35 -15.38
N GLU A 3 0.45 17.58 -15.18
CA GLU A 3 -0.20 17.66 -13.87
C GLU A 3 -0.44 16.27 -13.24
N ASP A 4 0.34 15.26 -13.65
CA ASP A 4 -0.02 13.84 -13.46
C ASP A 4 1.14 13.00 -12.91
N ASP A 5 2.11 13.65 -12.27
CA ASP A 5 3.29 12.97 -11.73
C ASP A 5 3.78 13.63 -10.43
N LYS A 6 2.90 13.79 -9.41
CA LYS A 6 3.31 14.26 -8.09
C LYS A 6 2.61 13.51 -6.96
N VAL A 7 3.34 13.40 -5.84
CA VAL A 7 2.93 12.74 -4.61
C VAL A 7 1.83 13.58 -3.96
N GLU A 8 0.59 13.22 -4.27
CA GLU A 8 -0.62 13.81 -3.75
C GLU A 8 -0.99 13.31 -2.35
N ILE A 9 -2.01 13.94 -1.76
CA ILE A 9 -2.67 13.48 -0.54
C ILE A 9 -3.88 12.59 -0.91
N PRO A 10 -5.01 13.11 -1.44
CA PRO A 10 -6.22 12.30 -1.62
C PRO A 10 -6.11 11.25 -2.74
N GLN A 11 -5.05 11.26 -3.55
CA GLN A 11 -4.78 10.19 -4.51
C GLN A 11 -4.36 8.90 -3.82
N LEU A 12 -3.83 8.99 -2.60
CA LEU A 12 -3.53 7.81 -1.81
C LEU A 12 -4.80 6.98 -1.60
N VAL A 13 -5.88 7.67 -1.21
CA VAL A 13 -7.20 7.15 -0.82
C VAL A 13 -7.92 6.44 -1.98
N GLY A 14 -7.31 6.42 -3.15
CA GLY A 14 -7.64 5.47 -4.20
C GLY A 14 -7.37 4.01 -3.80
N LYS A 15 -7.77 3.12 -4.71
CA LYS A 15 -7.61 1.67 -4.61
C LYS A 15 -6.39 1.25 -5.43
N TRP A 16 -5.69 0.20 -5.00
CA TRP A 16 -4.41 -0.19 -5.57
C TRP A 16 -4.26 -1.72 -5.55
N ILE A 17 -3.65 -2.33 -6.58
CA ILE A 17 -3.38 -3.76 -6.59
C ILE A 17 -1.87 -3.96 -6.41
N VAL A 18 -1.46 -5.03 -5.74
CA VAL A 18 -0.06 -5.41 -5.49
C VAL A 18 0.27 -6.64 -6.32
N LYS A 19 -0.44 -6.82 -7.43
CA LYS A 19 -0.27 -7.97 -8.33
C LYS A 19 0.67 -7.57 -9.46
N GLU A 20 1.72 -6.85 -9.10
CA GLU A 20 2.57 -6.13 -10.02
C GLU A 20 3.83 -5.74 -9.21
N PRO A 21 4.94 -6.45 -9.38
CA PRO A 21 5.00 -7.78 -9.99
C PRO A 21 4.18 -8.79 -9.16
N VAL A 22 3.85 -9.92 -9.76
CA VAL A 22 2.91 -10.89 -9.23
C VAL A 22 3.51 -11.56 -7.98
N LEU A 23 2.64 -11.96 -7.03
CA LEU A 23 3.04 -12.64 -5.80
C LEU A 23 3.08 -14.14 -6.08
N GLN A 24 3.95 -14.83 -5.35
CA GLN A 24 4.05 -16.28 -5.35
C GLN A 24 2.87 -16.93 -4.64
N ASP A 25 2.80 -18.26 -4.76
CA ASP A 25 1.80 -19.13 -4.15
C ASP A 25 0.37 -18.81 -4.58
N ASP A 26 0.26 -18.09 -5.69
CA ASP A 26 -0.95 -17.61 -6.36
C ASP A 26 -1.71 -16.59 -5.51
N PHE A 27 -1.02 -15.98 -4.53
CA PHE A 27 -1.56 -14.97 -3.66
C PHE A 27 -1.87 -13.70 -4.44
N VAL A 28 -2.75 -12.95 -3.82
CA VAL A 28 -3.30 -11.68 -4.26
C VAL A 28 -3.30 -10.77 -3.05
N THR A 29 -2.98 -9.49 -3.28
CA THR A 29 -3.03 -8.42 -2.30
C THR A 29 -3.46 -7.15 -3.03
N CYS A 30 -4.20 -6.31 -2.32
CA CYS A 30 -4.51 -4.93 -2.68
C CYS A 30 -4.17 -4.06 -1.47
N TYR A 31 -4.19 -2.74 -1.63
CA TYR A 31 -4.38 -1.83 -0.52
C TYR A 31 -5.39 -0.78 -0.98
N THR A 32 -6.25 -0.34 -0.06
CA THR A 32 -7.34 0.57 -0.32
C THR A 32 -7.46 1.54 0.87
N PHE A 33 -6.72 2.65 0.79
CA PHE A 33 -6.62 3.56 1.91
C PHE A 33 -7.94 4.32 2.05
N ASN A 34 -8.30 4.69 3.28
CA ASN A 34 -9.48 5.46 3.64
C ASN A 34 -9.01 6.87 3.98
N ALA A 35 -9.92 7.84 3.99
CA ALA A 35 -9.56 9.26 3.98
C ALA A 35 -8.69 9.68 5.18
N ASP A 36 -8.97 9.14 6.37
CA ASP A 36 -8.19 9.38 7.60
C ASP A 36 -8.53 8.34 8.70
N LYS A 37 -8.99 7.16 8.28
CA LYS A 37 -9.87 6.32 9.10
C LYS A 37 -9.25 4.99 9.46
N THR A 38 -8.93 4.18 8.48
CA THR A 38 -8.44 2.80 8.60
C THR A 38 -7.80 2.50 7.25
N TYR A 39 -7.23 1.32 7.06
CA TYR A 39 -6.69 0.85 5.78
C TYR A 39 -7.07 -0.61 5.65
N GLU A 40 -7.07 -1.12 4.42
CA GLU A 40 -7.34 -2.50 4.09
C GLU A 40 -6.10 -3.10 3.44
N VAL A 41 -5.83 -4.37 3.71
CA VAL A 41 -4.86 -5.21 3.01
C VAL A 41 -5.38 -6.64 3.14
N TYR A 42 -4.98 -7.55 2.26
CA TYR A 42 -5.23 -8.98 2.43
C TYR A 42 -4.14 -9.74 1.69
N THR A 43 -3.97 -11.02 1.98
CA THR A 43 -2.97 -11.83 1.33
C THR A 43 -3.55 -13.23 1.13
N GLY A 44 -3.71 -13.65 -0.12
CA GLY A 44 -4.12 -15.01 -0.46
C GLY A 44 -5.64 -15.14 -0.41
N SER A 45 -6.30 -15.18 -1.57
CA SER A 45 -7.72 -15.38 -1.80
C SER A 45 -8.01 -15.22 -3.29
N PRO A 46 -7.87 -16.27 -4.12
CA PRO A 46 -8.22 -16.21 -5.52
C PRO A 46 -9.72 -15.88 -5.70
N LEU A 47 -10.55 -16.52 -4.87
CA LEU A 47 -12.01 -16.59 -4.98
C LEU A 47 -12.61 -15.19 -4.85
N SER A 48 -12.53 -14.60 -3.66
CA SER A 48 -13.00 -13.27 -3.33
C SER A 48 -12.47 -12.90 -1.94
N ASN A 49 -12.64 -11.65 -1.53
CA ASN A 49 -11.96 -11.03 -0.39
C ASN A 49 -12.68 -11.41 0.91
N GLY A 50 -12.52 -12.66 1.35
CA GLY A 50 -13.25 -13.26 2.46
C GLY A 50 -13.01 -12.50 3.76
N VAL A 51 -11.81 -12.62 4.29
CA VAL A 51 -11.40 -11.95 5.52
C VAL A 51 -10.19 -11.08 5.20
N PRO A 52 -10.39 -9.86 4.68
CA PRO A 52 -9.32 -8.90 4.56
C PRO A 52 -9.02 -8.34 5.95
N PHE A 53 -7.80 -7.82 6.08
CA PHE A 53 -7.33 -7.16 7.28
C PHE A 53 -7.86 -5.73 7.33
N ARG A 54 -7.88 -5.14 8.53
CA ARG A 54 -8.03 -3.70 8.70
C ARG A 54 -7.20 -3.24 9.89
N GLY A 55 -6.64 -2.04 9.78
CA GLY A 55 -5.81 -1.42 10.80
C GLY A 55 -5.75 0.08 10.56
N THR A 56 -4.64 0.74 10.88
CA THR A 56 -4.43 2.17 10.64
C THR A 56 -3.22 2.38 9.71
N TYR A 57 -3.18 3.47 8.95
CA TYR A 57 -2.01 3.91 8.19
C TYR A 57 -1.56 5.25 8.77
N ILE A 58 -0.30 5.60 8.57
CA ILE A 58 0.31 6.85 9.01
C ILE A 58 1.33 7.23 7.95
N ILE A 59 1.53 8.53 7.70
CA ILE A 59 2.60 9.05 6.85
C ILE A 59 3.27 10.18 7.64
N SER A 60 4.60 10.33 7.50
CA SER A 60 5.38 11.36 8.16
C SER A 60 5.23 12.72 7.45
N LEU A 61 5.66 13.80 8.10
CA LEU A 61 5.59 15.15 7.53
C LEU A 61 6.97 15.70 7.17
N ASP A 62 8.05 15.04 7.60
CA ASP A 62 9.41 15.51 7.37
C ASP A 62 9.84 15.24 5.94
N GLU A 63 9.57 14.03 5.44
CA GLU A 63 9.78 13.73 4.03
C GLU A 63 8.66 12.80 3.53
N LYS A 64 8.80 11.48 3.65
CA LYS A 64 8.03 10.56 2.84
C LYS A 64 8.20 9.14 3.41
N LEU A 65 7.55 8.86 4.53
CA LEU A 65 7.70 7.59 5.23
C LEU A 65 6.34 7.16 5.74
N ILE A 66 5.81 6.09 5.14
CA ILE A 66 4.53 5.49 5.49
C ILE A 66 4.81 4.37 6.48
N LYS A 67 3.96 4.22 7.49
CA LYS A 67 3.87 2.99 8.26
C LYS A 67 2.42 2.54 8.31
N LEU A 68 2.22 1.23 8.38
CA LEU A 68 0.94 0.60 8.66
C LEU A 68 0.98 0.08 10.09
N TYR A 69 -0.19 -0.09 10.69
CA TYR A 69 -0.38 -0.45 12.08
C TYR A 69 -1.53 -1.44 12.18
N ASP A 70 -1.33 -2.51 12.95
CA ASP A 70 -2.33 -3.58 13.09
C ASP A 70 -3.40 -3.19 14.09
N LYS A 71 -4.37 -4.08 14.33
CA LYS A 71 -5.50 -3.88 15.25
C LYS A 71 -5.10 -3.66 16.71
N GLU A 72 -3.83 -3.82 17.08
CA GLU A 72 -3.28 -3.56 18.41
C GLU A 72 -2.43 -2.29 18.41
N GLU A 73 -2.40 -1.56 17.29
CA GLU A 73 -1.54 -0.42 17.00
C GLU A 73 -0.05 -0.76 17.24
N HIS A 74 0.33 -2.04 17.13
CA HIS A 74 1.67 -2.53 17.39
C HIS A 74 2.52 -2.64 16.12
N CYS A 75 2.51 -1.56 15.33
CA CYS A 75 3.06 -1.46 13.97
C CYS A 75 2.63 -2.65 13.08
N THR A 76 3.22 -2.79 11.90
CA THR A 76 3.24 -4.02 11.09
C THR A 76 4.17 -3.85 9.87
N GLU A 77 4.11 -2.71 9.17
CA GLU A 77 4.86 -2.52 7.93
C GLU A 77 5.34 -1.08 7.80
N GLN A 78 6.44 -0.85 7.10
CA GLN A 78 7.08 0.45 6.95
C GLN A 78 7.85 0.48 5.62
N TYR A 79 7.30 1.15 4.59
CA TYR A 79 7.89 1.28 3.26
C TYR A 79 8.45 2.69 3.04
N HIS A 80 9.34 2.85 2.05
CA HIS A 80 9.83 4.17 1.61
C HIS A 80 8.89 4.71 0.53
N ILE A 81 8.36 5.93 0.69
CA ILE A 81 7.50 6.57 -0.32
C ILE A 81 8.39 7.22 -1.37
N LEU A 82 8.88 6.44 -2.34
CA LEU A 82 9.71 7.00 -3.40
C LEU A 82 8.92 8.00 -4.22
N LYS A 83 7.73 7.63 -4.69
CA LYS A 83 6.78 8.52 -5.35
C LYS A 83 5.38 7.91 -5.25
N LEU A 84 4.38 8.73 -5.54
CA LEU A 84 2.98 8.38 -5.73
C LEU A 84 2.53 9.32 -6.87
N THR A 85 1.66 8.88 -7.78
CA THR A 85 1.09 9.65 -8.87
C THR A 85 -0.39 9.27 -9.01
N SER A 86 -1.05 9.68 -10.09
CA SER A 86 -2.42 9.33 -10.40
C SER A 86 -2.63 7.81 -10.41
N LYS A 87 -1.66 7.00 -10.87
CA LYS A 87 -1.75 5.54 -10.91
C LYS A 87 -0.44 4.82 -10.63
N GLU A 88 0.70 5.48 -10.44
CA GLU A 88 1.93 4.79 -10.04
C GLU A 88 2.16 5.02 -8.56
N MET A 89 2.61 3.99 -7.86
CA MET A 89 3.09 4.08 -6.49
C MET A 89 4.28 3.14 -6.26
N LYS A 90 5.39 3.73 -5.80
CA LYS A 90 6.70 3.09 -5.65
C LYS A 90 7.06 2.99 -4.17
N TRP A 91 6.56 1.95 -3.48
CA TRP A 91 6.97 1.65 -2.12
C TRP A 91 8.27 0.87 -2.21
N GLU A 92 9.39 1.46 -1.80
CA GLU A 92 10.63 0.72 -1.59
C GLU A 92 10.53 -0.02 -0.24
N ASN A 93 11.38 -1.03 -0.06
CA ASN A 93 11.42 -1.93 1.08
C ASN A 93 11.48 -1.24 2.44
N ALA A 94 12.43 -0.32 2.65
CA ALA A 94 12.82 0.35 3.90
C ALA A 94 13.17 -0.54 5.12
N SER A 95 12.59 -1.72 5.30
CA SER A 95 13.02 -2.68 6.32
C SER A 95 13.31 -4.05 5.68
N PRO A 96 14.51 -4.23 5.11
CA PRO A 96 14.92 -5.53 4.61
C PRO A 96 15.15 -6.51 5.76
N LYS A 97 15.34 -6.03 6.99
CA LYS A 97 15.41 -6.83 8.18
C LYS A 97 14.03 -7.45 8.44
N ASP A 98 12.95 -6.66 8.47
CA ASP A 98 11.62 -7.17 8.80
C ASP A 98 11.07 -8.09 7.71
N GLY A 99 11.44 -7.84 6.45
CA GLY A 99 11.04 -8.67 5.31
C GLY A 99 9.89 -8.04 4.51
N ASN A 100 9.91 -6.71 4.37
CA ASN A 100 8.92 -5.92 3.64
C ASN A 100 9.21 -6.03 2.12
N SER A 101 8.38 -5.42 1.26
CA SER A 101 8.38 -5.72 -0.18
C SER A 101 8.44 -4.48 -1.08
N ASP A 102 9.42 -4.41 -1.98
CA ASP A 102 9.82 -3.26 -2.80
C ASP A 102 9.14 -3.24 -4.19
N LYS A 103 7.84 -3.52 -4.23
CA LYS A 103 7.06 -3.68 -5.48
C LYS A 103 6.58 -2.35 -6.06
N ARG A 104 5.69 -2.35 -7.06
CA ARG A 104 5.13 -1.14 -7.68
C ARG A 104 3.63 -1.30 -7.90
N LEU A 105 2.79 -0.66 -7.07
CA LEU A 105 1.33 -0.78 -7.20
C LEU A 105 0.92 0.17 -8.30
N GLU A 106 0.23 -0.33 -9.34
CA GLU A 106 -0.07 0.45 -10.54
C GLU A 106 -1.54 0.84 -10.61
N LYS A 107 -2.09 1.10 -9.43
CA LYS A 107 -3.51 1.27 -9.17
C LYS A 107 -4.27 -0.04 -9.37
N TYR A 108 -5.57 -0.04 -9.13
CA TYR A 108 -6.40 -1.22 -9.24
C TYR A 108 -6.89 -1.30 -10.68
N ASN A 109 -6.27 -2.17 -11.47
CA ASN A 109 -6.58 -2.39 -12.88
C ASN A 109 -7.81 -3.29 -12.97
N ASP A 110 -8.99 -2.70 -12.81
CA ASP A 110 -10.30 -3.33 -12.92
C ASP A 110 -11.31 -2.25 -13.19
N GLY A 1 0.90 12.74 -19.45
CA GLY A 1 0.00 13.69 -18.79
C GLY A 1 0.60 15.08 -18.74
N ASP A 2 -0.21 16.11 -18.55
CA ASP A 2 0.28 17.50 -18.59
C ASP A 2 1.22 17.79 -17.43
N GLU A 3 0.84 17.35 -16.24
CA GLU A 3 1.37 17.71 -14.94
C GLU A 3 0.96 16.48 -14.15
N ASP A 4 1.93 15.60 -13.94
CA ASP A 4 1.83 14.40 -13.10
C ASP A 4 3.26 14.07 -12.70
N ASP A 5 3.86 15.01 -11.96
CA ASP A 5 5.30 15.14 -11.75
C ASP A 5 5.71 15.24 -10.28
N LYS A 6 4.73 15.31 -9.39
CA LYS A 6 4.88 15.61 -7.98
C LYS A 6 4.16 14.54 -7.18
N VAL A 7 4.76 14.08 -6.09
CA VAL A 7 4.09 13.13 -5.21
C VAL A 7 2.86 13.81 -4.62
N GLU A 8 1.70 13.19 -4.86
CA GLU A 8 0.41 13.77 -4.57
C GLU A 8 -0.31 12.91 -3.53
N ILE A 9 -0.13 13.28 -2.26
CA ILE A 9 -0.70 12.62 -1.11
C ILE A 9 -2.21 12.34 -1.31
N PRO A 10 -3.09 13.33 -1.57
CA PRO A 10 -4.53 13.11 -1.68
C PRO A 10 -4.96 12.28 -2.90
N GLN A 11 -4.04 11.73 -3.70
CA GLN A 11 -4.40 10.71 -4.68
C GLN A 11 -4.62 9.34 -4.02
N LEU A 12 -4.13 9.11 -2.80
CA LEU A 12 -3.89 7.77 -2.28
C LEU A 12 -5.13 6.86 -2.15
N VAL A 13 -6.30 7.39 -1.80
CA VAL A 13 -7.46 6.67 -1.26
C VAL A 13 -8.13 5.64 -2.21
N GLY A 14 -7.60 5.45 -3.41
CA GLY A 14 -7.95 4.32 -4.27
C GLY A 14 -7.58 2.96 -3.67
N LYS A 15 -8.02 1.89 -4.34
CA LYS A 15 -7.64 0.50 -4.08
C LYS A 15 -6.37 0.17 -4.86
N TRP A 16 -5.33 -0.41 -4.28
CA TRP A 16 -4.04 -0.57 -4.95
C TRP A 16 -3.57 -2.02 -4.91
N ILE A 17 -3.39 -2.64 -6.07
CA ILE A 17 -3.06 -4.05 -6.18
C ILE A 17 -1.54 -4.15 -6.35
N VAL A 18 -0.91 -5.04 -5.57
CA VAL A 18 0.55 -5.10 -5.44
C VAL A 18 1.20 -5.83 -6.64
N LYS A 19 0.43 -6.28 -7.64
CA LYS A 19 0.83 -7.37 -8.54
C LYS A 19 1.89 -7.01 -9.60
N GLU A 20 2.74 -6.03 -9.34
CA GLU A 20 3.84 -5.63 -10.21
C GLU A 20 5.09 -5.56 -9.33
N PRO A 21 5.96 -6.60 -9.34
CA PRO A 21 5.78 -7.88 -10.02
C PRO A 21 4.72 -8.74 -9.32
N VAL A 22 4.21 -9.75 -10.03
CA VAL A 22 3.14 -10.64 -9.56
C VAL A 22 3.71 -11.52 -8.43
N LEU A 23 2.84 -12.02 -7.56
CA LEU A 23 3.19 -12.96 -6.52
C LEU A 23 3.13 -14.39 -7.06
N GLN A 24 3.74 -15.28 -6.30
CA GLN A 24 3.87 -16.69 -6.62
C GLN A 24 2.52 -17.43 -6.55
N ASP A 25 2.54 -18.68 -7.03
CA ASP A 25 1.50 -19.69 -7.09
C ASP A 25 0.31 -19.18 -7.89
N ASP A 26 -0.58 -18.45 -7.23
CA ASP A 26 -1.59 -17.54 -7.78
C ASP A 26 -2.13 -16.68 -6.63
N PHE A 27 -1.22 -16.11 -5.82
CA PHE A 27 -1.61 -15.14 -4.83
C PHE A 27 -1.70 -13.78 -5.48
N VAL A 28 -2.49 -12.96 -4.82
CA VAL A 28 -2.62 -11.55 -5.01
C VAL A 28 -2.85 -10.95 -3.63
N THR A 29 -2.45 -9.69 -3.52
CA THR A 29 -2.68 -8.80 -2.40
C THR A 29 -3.12 -7.47 -3.02
N CYS A 30 -3.99 -6.75 -2.32
CA CYS A 30 -4.24 -5.35 -2.54
C CYS A 30 -4.29 -4.66 -1.17
N TYR A 31 -4.09 -3.34 -1.15
CA TYR A 31 -4.10 -2.48 0.03
C TYR A 31 -5.05 -1.32 -0.31
N THR A 32 -6.16 -1.17 0.42
CA THR A 32 -7.16 -0.11 0.21
C THR A 32 -7.08 0.90 1.34
N PHE A 33 -6.79 2.16 1.04
CA PHE A 33 -6.70 3.26 2.01
C PHE A 33 -8.03 3.98 1.96
N ASN A 34 -8.81 4.03 3.06
CA ASN A 34 -10.03 4.87 3.05
C ASN A 34 -9.63 6.31 3.36
N ALA A 35 -10.57 7.25 3.20
CA ALA A 35 -10.27 8.68 3.24
C ALA A 35 -9.52 9.09 4.51
N ASP A 36 -9.97 8.64 5.69
CA ASP A 36 -9.37 9.02 6.98
C ASP A 36 -9.86 8.11 8.13
N LYS A 37 -10.29 6.90 7.79
CA LYS A 37 -11.14 6.05 8.63
C LYS A 37 -10.50 4.70 8.92
N THR A 38 -10.26 3.84 7.93
CA THR A 38 -9.54 2.61 8.13
C THR A 38 -8.97 2.16 6.77
N TYR A 39 -7.83 1.49 6.78
CA TYR A 39 -7.28 0.83 5.61
C TYR A 39 -7.73 -0.64 5.63
N GLU A 40 -7.54 -1.39 4.55
CA GLU A 40 -7.90 -2.79 4.44
C GLU A 40 -6.82 -3.47 3.60
N VAL A 41 -6.33 -4.65 4.01
CA VAL A 41 -5.32 -5.39 3.25
C VAL A 41 -5.61 -6.87 3.43
N TYR A 42 -5.53 -7.67 2.38
CA TYR A 42 -5.73 -9.12 2.46
C TYR A 42 -4.90 -9.84 1.42
N THR A 43 -4.76 -11.15 1.51
CA THR A 43 -4.01 -11.98 0.58
C THR A 43 -4.71 -13.32 0.45
N GLY A 44 -4.68 -13.91 -0.75
CA GLY A 44 -5.36 -15.17 -1.02
C GLY A 44 -6.89 -14.97 -1.12
N SER A 45 -7.63 -16.08 -1.23
CA SER A 45 -9.06 -16.17 -1.50
C SER A 45 -9.50 -15.25 -2.66
N PRO A 46 -9.40 -15.70 -3.92
CA PRO A 46 -9.85 -14.92 -5.07
C PRO A 46 -11.38 -14.81 -5.17
N LEU A 47 -12.12 -15.43 -4.24
CA LEU A 47 -13.55 -15.32 -4.08
C LEU A 47 -13.73 -14.49 -2.81
N SER A 48 -13.56 -15.11 -1.64
CA SER A 48 -14.01 -14.53 -0.38
C SER A 48 -13.01 -13.51 0.14
N ASN A 49 -13.33 -12.93 1.28
CA ASN A 49 -12.46 -12.06 2.05
C ASN A 49 -12.53 -12.67 3.45
N GLY A 50 -11.51 -13.45 3.81
CA GLY A 50 -11.50 -14.26 5.01
C GLY A 50 -11.09 -13.40 6.20
N VAL A 51 -9.80 -13.12 6.30
CA VAL A 51 -9.21 -12.34 7.37
C VAL A 51 -8.45 -11.14 6.74
N PRO A 52 -9.19 -10.10 6.35
CA PRO A 52 -8.61 -8.84 5.93
C PRO A 52 -8.18 -8.06 7.18
N PHE A 53 -7.17 -7.22 7.00
CA PHE A 53 -6.72 -6.25 7.99
C PHE A 53 -7.76 -5.12 8.06
N ARG A 54 -7.88 -4.43 9.19
CA ARG A 54 -8.69 -3.20 9.30
C ARG A 54 -8.15 -2.33 10.45
N GLY A 55 -7.31 -1.36 10.15
CA GLY A 55 -6.68 -0.45 11.11
C GLY A 55 -6.51 0.92 10.46
N THR A 56 -5.56 1.74 10.88
CA THR A 56 -5.38 3.10 10.39
C THR A 56 -4.00 3.22 9.72
N TYR A 57 -3.96 3.70 8.46
CA TYR A 57 -2.72 4.15 7.85
C TYR A 57 -2.52 5.60 8.26
N ILE A 58 -1.27 6.00 8.40
CA ILE A 58 -0.81 7.37 8.66
C ILE A 58 0.53 7.51 7.92
N ILE A 59 0.93 8.73 7.59
CA ILE A 59 2.19 9.05 6.91
C ILE A 59 2.95 10.10 7.72
N SER A 60 4.14 10.44 7.25
CA SER A 60 4.93 11.60 7.60
C SER A 60 5.58 12.06 6.31
N LEU A 61 5.70 13.36 6.10
CA LEU A 61 6.56 13.93 5.07
C LEU A 61 7.97 14.10 5.63
N ASP A 62 8.12 14.24 6.95
CA ASP A 62 9.28 14.91 7.52
C ASP A 62 10.58 14.12 7.38
N GLU A 63 10.55 12.79 7.46
CA GLU A 63 11.65 11.85 7.46
C GLU A 63 11.03 10.47 7.72
N LYS A 64 10.16 10.36 8.72
CA LYS A 64 9.26 9.21 8.81
C LYS A 64 8.33 9.27 7.60
N LEU A 65 7.57 8.20 7.43
CA LEU A 65 6.88 7.86 6.20
C LEU A 65 5.60 7.09 6.52
N ILE A 66 5.00 6.42 5.52
CA ILE A 66 3.75 5.69 5.69
C ILE A 66 3.97 4.43 6.50
N LYS A 67 3.13 4.20 7.51
CA LYS A 67 3.05 2.92 8.20
C LYS A 67 1.59 2.48 8.30
N LEU A 68 1.39 1.17 8.41
CA LEU A 68 0.10 0.51 8.51
C LEU A 68 0.00 -0.04 9.93
N TYR A 69 -1.10 0.17 10.63
CA TYR A 69 -1.24 -0.21 12.04
C TYR A 69 -2.25 -1.35 12.23
N ASP A 70 -1.98 -2.25 13.16
CA ASP A 70 -2.82 -3.40 13.54
C ASP A 70 -3.61 -3.10 14.82
N LYS A 71 -4.18 -4.15 15.44
CA LYS A 71 -5.00 -4.01 16.64
C LYS A 71 -4.20 -3.62 17.87
N GLU A 72 -2.91 -3.96 17.94
CA GLU A 72 -2.02 -3.51 19.00
C GLU A 72 -1.40 -2.16 18.64
N GLU A 73 -1.80 -1.58 17.50
CA GLU A 73 -1.33 -0.34 16.95
C GLU A 73 0.21 -0.26 16.89
N HIS A 74 0.89 -1.31 16.42
CA HIS A 74 2.35 -1.41 16.44
C HIS A 74 3.02 -1.25 15.07
N CYS A 75 2.43 -0.45 14.18
CA CYS A 75 3.00 0.02 12.92
C CYS A 75 3.74 -1.11 12.16
N THR A 76 2.94 -2.08 11.71
CA THR A 76 3.28 -3.39 11.17
C THR A 76 4.44 -3.31 10.18
N GLU A 77 4.20 -2.64 9.05
CA GLU A 77 5.12 -2.45 7.95
C GLU A 77 5.17 -0.97 7.62
N GLN A 78 6.21 -0.63 6.86
CA GLN A 78 6.67 0.72 6.59
C GLN A 78 7.20 0.73 5.16
N TYR A 79 6.96 1.77 4.37
CA TYR A 79 7.53 1.87 3.03
C TYR A 79 8.01 3.31 2.77
N HIS A 80 9.17 3.48 2.14
CA HIS A 80 9.66 4.82 1.74
C HIS A 80 8.96 5.25 0.45
N ILE A 81 8.47 6.48 0.38
CA ILE A 81 7.56 6.95 -0.65
C ILE A 81 8.38 7.58 -1.78
N LEU A 82 8.80 6.78 -2.76
CA LEU A 82 9.63 7.27 -3.87
C LEU A 82 8.81 8.12 -4.84
N LYS A 83 7.64 7.63 -5.26
CA LYS A 83 6.62 8.42 -5.97
C LYS A 83 5.24 7.85 -5.73
N LEU A 84 4.26 8.70 -5.98
CA LEU A 84 2.83 8.45 -6.09
C LEU A 84 2.40 9.32 -7.27
N THR A 85 1.55 8.80 -8.15
CA THR A 85 0.95 9.46 -9.30
C THR A 85 -0.50 8.96 -9.38
N SER A 86 -1.30 9.41 -10.37
CA SER A 86 -2.67 8.95 -10.56
C SER A 86 -2.83 7.44 -10.55
N LYS A 87 -1.95 6.70 -11.21
CA LYS A 87 -1.92 5.24 -11.26
C LYS A 87 -0.47 4.85 -11.56
N GLU A 88 0.41 5.13 -10.61
CA GLU A 88 1.73 4.51 -10.45
C GLU A 88 2.24 4.88 -9.05
N MET A 89 2.64 3.91 -8.22
CA MET A 89 3.09 4.18 -6.85
C MET A 89 4.25 3.26 -6.46
N LYS A 90 5.38 3.85 -6.05
CA LYS A 90 6.65 3.15 -5.80
C LYS A 90 6.96 3.20 -4.30
N TRP A 91 6.45 2.21 -3.57
CA TRP A 91 6.70 1.98 -2.16
C TRP A 91 7.97 1.14 -2.03
N GLU A 92 9.06 1.77 -1.60
CA GLU A 92 10.34 1.14 -1.29
C GLU A 92 10.25 0.37 0.02
N ASN A 93 11.05 -0.69 0.17
CA ASN A 93 11.13 -1.53 1.36
C ASN A 93 11.53 -0.74 2.62
N ALA A 94 12.64 0.01 2.56
CA ALA A 94 13.39 0.64 3.65
C ALA A 94 13.82 -0.24 4.84
N SER A 95 13.01 -1.19 5.33
CA SER A 95 13.36 -2.11 6.43
C SER A 95 13.51 -3.52 5.85
N PRO A 96 14.69 -3.91 5.33
CA PRO A 96 14.94 -5.28 4.91
C PRO A 96 14.99 -6.22 6.12
N LYS A 97 15.08 -5.67 7.33
CA LYS A 97 14.92 -6.38 8.58
C LYS A 97 13.50 -6.95 8.68
N ASP A 98 12.48 -6.16 8.33
CA ASP A 98 11.10 -6.60 8.43
C ASP A 98 10.67 -7.45 7.24
N GLY A 99 11.28 -7.26 6.06
CA GLY A 99 11.01 -8.08 4.88
C GLY A 99 10.03 -7.43 3.90
N ASN A 100 9.78 -6.11 4.03
CA ASN A 100 8.93 -5.36 3.11
C ASN A 100 9.41 -5.51 1.67
N SER A 101 8.56 -5.25 0.68
CA SER A 101 8.92 -5.39 -0.73
C SER A 101 9.00 -4.02 -1.41
N ASP A 102 9.94 -3.86 -2.34
CA ASP A 102 10.26 -2.63 -3.07
C ASP A 102 9.73 -2.73 -4.51
N LYS A 103 8.40 -2.61 -4.66
CA LYS A 103 7.71 -2.97 -5.91
C LYS A 103 7.08 -1.75 -6.57
N ARG A 104 6.07 -1.89 -7.44
CA ARG A 104 5.34 -0.73 -7.99
C ARG A 104 3.84 -1.04 -8.06
N LEU A 105 3.02 -0.46 -7.20
CA LEU A 105 1.57 -0.72 -7.15
C LEU A 105 0.95 -0.18 -8.43
N GLU A 106 0.08 -0.96 -9.08
CA GLU A 106 -0.55 -0.59 -10.35
C GLU A 106 -2.06 -0.32 -10.25
N LYS A 107 -2.40 0.44 -9.21
CA LYS A 107 -3.77 0.88 -8.95
C LYS A 107 -4.62 -0.38 -8.81
N TYR A 108 -5.93 -0.28 -8.91
CA TYR A 108 -6.77 -1.46 -8.98
C TYR A 108 -6.76 -1.99 -10.42
N ASN A 109 -5.90 -2.97 -10.71
CA ASN A 109 -5.85 -3.61 -12.03
C ASN A 109 -7.01 -4.61 -12.19
N ASP A 110 -8.22 -4.07 -12.27
CA ASP A 110 -9.50 -4.76 -12.40
C ASP A 110 -9.68 -5.93 -11.45
N GLY A 1 -0.43 21.40 -15.73
CA GLY A 1 -0.18 21.98 -14.40
C GLY A 1 0.49 20.93 -13.54
N ASP A 2 -0.29 20.04 -12.93
CA ASP A 2 0.17 18.67 -12.75
C ASP A 2 0.32 18.03 -14.15
N GLU A 3 0.99 16.88 -14.26
CA GLU A 3 1.09 16.14 -15.53
C GLU A 3 0.90 14.64 -15.26
N ASP A 4 0.16 14.34 -14.18
CA ASP A 4 -0.11 13.03 -13.62
C ASP A 4 1.16 12.40 -13.09
N ASP A 5 1.97 13.24 -12.46
CA ASP A 5 3.33 12.91 -12.03
C ASP A 5 3.70 13.71 -10.78
N LYS A 6 2.85 13.75 -9.75
CA LYS A 6 3.28 14.23 -8.42
C LYS A 6 2.68 13.39 -7.31
N VAL A 7 3.51 13.16 -6.28
CA VAL A 7 3.10 12.53 -5.05
C VAL A 7 2.11 13.45 -4.35
N GLU A 8 0.93 12.91 -4.08
CA GLU A 8 -0.17 13.56 -3.38
C GLU A 8 -0.89 12.58 -2.44
N ILE A 9 -1.77 13.11 -1.60
CA ILE A 9 -2.54 12.39 -0.59
C ILE A 9 -3.72 11.63 -1.24
N PRO A 10 -4.73 12.25 -1.88
CA PRO A 10 -5.92 11.53 -2.32
C PRO A 10 -5.65 10.50 -3.44
N GLN A 11 -4.51 10.59 -4.11
CA GLN A 11 -4.05 9.56 -5.03
C GLN A 11 -3.84 8.26 -4.26
N LEU A 12 -3.21 8.30 -3.08
CA LEU A 12 -3.06 7.13 -2.22
C LEU A 12 -4.43 6.56 -1.85
N VAL A 13 -5.40 7.41 -1.52
CA VAL A 13 -6.77 7.04 -1.13
C VAL A 13 -7.51 6.25 -2.25
N GLY A 14 -6.91 6.11 -3.43
CA GLY A 14 -7.29 5.14 -4.45
C GLY A 14 -7.16 3.68 -4.00
N LYS A 15 -7.40 2.77 -4.95
CA LYS A 15 -7.28 1.32 -4.83
C LYS A 15 -5.99 0.91 -5.53
N TRP A 16 -5.29 -0.12 -5.03
CA TRP A 16 -3.92 -0.40 -5.43
C TRP A 16 -3.59 -1.90 -5.38
N ILE A 17 -3.45 -2.55 -6.52
CA ILE A 17 -3.14 -3.97 -6.62
C ILE A 17 -1.62 -4.13 -6.58
N VAL A 18 -1.12 -5.07 -5.78
CA VAL A 18 0.30 -5.45 -5.67
C VAL A 18 0.79 -6.14 -6.94
N LYS A 19 -0.08 -6.37 -7.93
CA LYS A 19 0.07 -7.43 -8.93
C LYS A 19 0.98 -6.98 -10.08
N GLU A 20 2.16 -6.50 -9.74
CA GLU A 20 2.99 -5.66 -10.58
C GLU A 20 4.32 -5.54 -9.78
N PRO A 21 5.30 -6.43 -10.01
CA PRO A 21 5.18 -7.58 -10.91
C PRO A 21 4.32 -8.68 -10.28
N VAL A 22 3.75 -9.53 -11.13
CA VAL A 22 2.84 -10.59 -10.73
C VAL A 22 3.59 -11.63 -9.88
N LEU A 23 2.84 -12.30 -9.02
CA LEU A 23 3.45 -13.03 -7.91
C LEU A 23 3.68 -14.46 -8.34
N GLN A 24 4.37 -15.10 -7.44
CA GLN A 24 4.47 -16.53 -7.33
C GLN A 24 3.35 -17.05 -6.45
N ASP A 25 3.28 -18.38 -6.30
CA ASP A 25 2.37 -19.10 -5.40
C ASP A 25 0.90 -18.82 -5.71
N ASP A 26 0.63 -18.17 -6.84
CA ASP A 26 -0.66 -17.77 -7.40
C ASP A 26 -1.37 -16.66 -6.61
N PHE A 27 -0.74 -16.16 -5.54
CA PHE A 27 -1.25 -15.12 -4.65
C PHE A 27 -1.54 -13.83 -5.40
N VAL A 28 -2.40 -13.07 -4.75
CA VAL A 28 -2.71 -11.67 -5.02
C VAL A 28 -2.84 -10.94 -3.68
N THR A 29 -2.64 -9.62 -3.73
CA THR A 29 -3.01 -8.64 -2.71
C THR A 29 -3.56 -7.39 -3.39
N CYS A 30 -4.47 -6.73 -2.67
CA CYS A 30 -5.23 -5.56 -3.05
C CYS A 30 -5.20 -4.65 -1.82
N TYR A 31 -4.66 -3.44 -1.93
CA TYR A 31 -4.63 -2.43 -0.86
C TYR A 31 -5.69 -1.37 -1.17
N THR A 32 -6.39 -0.87 -0.15
CA THR A 32 -7.27 0.29 -0.26
C THR A 32 -6.98 1.19 0.94
N PHE A 33 -7.00 2.51 0.79
CA PHE A 33 -6.83 3.43 1.92
C PHE A 33 -8.07 4.30 1.94
N ASN A 34 -8.69 4.46 3.12
CA ASN A 34 -9.87 5.31 3.31
C ASN A 34 -9.44 6.77 3.25
N ALA A 35 -10.35 7.73 3.41
CA ALA A 35 -9.96 9.15 3.32
C ALA A 35 -8.96 9.58 4.42
N ASP A 36 -8.86 8.79 5.50
CA ASP A 36 -7.71 8.73 6.41
C ASP A 36 -7.84 7.55 7.38
N LYS A 37 -9.07 7.06 7.60
CA LYS A 37 -9.45 6.41 8.85
C LYS A 37 -8.84 5.02 8.99
N THR A 38 -8.84 4.25 7.91
CA THR A 38 -8.55 2.82 7.94
C THR A 38 -7.96 2.43 6.59
N TYR A 39 -7.35 1.26 6.50
CA TYR A 39 -6.91 0.68 5.22
C TYR A 39 -7.52 -0.71 5.06
N GLU A 40 -7.19 -1.38 3.96
CA GLU A 40 -7.52 -2.76 3.67
C GLU A 40 -6.27 -3.41 3.10
N VAL A 41 -5.99 -4.65 3.47
CA VAL A 41 -4.98 -5.52 2.86
C VAL A 41 -5.38 -6.97 3.09
N TYR A 42 -5.13 -7.89 2.16
CA TYR A 42 -4.94 -9.28 2.49
C TYR A 42 -4.07 -9.95 1.44
N THR A 43 -3.48 -11.08 1.79
CA THR A 43 -3.05 -12.08 0.82
C THR A 43 -4.03 -13.25 0.91
N GLY A 44 -4.20 -13.98 -0.20
CA GLY A 44 -4.61 -15.37 -0.10
C GLY A 44 -6.09 -15.53 0.25
N SER A 45 -6.38 -16.13 1.41
CA SER A 45 -7.72 -16.50 1.88
C SER A 45 -8.56 -17.20 0.79
N PRO A 46 -8.29 -18.46 0.46
CA PRO A 46 -9.12 -19.22 -0.47
C PRO A 46 -10.53 -19.48 0.06
N LEU A 47 -10.77 -19.33 1.36
CA LEU A 47 -12.07 -19.54 1.98
C LEU A 47 -13.02 -18.43 1.53
N SER A 48 -12.67 -17.18 1.80
CA SER A 48 -13.51 -16.04 1.48
C SER A 48 -12.64 -14.85 1.12
N ASN A 49 -13.15 -14.01 0.23
CA ASN A 49 -12.43 -12.95 -0.44
C ASN A 49 -13.38 -11.78 -0.42
N GLY A 50 -13.10 -10.75 0.38
CA GLY A 50 -14.03 -9.66 0.61
C GLY A 50 -13.90 -9.00 1.96
N VAL A 51 -13.24 -9.65 2.93
CA VAL A 51 -13.07 -9.13 4.29
C VAL A 51 -11.57 -9.04 4.59
N PRO A 52 -10.85 -8.07 4.00
CA PRO A 52 -9.42 -7.95 4.18
C PRO A 52 -9.12 -7.50 5.62
N PHE A 53 -7.86 -7.52 6.04
CA PHE A 53 -7.40 -6.90 7.28
C PHE A 53 -7.78 -5.43 7.21
N ARG A 54 -8.42 -4.89 8.26
CA ARG A 54 -8.71 -3.47 8.37
C ARG A 54 -8.11 -2.93 9.65
N GLY A 55 -7.00 -2.22 9.49
CA GLY A 55 -6.28 -1.48 10.52
C GLY A 55 -6.19 -0.02 10.09
N THR A 56 -5.15 0.67 10.53
CA THR A 56 -4.92 2.11 10.39
C THR A 56 -3.67 2.32 9.53
N TYR A 57 -3.45 3.50 8.96
CA TYR A 57 -2.22 3.84 8.22
C TYR A 57 -1.89 5.31 8.51
N ILE A 58 -0.61 5.67 8.44
CA ILE A 58 -0.14 7.00 8.84
C ILE A 58 0.91 7.48 7.84
N ILE A 59 0.74 8.70 7.32
CA ILE A 59 1.61 9.33 6.31
C ILE A 59 2.76 10.14 6.94
N SER A 60 3.04 9.86 8.21
CA SER A 60 4.29 10.24 8.85
C SER A 60 4.48 9.48 10.15
N LEU A 61 5.74 9.13 10.44
CA LEU A 61 6.26 8.80 11.75
C LEU A 61 7.18 9.94 12.14
N ASP A 62 8.23 10.14 11.33
CA ASP A 62 9.28 11.12 11.55
C ASP A 62 9.31 12.01 10.32
N GLU A 63 9.75 11.52 9.16
CA GLU A 63 10.06 12.36 8.00
C GLU A 63 9.44 11.77 6.73
N LYS A 64 8.29 12.31 6.30
CA LYS A 64 7.66 12.12 4.97
C LYS A 64 7.65 10.65 4.54
N LEU A 65 7.01 9.80 5.32
CA LEU A 65 7.15 8.34 5.28
C LEU A 65 5.77 7.73 5.46
N ILE A 66 5.54 6.48 5.05
CA ILE A 66 4.25 5.81 5.25
C ILE A 66 4.45 4.49 6.01
N LYS A 67 3.60 4.26 7.01
CA LYS A 67 3.55 3.02 7.78
C LYS A 67 2.10 2.57 7.89
N LEU A 68 1.88 1.25 7.87
CA LEU A 68 0.60 0.63 8.17
C LEU A 68 0.59 0.28 9.65
N TYR A 69 -0.57 0.27 10.28
CA TYR A 69 -0.77 0.07 11.73
C TYR A 69 -1.86 -0.98 11.95
N ASP A 70 -1.67 -1.87 12.94
CA ASP A 70 -2.66 -2.89 13.28
C ASP A 70 -3.77 -2.31 14.17
N LYS A 71 -4.71 -3.17 14.61
CA LYS A 71 -5.72 -2.86 15.63
C LYS A 71 -5.09 -2.34 16.92
N GLU A 72 -3.93 -2.88 17.27
CA GLU A 72 -3.14 -2.49 18.43
C GLU A 72 -2.50 -1.09 18.25
N GLU A 73 -2.74 -0.44 17.11
CA GLU A 73 -2.18 0.84 16.69
C GLU A 73 -0.66 0.95 16.88
N HIS A 74 0.07 -0.12 16.58
CA HIS A 74 1.51 -0.09 16.33
C HIS A 74 1.77 -0.18 14.83
N CYS A 75 2.85 0.42 14.33
CA CYS A 75 3.35 0.23 12.98
C CYS A 75 3.65 -1.26 12.73
N THR A 76 2.88 -1.93 11.87
CA THR A 76 3.15 -3.30 11.42
C THR A 76 4.12 -3.29 10.22
N GLU A 77 4.04 -2.31 9.31
CA GLU A 77 4.93 -2.21 8.15
C GLU A 77 5.27 -0.77 7.84
N GLN A 78 6.28 -0.55 7.00
CA GLN A 78 6.75 0.74 6.52
C GLN A 78 7.19 0.60 5.08
N TYR A 79 7.10 1.68 4.30
CA TYR A 79 7.61 1.74 2.94
C TYR A 79 8.12 3.16 2.67
N HIS A 80 9.21 3.33 1.93
CA HIS A 80 9.71 4.65 1.53
C HIS A 80 8.94 5.10 0.29
N ILE A 81 8.46 6.34 0.25
CA ILE A 81 7.67 6.87 -0.85
C ILE A 81 8.64 7.45 -1.87
N LEU A 82 9.00 6.68 -2.90
CA LEU A 82 9.81 7.19 -4.00
C LEU A 82 8.99 8.13 -4.85
N LYS A 83 7.88 7.64 -5.39
CA LYS A 83 6.94 8.41 -6.21
C LYS A 83 5.56 7.80 -6.01
N LEU A 84 4.53 8.63 -6.17
CA LEU A 84 3.13 8.25 -6.21
C LEU A 84 2.51 9.16 -7.28
N THR A 85 1.54 8.67 -8.05
CA THR A 85 0.77 9.40 -9.04
C THR A 85 -0.68 8.85 -9.02
N SER A 86 -1.58 9.31 -9.90
CA SER A 86 -2.93 8.78 -10.02
C SER A 86 -2.99 7.33 -10.50
N LYS A 87 -1.88 6.76 -10.97
CA LYS A 87 -1.82 5.34 -11.30
C LYS A 87 -0.53 4.63 -10.88
N GLU A 88 0.54 5.34 -10.52
CA GLU A 88 1.88 4.75 -10.47
C GLU A 88 2.46 4.95 -9.08
N MET A 89 2.83 3.89 -8.36
CA MET A 89 3.25 3.98 -6.95
C MET A 89 4.43 3.05 -6.63
N LYS A 90 5.56 3.64 -6.25
CA LYS A 90 6.78 2.93 -5.89
C LYS A 90 6.98 2.98 -4.38
N TRP A 91 6.53 1.92 -3.72
CA TRP A 91 6.81 1.66 -2.33
C TRP A 91 8.14 0.93 -2.27
N GLU A 92 9.24 1.61 -1.96
CA GLU A 92 10.50 0.94 -1.60
C GLU A 92 10.31 0.29 -0.23
N ASN A 93 10.99 -0.82 0.02
CA ASN A 93 10.99 -1.53 1.31
C ASN A 93 11.39 -0.60 2.45
N ALA A 94 12.50 0.13 2.30
CA ALA A 94 13.14 0.96 3.32
C ALA A 94 13.76 0.13 4.45
N SER A 95 13.01 -0.78 5.10
CA SER A 95 13.44 -1.54 6.26
C SER A 95 13.67 -3.02 5.92
N PRO A 96 14.81 -3.40 5.33
CA PRO A 96 15.12 -4.79 4.98
C PRO A 96 15.36 -5.65 6.22
N LYS A 97 15.55 -5.04 7.39
CA LYS A 97 15.51 -5.70 8.69
C LYS A 97 14.13 -6.30 8.96
N ASP A 98 13.07 -5.55 8.65
CA ASP A 98 11.69 -5.96 8.86
C ASP A 98 11.25 -6.88 7.73
N GLY A 99 11.75 -6.63 6.53
CA GLY A 99 11.33 -7.32 5.32
C GLY A 99 9.94 -6.80 4.92
N ASN A 100 9.91 -5.62 4.31
CA ASN A 100 8.75 -5.09 3.61
C ASN A 100 9.03 -5.29 2.11
N SER A 101 8.03 -5.30 1.24
CA SER A 101 8.24 -5.49 -0.20
C SER A 101 8.82 -4.22 -0.86
N ASP A 102 9.30 -4.30 -2.10
CA ASP A 102 9.85 -3.16 -2.86
C ASP A 102 9.30 -3.12 -4.31
N LYS A 103 8.01 -3.42 -4.51
CA LYS A 103 7.41 -3.56 -5.86
C LYS A 103 6.85 -2.22 -6.36
N ARG A 104 6.01 -2.24 -7.41
CA ARG A 104 5.44 -1.04 -8.00
C ARG A 104 3.94 -1.20 -8.16
N LEU A 105 3.17 -0.73 -7.19
CA LEU A 105 1.72 -0.78 -7.19
C LEU A 105 1.25 0.06 -8.39
N GLU A 106 0.31 -0.45 -9.18
CA GLU A 106 -0.19 0.25 -10.36
C GLU A 106 -1.71 0.24 -10.33
N LYS A 107 -2.25 0.96 -9.34
CA LYS A 107 -3.67 1.18 -9.16
C LYS A 107 -4.46 -0.13 -9.13
N TYR A 108 -5.78 -0.09 -9.26
CA TYR A 108 -6.60 -1.30 -9.29
C TYR A 108 -7.35 -1.37 -10.61
N ASN A 109 -6.77 -2.05 -11.60
CA ASN A 109 -7.37 -2.38 -12.88
C ASN A 109 -8.12 -1.17 -13.45
N ASP A 110 -7.37 -0.09 -13.65
CA ASP A 110 -7.75 1.25 -14.06
C ASP A 110 -8.83 1.88 -13.21
N GLY A 1 1.94 21.43 -12.72
CA GLY A 1 3.32 21.92 -12.77
C GLY A 1 4.27 20.91 -12.14
N ASP A 2 5.55 21.29 -12.05
CA ASP A 2 6.64 20.40 -11.66
C ASP A 2 6.80 19.24 -12.64
N GLU A 3 7.71 18.33 -12.28
CA GLU A 3 8.24 17.29 -13.13
C GLU A 3 8.27 15.97 -12.33
N ASP A 4 7.27 15.74 -11.46
CA ASP A 4 7.27 14.63 -10.49
C ASP A 4 6.20 13.61 -10.86
N ASP A 5 5.82 13.58 -12.13
CA ASP A 5 4.76 12.74 -12.69
C ASP A 5 3.41 12.98 -12.01
N LYS A 6 3.25 14.14 -11.34
CA LYS A 6 2.17 14.53 -10.43
C LYS A 6 2.13 13.63 -9.20
N VAL A 7 3.03 13.86 -8.26
CA VAL A 7 2.98 13.34 -6.89
C VAL A 7 2.18 14.32 -6.02
N GLU A 8 0.94 13.95 -5.69
CA GLU A 8 0.21 14.49 -4.55
C GLU A 8 0.41 13.56 -3.35
N ILE A 9 0.15 14.07 -2.15
CA ILE A 9 -0.13 13.26 -0.98
C ILE A 9 -1.59 12.75 -1.07
N PRO A 10 -2.65 13.59 -1.04
CA PRO A 10 -4.01 13.11 -0.87
C PRO A 10 -4.56 12.31 -2.08
N GLN A 11 -3.88 12.30 -3.22
CA GLN A 11 -4.19 11.37 -4.32
C GLN A 11 -4.10 9.92 -3.90
N LEU A 12 -3.45 9.62 -2.77
CA LEU A 12 -3.33 8.28 -2.24
C LEU A 12 -4.66 7.55 -2.07
N VAL A 13 -5.71 8.27 -1.67
CA VAL A 13 -7.02 7.78 -1.22
C VAL A 13 -7.71 6.85 -2.24
N GLY A 14 -7.23 6.76 -3.46
CA GLY A 14 -7.73 5.80 -4.43
C GLY A 14 -7.35 4.35 -4.10
N LYS A 15 -7.92 3.45 -4.90
CA LYS A 15 -7.73 2.01 -4.82
C LYS A 15 -6.46 1.62 -5.55
N TRP A 16 -5.71 0.63 -5.04
CA TRP A 16 -4.41 0.22 -5.58
C TRP A 16 -4.32 -1.29 -5.61
N ILE A 17 -3.68 -1.88 -6.63
CA ILE A 17 -3.41 -3.31 -6.70
C ILE A 17 -1.91 -3.54 -6.61
N VAL A 18 -1.52 -4.67 -6.00
CA VAL A 18 -0.14 -5.12 -5.92
C VAL A 18 0.35 -5.76 -7.22
N LYS A 19 -0.54 -5.90 -8.18
CA LYS A 19 -0.42 -6.81 -9.32
C LYS A 19 0.47 -6.16 -10.38
N GLU A 20 1.65 -5.72 -9.96
CA GLU A 20 2.64 -5.01 -10.73
C GLU A 20 3.89 -4.83 -9.83
N PRO A 21 4.98 -5.60 -10.06
CA PRO A 21 4.97 -6.85 -10.80
C PRO A 21 4.10 -7.90 -10.09
N VAL A 22 3.53 -8.82 -10.85
CA VAL A 22 2.60 -9.81 -10.32
C VAL A 22 3.31 -10.87 -9.50
N LEU A 23 2.54 -11.50 -8.61
CA LEU A 23 3.03 -12.49 -7.67
C LEU A 23 2.76 -13.84 -8.26
N GLN A 24 3.17 -14.84 -7.51
CA GLN A 24 2.79 -16.20 -7.70
C GLN A 24 1.75 -16.69 -6.68
N ASP A 25 1.42 -17.98 -6.72
CA ASP A 25 0.56 -18.71 -5.77
C ASP A 25 -0.89 -18.22 -5.77
N ASP A 26 -1.26 -17.49 -6.83
CA ASP A 26 -2.56 -16.84 -7.02
C ASP A 26 -2.85 -15.79 -5.95
N PHE A 27 -1.83 -15.35 -5.22
CA PHE A 27 -1.92 -14.26 -4.27
C PHE A 27 -2.16 -12.99 -5.07
N VAL A 28 -3.32 -12.39 -4.83
CA VAL A 28 -3.62 -11.03 -5.24
C VAL A 28 -3.75 -10.20 -3.96
N THR A 29 -3.64 -8.88 -4.09
CA THR A 29 -3.83 -7.93 -3.00
C THR A 29 -4.18 -6.57 -3.61
N CYS A 30 -5.01 -5.80 -2.93
CA CYS A 30 -5.27 -4.40 -3.15
C CYS A 30 -5.31 -3.61 -1.84
N TYR A 31 -4.44 -2.62 -1.70
CA TYR A 31 -4.43 -1.70 -0.56
C TYR A 31 -5.30 -0.50 -0.89
N THR A 32 -6.55 -0.52 -0.43
CA THR A 32 -7.47 0.60 -0.51
C THR A 32 -7.15 1.63 0.55
N PHE A 33 -6.43 2.72 0.23
CA PHE A 33 -6.27 3.76 1.23
C PHE A 33 -7.55 4.59 1.31
N ASN A 34 -7.78 5.26 2.43
CA ASN A 34 -8.91 6.15 2.67
C ASN A 34 -8.35 7.53 2.99
N ALA A 35 -9.21 8.53 3.18
CA ALA A 35 -8.82 9.90 3.48
C ALA A 35 -8.03 9.98 4.79
N ASP A 36 -8.47 9.26 5.83
CA ASP A 36 -7.73 9.12 7.08
C ASP A 36 -8.26 7.98 7.97
N LYS A 37 -9.43 7.40 7.63
CA LYS A 37 -10.23 6.67 8.58
C LYS A 37 -9.58 5.33 8.90
N THR A 38 -9.58 4.43 7.94
CA THR A 38 -9.19 3.04 8.08
C THR A 38 -8.67 2.57 6.72
N TYR A 39 -8.01 1.41 6.63
CA TYR A 39 -7.56 0.82 5.38
C TYR A 39 -8.28 -0.52 5.17
N GLU A 40 -8.06 -1.19 4.05
CA GLU A 40 -8.73 -2.42 3.67
C GLU A 40 -7.87 -3.21 2.70
N VAL A 41 -7.45 -4.44 3.07
CA VAL A 41 -6.49 -5.21 2.25
C VAL A 41 -6.76 -6.72 2.52
N TYR A 42 -5.97 -7.60 1.90
CA TYR A 42 -6.10 -9.06 1.90
C TYR A 42 -4.92 -9.62 1.11
N THR A 43 -4.26 -10.69 1.57
CA THR A 43 -3.24 -11.37 0.79
C THR A 43 -3.29 -12.88 1.08
N GLY A 44 -3.81 -13.66 0.14
CA GLY A 44 -4.00 -15.10 0.31
C GLY A 44 -5.12 -15.42 1.32
N SER A 45 -5.47 -16.70 1.41
CA SER A 45 -6.64 -17.24 2.10
C SER A 45 -6.73 -18.74 1.87
N PRO A 46 -6.08 -19.58 2.68
CA PRO A 46 -6.23 -21.02 2.58
C PRO A 46 -7.52 -21.54 3.22
N LEU A 47 -8.24 -20.74 4.01
CA LEU A 47 -9.49 -21.15 4.63
C LEU A 47 -10.61 -20.66 3.74
N SER A 48 -10.97 -19.38 3.84
CA SER A 48 -12.06 -18.77 3.09
C SER A 48 -11.88 -17.26 3.15
N ASN A 49 -12.34 -16.56 2.12
CA ASN A 49 -12.26 -15.12 1.94
C ASN A 49 -13.20 -14.46 2.93
N GLY A 50 -12.77 -14.33 4.18
CA GLY A 50 -13.64 -14.11 5.32
C GLY A 50 -13.33 -12.85 6.09
N VAL A 51 -12.04 -12.62 6.35
CA VAL A 51 -11.53 -11.59 7.24
C VAL A 51 -10.51 -10.79 6.45
N PRO A 52 -10.93 -9.76 5.71
CA PRO A 52 -10.00 -8.82 5.13
C PRO A 52 -9.44 -7.94 6.25
N PHE A 53 -8.32 -7.28 5.95
CA PHE A 53 -7.74 -6.28 6.83
C PHE A 53 -8.72 -5.12 6.92
N ARG A 54 -8.89 -4.53 8.11
CA ARG A 54 -9.60 -3.28 8.32
C ARG A 54 -9.09 -2.60 9.60
N GLY A 55 -7.98 -1.89 9.47
CA GLY A 55 -7.19 -1.27 10.52
C GLY A 55 -6.94 0.19 10.18
N THR A 56 -5.80 0.75 10.58
CA THR A 56 -5.45 2.17 10.40
C THR A 56 -4.08 2.25 9.72
N TYR A 57 -3.89 3.17 8.79
CA TYR A 57 -2.55 3.51 8.30
C TYR A 57 -2.02 4.71 9.10
N ILE A 58 -0.78 5.10 8.85
CA ILE A 58 -0.15 6.33 9.36
C ILE A 58 0.76 6.84 8.23
N ILE A 59 0.77 8.15 7.96
CA ILE A 59 1.64 8.83 6.99
C ILE A 59 2.36 9.96 7.71
N SER A 60 3.57 10.23 7.25
CA SER A 60 4.41 11.30 7.76
C SER A 60 4.41 12.49 6.79
N LEU A 61 4.54 13.69 7.34
CA LEU A 61 4.61 14.94 6.58
C LEU A 61 6.01 15.13 6.03
N ASP A 62 6.97 15.20 6.96
CA ASP A 62 8.36 15.48 6.67
C ASP A 62 8.95 14.25 6.00
N GLU A 63 9.18 13.24 6.85
CA GLU A 63 9.90 12.03 6.59
C GLU A 63 9.03 11.07 5.77
N LYS A 64 8.90 11.32 4.45
CA LYS A 64 8.02 10.60 3.51
C LYS A 64 8.07 9.08 3.71
N LEU A 65 7.10 8.57 4.47
CA LEU A 65 6.99 7.18 4.86
C LEU A 65 5.52 6.89 5.19
N ILE A 66 5.17 5.62 5.35
CA ILE A 66 3.83 5.16 5.62
C ILE A 66 3.96 3.83 6.35
N LYS A 67 3.01 3.53 7.24
CA LYS A 67 2.95 2.28 7.98
C LYS A 67 1.49 1.85 8.04
N LEU A 68 1.24 0.56 8.25
CA LEU A 68 -0.10 -0.02 8.31
C LEU A 68 -0.18 -0.92 9.52
N TYR A 69 -1.28 -0.84 10.26
CA TYR A 69 -1.42 -1.45 11.57
C TYR A 69 -2.48 -2.53 11.50
N ASP A 70 -2.21 -3.68 12.11
CA ASP A 70 -3.17 -4.77 12.19
C ASP A 70 -4.04 -4.61 13.45
N LYS A 71 -4.70 -5.71 13.82
CA LYS A 71 -5.59 -5.78 14.95
C LYS A 71 -4.80 -5.72 16.27
N GLU A 72 -3.61 -6.29 16.31
CA GLU A 72 -2.66 -6.11 17.42
C GLU A 72 -1.89 -4.79 17.30
N GLU A 73 -2.24 -3.95 16.33
CA GLU A 73 -1.67 -2.65 16.02
C GLU A 73 -0.13 -2.65 16.06
N HIS A 74 0.49 -3.73 15.54
CA HIS A 74 1.92 -3.92 15.69
C HIS A 74 2.76 -3.35 14.56
N CYS A 75 2.15 -2.65 13.60
CA CYS A 75 2.74 -2.24 12.33
C CYS A 75 3.19 -3.49 11.57
N THR A 76 2.40 -3.90 10.58
CA THR A 76 2.72 -5.06 9.76
C THR A 76 4.00 -4.75 9.00
N GLU A 77 3.96 -3.66 8.24
CA GLU A 77 5.02 -3.22 7.37
C GLU A 77 4.99 -1.70 7.21
N GLN A 78 6.12 -1.18 6.75
CA GLN A 78 6.41 0.20 6.50
C GLN A 78 6.96 0.33 5.08
N TYR A 79 6.76 1.48 4.44
CA TYR A 79 7.15 1.66 3.05
C TYR A 79 7.62 3.09 2.82
N HIS A 80 8.57 3.27 1.89
CA HIS A 80 9.13 4.57 1.55
C HIS A 80 8.40 5.09 0.32
N ILE A 81 7.93 6.33 0.38
CA ILE A 81 7.11 6.97 -0.65
C ILE A 81 8.05 7.65 -1.65
N LEU A 82 8.57 6.92 -2.64
CA LEU A 82 9.47 7.52 -3.62
C LEU A 82 8.68 8.53 -4.48
N LYS A 83 7.60 8.06 -5.10
CA LYS A 83 6.71 8.85 -5.95
C LYS A 83 5.32 8.20 -5.94
N LEU A 84 4.32 9.00 -6.32
CA LEU A 84 2.92 8.61 -6.49
C LEU A 84 2.46 9.32 -7.75
N THR A 85 1.54 8.75 -8.52
CA THR A 85 0.94 9.40 -9.67
C THR A 85 -0.55 9.05 -9.73
N SER A 86 -1.29 9.57 -10.70
CA SER A 86 -2.70 9.23 -10.91
C SER A 86 -2.99 7.76 -11.13
N LYS A 87 -1.98 6.92 -11.41
CA LYS A 87 -2.18 5.50 -11.66
C LYS A 87 -1.00 4.66 -11.15
N GLU A 88 -0.03 5.22 -10.45
CA GLU A 88 1.21 4.52 -10.19
C GLU A 88 1.75 4.94 -8.83
N MET A 89 2.51 4.06 -8.18
CA MET A 89 3.05 4.31 -6.87
C MET A 89 4.31 3.47 -6.67
N LYS A 90 5.27 3.99 -5.90
CA LYS A 90 6.56 3.34 -5.65
C LYS A 90 6.76 3.18 -4.16
N TRP A 91 6.29 2.06 -3.63
CA TRP A 91 6.47 1.73 -2.23
C TRP A 91 7.77 0.96 -2.15
N GLU A 92 8.86 1.67 -1.87
CA GLU A 92 10.15 1.06 -1.62
C GLU A 92 10.08 0.35 -0.26
N ASN A 93 10.88 -0.70 -0.07
CA ASN A 93 10.95 -1.51 1.14
C ASN A 93 11.20 -0.62 2.35
N ALA A 94 12.12 0.34 2.27
CA ALA A 94 12.47 1.26 3.36
C ALA A 94 13.19 0.62 4.53
N SER A 95 12.65 -0.44 5.13
CA SER A 95 13.24 -1.15 6.26
C SER A 95 13.52 -2.59 5.84
N PRO A 96 14.59 -2.82 5.06
CA PRO A 96 14.91 -4.15 4.57
C PRO A 96 15.30 -5.11 5.69
N LYS A 97 15.56 -4.59 6.90
CA LYS A 97 15.82 -5.38 8.09
C LYS A 97 14.50 -5.91 8.64
N ASP A 98 13.49 -5.03 8.85
CA ASP A 98 12.26 -5.48 9.49
C ASP A 98 11.39 -6.28 8.53
N GLY A 99 11.49 -6.07 7.21
CA GLY A 99 10.89 -6.93 6.19
C GLY A 99 9.66 -6.31 5.58
N ASN A 100 9.81 -5.70 4.40
CA ASN A 100 8.72 -5.07 3.66
C ASN A 100 8.86 -5.39 2.17
N SER A 101 8.15 -4.67 1.33
CA SER A 101 8.15 -4.88 -0.11
C SER A 101 8.54 -3.60 -0.86
N ASP A 102 9.04 -3.75 -2.09
CA ASP A 102 9.59 -2.71 -2.96
C ASP A 102 8.82 -2.55 -4.28
N LYS A 103 7.60 -3.12 -4.37
CA LYS A 103 6.82 -3.20 -5.62
C LYS A 103 6.10 -1.90 -5.92
N ARG A 104 5.44 -1.86 -7.08
CA ARG A 104 4.98 -0.62 -7.66
C ARG A 104 3.53 -0.65 -8.16
N LEU A 105 2.60 -0.38 -7.24
CA LEU A 105 1.17 -0.55 -7.42
C LEU A 105 0.68 0.35 -8.56
N GLU A 106 -0.06 -0.21 -9.52
CA GLU A 106 -0.50 0.48 -10.73
C GLU A 106 -2.01 0.75 -10.68
N LYS A 107 -2.46 1.35 -9.58
CA LYS A 107 -3.87 1.60 -9.28
C LYS A 107 -4.65 0.28 -9.18
N TYR A 108 -5.96 0.32 -8.91
CA TYR A 108 -6.77 -0.91 -8.86
C TYR A 108 -7.40 -1.11 -10.22
N ASN A 109 -6.82 -1.99 -11.02
CA ASN A 109 -7.42 -2.45 -12.25
C ASN A 109 -8.50 -3.46 -11.89
N ASP A 110 -9.68 -2.91 -11.59
CA ASP A 110 -10.89 -3.65 -11.22
C ASP A 110 -11.54 -4.17 -12.49
N GLY A 1 -3.92 20.39 -17.80
CA GLY A 1 -2.56 20.92 -17.60
C GLY A 1 -1.55 19.80 -17.42
N ASP A 2 -0.62 19.92 -16.46
CA ASP A 2 0.38 18.92 -16.13
C ASP A 2 0.17 18.54 -14.68
N GLU A 3 -0.82 17.68 -14.42
CA GLU A 3 -1.37 17.49 -13.08
C GLU A 3 -1.69 16.01 -12.79
N ASP A 4 -1.22 15.07 -13.61
CA ASP A 4 -1.58 13.65 -13.42
C ASP A 4 -0.43 12.82 -12.86
N ASP A 5 0.58 13.50 -12.35
CA ASP A 5 1.90 12.92 -12.13
C ASP A 5 2.62 13.63 -10.98
N LYS A 6 2.05 13.61 -9.77
CA LYS A 6 2.76 13.91 -8.53
C LYS A 6 2.18 13.10 -7.38
N VAL A 7 3.03 12.90 -6.37
CA VAL A 7 2.66 12.32 -5.10
C VAL A 7 1.73 13.31 -4.39
N GLU A 8 0.56 12.80 -4.04
CA GLU A 8 -0.52 13.49 -3.39
C GLU A 8 -0.95 12.72 -2.14
N ILE A 9 -1.65 13.40 -1.23
CA ILE A 9 -2.43 12.79 -0.17
C ILE A 9 -3.70 12.15 -0.77
N PRO A 10 -4.65 12.90 -1.37
CA PRO A 10 -5.95 12.38 -1.76
C PRO A 10 -5.90 11.39 -2.92
N GLN A 11 -4.75 11.22 -3.58
CA GLN A 11 -4.56 10.20 -4.59
C GLN A 11 -4.48 8.80 -3.97
N LEU A 12 -4.14 8.69 -2.68
CA LEU A 12 -3.88 7.40 -2.05
C LEU A 12 -5.15 6.54 -1.96
N VAL A 13 -6.28 7.09 -1.49
CA VAL A 13 -7.54 6.39 -1.15
C VAL A 13 -8.14 5.50 -2.27
N GLY A 14 -7.61 5.57 -3.48
CA GLY A 14 -7.94 4.63 -4.54
C GLY A 14 -7.61 3.17 -4.18
N LYS A 15 -8.01 2.28 -5.08
CA LYS A 15 -7.77 0.83 -4.97
C LYS A 15 -6.47 0.50 -5.72
N TRP A 16 -5.65 -0.43 -5.20
CA TRP A 16 -4.31 -0.73 -5.65
C TRP A 16 -4.00 -2.23 -5.64
N ILE A 17 -3.69 -2.81 -6.82
CA ILE A 17 -3.27 -4.21 -6.92
C ILE A 17 -1.80 -4.30 -6.48
N VAL A 18 -1.38 -5.41 -5.85
CA VAL A 18 0.03 -5.71 -5.54
C VAL A 18 0.58 -6.73 -6.55
N LYS A 19 -0.05 -6.86 -7.70
CA LYS A 19 0.25 -7.91 -8.69
C LYS A 19 1.36 -7.46 -9.64
N GLU A 20 2.33 -6.68 -9.17
CA GLU A 20 3.47 -6.28 -10.01
C GLU A 20 4.63 -5.91 -9.10
N PRO A 21 5.71 -6.72 -9.00
CA PRO A 21 5.77 -8.12 -9.43
C PRO A 21 4.70 -9.00 -8.75
N VAL A 22 4.46 -10.19 -9.28
CA VAL A 22 3.52 -11.17 -8.71
C VAL A 22 4.17 -11.86 -7.49
N LEU A 23 3.38 -12.55 -6.65
CA LEU A 23 3.83 -13.25 -5.46
C LEU A 23 4.10 -14.73 -5.76
N GLN A 24 4.85 -15.35 -4.85
CA GLN A 24 4.99 -16.81 -4.76
C GLN A 24 3.71 -17.44 -4.21
N ASP A 25 3.69 -18.78 -4.17
CA ASP A 25 2.64 -19.66 -3.62
C ASP A 25 1.24 -19.41 -4.20
N ASP A 26 1.19 -18.65 -5.28
CA ASP A 26 0.03 -18.27 -6.07
C ASP A 26 -1.02 -17.63 -5.18
N PHE A 27 -0.63 -16.46 -4.70
CA PHE A 27 -1.36 -15.51 -3.90
C PHE A 27 -1.25 -14.15 -4.58
N VAL A 28 -2.19 -13.27 -4.30
CA VAL A 28 -2.09 -11.85 -4.57
C VAL A 28 -2.69 -11.07 -3.40
N THR A 29 -2.49 -9.75 -3.39
CA THR A 29 -3.08 -8.81 -2.44
C THR A 29 -3.59 -7.61 -3.21
N CYS A 30 -4.55 -6.91 -2.61
CA CYS A 30 -5.01 -5.58 -2.96
C CYS A 30 -4.90 -4.77 -1.67
N TYR A 31 -4.50 -3.50 -1.76
CA TYR A 31 -4.55 -2.54 -0.66
C TYR A 31 -5.57 -1.48 -1.04
N THR A 32 -6.52 -1.23 -0.15
CA THR A 32 -7.47 -0.13 -0.25
C THR A 32 -7.23 0.76 0.96
N PHE A 33 -6.73 1.97 0.75
CA PHE A 33 -6.55 2.93 1.85
C PHE A 33 -7.88 3.66 2.04
N ASN A 34 -8.02 4.50 3.07
CA ASN A 34 -9.23 5.29 3.27
C ASN A 34 -8.81 6.74 3.49
N ALA A 35 -9.74 7.66 3.24
CA ALA A 35 -9.51 9.10 3.22
C ALA A 35 -9.10 9.70 4.57
N ASP A 36 -9.32 8.98 5.68
CA ASP A 36 -8.43 9.00 6.85
C ASP A 36 -8.71 7.89 7.87
N LYS A 37 -9.79 7.11 7.69
CA LYS A 37 -10.26 6.11 8.66
C LYS A 37 -9.19 5.10 9.06
N THR A 38 -8.68 4.36 8.09
CA THR A 38 -7.98 3.10 8.26
C THR A 38 -7.27 2.82 6.93
N TYR A 39 -6.64 1.66 6.84
CA TYR A 39 -6.41 0.95 5.60
C TYR A 39 -7.13 -0.39 5.70
N GLU A 40 -7.26 -1.10 4.58
CA GLU A 40 -7.79 -2.45 4.50
C GLU A 40 -6.86 -3.23 3.56
N VAL A 41 -6.49 -4.44 3.94
CA VAL A 41 -5.63 -5.33 3.16
C VAL A 41 -6.13 -6.77 3.35
N TYR A 42 -5.68 -7.69 2.49
CA TYR A 42 -5.94 -9.11 2.62
C TYR A 42 -4.94 -9.89 1.77
N THR A 43 -5.00 -11.22 1.82
CA THR A 43 -4.31 -12.09 0.88
C THR A 43 -5.33 -13.12 0.42
N GLY A 44 -5.17 -13.64 -0.79
CA GLY A 44 -6.04 -14.69 -1.29
C GLY A 44 -7.44 -14.15 -1.56
N SER A 45 -8.42 -15.06 -1.70
CA SER A 45 -9.81 -14.74 -2.01
C SER A 45 -9.92 -13.78 -3.21
N PRO A 46 -9.49 -14.18 -4.43
CA PRO A 46 -9.49 -13.27 -5.57
C PRO A 46 -10.89 -12.87 -6.04
N LEU A 47 -11.93 -13.61 -5.63
CA LEU A 47 -13.30 -13.42 -6.08
C LEU A 47 -13.93 -12.27 -5.30
N SER A 48 -13.81 -12.26 -3.97
CA SER A 48 -14.32 -11.21 -3.10
C SER A 48 -13.53 -11.17 -1.79
N ASN A 49 -13.69 -10.10 -0.99
CA ASN A 49 -13.01 -9.89 0.27
C ASN A 49 -13.52 -10.93 1.29
N GLY A 50 -12.74 -11.98 1.48
CA GLY A 50 -12.95 -13.03 2.47
C GLY A 50 -13.08 -12.50 3.89
N VAL A 51 -11.95 -12.21 4.53
CA VAL A 51 -11.87 -11.70 5.90
C VAL A 51 -10.70 -10.71 5.94
N PRO A 52 -10.88 -9.43 5.57
CA PRO A 52 -9.78 -8.48 5.46
C PRO A 52 -9.23 -8.03 6.83
N PHE A 53 -8.03 -7.44 6.80
CA PHE A 53 -7.25 -6.89 7.90
C PHE A 53 -7.39 -5.37 7.81
N ARG A 54 -7.72 -4.68 8.90
CA ARG A 54 -8.01 -3.24 8.91
C ARG A 54 -7.46 -2.63 10.20
N GLY A 55 -6.75 -1.50 10.11
CA GLY A 55 -5.93 -0.96 11.19
C GLY A 55 -5.89 0.55 11.14
N THR A 56 -4.72 1.14 10.94
CA THR A 56 -4.50 2.55 10.59
C THR A 56 -3.20 2.66 9.79
N TYR A 57 -2.97 3.79 9.12
CA TYR A 57 -1.67 4.16 8.57
C TYR A 57 -1.15 5.39 9.31
N ILE A 58 0.14 5.68 9.15
CA ILE A 58 0.76 6.95 9.52
C ILE A 58 1.65 7.37 8.36
N ILE A 59 1.62 8.64 8.00
CA ILE A 59 2.52 9.23 7.02
C ILE A 59 3.61 9.95 7.81
N SER A 60 4.81 9.97 7.26
CA SER A 60 5.93 10.70 7.82
C SER A 60 6.41 11.72 6.81
N LEU A 61 6.27 13.00 7.18
CA LEU A 61 6.86 14.12 6.48
C LEU A 61 8.37 13.99 6.62
N ASP A 62 8.86 13.97 7.86
CA ASP A 62 10.25 14.23 8.20
C ASP A 62 11.16 13.01 8.14
N GLU A 63 10.65 11.85 7.69
CA GLU A 63 11.47 10.76 7.18
C GLU A 63 10.98 10.30 5.79
N LYS A 64 10.06 11.05 5.16
CA LYS A 64 9.48 10.77 3.84
C LYS A 64 9.08 9.30 3.66
N LEU A 65 8.35 8.78 4.64
CA LEU A 65 8.06 7.36 4.81
C LEU A 65 6.56 7.20 5.08
N ILE A 66 6.05 5.98 5.05
CA ILE A 66 4.71 5.62 5.50
C ILE A 66 4.89 4.34 6.33
N LYS A 67 4.09 4.19 7.38
CA LYS A 67 4.03 2.97 8.17
C LYS A 67 2.58 2.56 8.33
N LEU A 68 2.33 1.30 8.70
CA LEU A 68 0.99 0.74 8.86
C LEU A 68 0.89 0.01 10.19
N TYR A 69 -0.21 0.24 10.90
CA TYR A 69 -0.43 -0.28 12.24
C TYR A 69 -1.73 -1.04 12.28
N ASP A 70 -1.76 -2.06 13.12
CA ASP A 70 -2.85 -3.01 13.19
C ASP A 70 -3.74 -2.74 14.41
N LYS A 71 -4.55 -3.75 14.76
CA LYS A 71 -5.37 -3.74 15.95
C LYS A 71 -4.56 -3.80 17.25
N GLU A 72 -3.42 -4.49 17.27
CA GLU A 72 -2.51 -4.49 18.42
C GLU A 72 -1.85 -3.13 18.60
N GLU A 73 -1.85 -2.28 17.57
CA GLU A 73 -1.27 -0.94 17.50
C GLU A 73 0.25 -0.97 17.39
N HIS A 74 0.81 -2.10 16.94
CA HIS A 74 2.21 -2.21 16.59
C HIS A 74 2.40 -2.03 15.08
N CYS A 75 3.65 -1.81 14.70
CA CYS A 75 4.03 -1.60 13.32
C CYS A 75 4.26 -2.94 12.63
N THR A 76 3.63 -3.15 11.47
CA THR A 76 3.82 -4.34 10.64
C THR A 76 4.91 -4.06 9.61
N GLU A 77 4.63 -3.11 8.71
CA GLU A 77 5.40 -2.81 7.52
C GLU A 77 5.77 -1.33 7.57
N GLN A 78 6.96 -0.94 7.10
CA GLN A 78 7.35 0.46 7.01
C GLN A 78 8.09 0.61 5.68
N TYR A 79 7.56 1.36 4.71
CA TYR A 79 8.17 1.52 3.38
C TYR A 79 8.21 2.97 2.89
N HIS A 80 9.18 3.28 2.04
CA HIS A 80 9.48 4.64 1.59
C HIS A 80 8.59 5.02 0.42
N ILE A 81 7.99 6.21 0.47
CA ILE A 81 7.27 6.80 -0.64
C ILE A 81 8.32 7.35 -1.61
N LEU A 82 8.67 6.57 -2.64
CA LEU A 82 9.43 7.09 -3.77
C LEU A 82 8.54 8.08 -4.51
N LYS A 83 7.44 7.58 -5.06
CA LYS A 83 6.46 8.34 -5.82
C LYS A 83 5.09 7.69 -5.63
N LEU A 84 4.04 8.44 -5.97
CA LEU A 84 2.65 8.04 -6.07
C LEU A 84 2.10 8.91 -7.20
N THR A 85 1.27 8.42 -8.12
CA THR A 85 0.58 9.19 -9.15
C THR A 85 -0.83 8.61 -9.35
N SER A 86 -1.57 9.05 -10.37
CA SER A 86 -2.88 8.50 -10.68
C SER A 86 -2.89 7.02 -11.10
N LYS A 87 -1.75 6.36 -11.35
CA LYS A 87 -1.72 4.91 -11.53
C LYS A 87 -0.38 4.26 -11.20
N GLU A 88 0.46 4.90 -10.39
CA GLU A 88 1.78 4.36 -10.06
C GLU A 88 2.02 4.60 -8.57
N MET A 89 2.46 3.60 -7.81
CA MET A 89 2.87 3.75 -6.42
C MET A 89 4.07 2.85 -6.13
N LYS A 90 5.22 3.46 -5.90
CA LYS A 90 6.53 2.82 -5.73
C LYS A 90 6.95 2.93 -4.28
N TRP A 91 6.54 1.96 -3.46
CA TRP A 91 6.94 1.77 -2.08
C TRP A 91 8.24 1.00 -2.13
N GLU A 92 9.36 1.63 -1.77
CA GLU A 92 10.62 0.90 -1.58
C GLU A 92 10.66 0.33 -0.16
N ASN A 93 11.43 -0.75 0.04
CA ASN A 93 11.64 -1.44 1.30
C ASN A 93 11.95 -0.51 2.47
N ALA A 94 12.82 0.48 2.31
CA ALA A 94 13.36 1.34 3.36
C ALA A 94 14.28 0.58 4.33
N SER A 95 13.74 -0.39 5.08
CA SER A 95 14.39 -1.03 6.22
C SER A 95 14.54 -2.53 5.94
N PRO A 96 15.62 -2.97 5.26
CA PRO A 96 15.80 -4.37 4.85
C PRO A 96 15.95 -5.27 6.08
N LYS A 97 16.39 -4.68 7.19
CA LYS A 97 16.54 -5.29 8.49
C LYS A 97 15.27 -5.99 8.94
N ASP A 98 14.11 -5.44 8.59
CA ASP A 98 12.82 -5.90 9.07
C ASP A 98 12.19 -6.83 8.04
N GLY A 99 12.43 -6.54 6.75
CA GLY A 99 11.87 -7.28 5.64
C GLY A 99 10.59 -6.58 5.17
N ASN A 100 10.71 -5.77 4.12
CA ASN A 100 9.57 -5.17 3.43
C ASN A 100 9.86 -5.19 1.94
N SER A 101 8.83 -5.05 1.09
CA SER A 101 8.94 -5.40 -0.32
C SER A 101 8.84 -4.17 -1.24
N ASP A 102 9.79 -4.04 -2.17
CA ASP A 102 10.01 -2.87 -3.02
C ASP A 102 9.32 -2.99 -4.39
N LYS A 103 8.01 -3.29 -4.38
CA LYS A 103 7.23 -3.62 -5.59
C LYS A 103 6.63 -2.39 -6.26
N ARG A 104 5.70 -2.54 -7.21
CA ARG A 104 5.04 -1.44 -7.89
C ARG A 104 3.53 -1.67 -7.94
N LEU A 105 2.77 -1.08 -7.03
CA LEU A 105 1.31 -1.14 -7.13
C LEU A 105 0.92 -0.15 -8.22
N GLU A 106 0.11 -0.58 -9.18
CA GLU A 106 -0.20 0.25 -10.35
C GLU A 106 -1.70 0.36 -10.59
N LYS A 107 -2.39 0.73 -9.52
CA LYS A 107 -3.84 0.86 -9.41
C LYS A 107 -4.52 -0.51 -9.50
N TYR A 108 -5.84 -0.54 -9.35
CA TYR A 108 -6.60 -1.77 -9.36
C TYR A 108 -6.85 -2.12 -10.82
N ASN A 109 -6.01 -3.02 -11.35
CA ASN A 109 -6.05 -3.50 -12.73
C ASN A 109 -7.17 -4.51 -12.98
N ASP A 110 -8.08 -4.63 -12.01
CA ASP A 110 -9.11 -5.65 -11.89
C ASP A 110 -8.50 -7.05 -11.83
N GLY A 1 5.05 15.34 -21.52
CA GLY A 1 4.18 14.79 -20.48
C GLY A 1 3.92 15.86 -19.44
N ASP A 2 2.71 16.41 -19.41
CA ASP A 2 2.39 17.68 -18.75
C ASP A 2 2.35 17.60 -17.23
N GLU A 3 1.41 16.84 -16.67
CA GLU A 3 1.07 16.86 -15.25
C GLU A 3 0.52 15.48 -14.90
N ASP A 4 1.40 14.56 -14.53
CA ASP A 4 1.04 13.15 -14.30
C ASP A 4 1.98 12.50 -13.30
N ASP A 5 2.62 13.30 -12.44
CA ASP A 5 3.90 12.92 -11.83
C ASP A 5 4.25 13.57 -10.49
N LYS A 6 3.30 14.24 -9.81
CA LYS A 6 3.58 14.84 -8.50
C LYS A 6 3.00 13.97 -7.40
N VAL A 7 3.85 13.55 -6.46
CA VAL A 7 3.40 12.86 -5.25
C VAL A 7 2.52 13.80 -4.45
N GLU A 8 1.24 13.44 -4.35
CA GLU A 8 0.19 14.12 -3.62
C GLU A 8 -0.27 13.25 -2.44
N ILE A 9 -0.95 13.89 -1.47
CA ILE A 9 -1.74 13.23 -0.44
C ILE A 9 -2.99 12.56 -1.05
N PRO A 10 -3.99 13.28 -1.60
CA PRO A 10 -5.31 12.69 -1.85
C PRO A 10 -5.29 11.54 -2.87
N GLN A 11 -4.32 11.51 -3.78
CA GLN A 11 -4.17 10.42 -4.73
C GLN A 11 -3.88 9.07 -4.04
N LEU A 12 -3.36 9.10 -2.81
CA LEU A 12 -3.15 7.89 -2.02
C LEU A 12 -4.46 7.15 -1.76
N VAL A 13 -5.54 7.88 -1.49
CA VAL A 13 -6.80 7.41 -0.91
C VAL A 13 -7.48 6.34 -1.79
N GLY A 14 -7.07 6.20 -3.05
CA GLY A 14 -7.49 5.14 -3.95
C GLY A 14 -7.19 3.73 -3.44
N LYS A 15 -7.62 2.76 -4.25
CA LYS A 15 -7.31 1.34 -4.08
C LYS A 15 -6.12 1.04 -4.98
N TRP A 16 -5.30 0.07 -4.59
CA TRP A 16 -4.01 -0.16 -5.20
C TRP A 16 -3.69 -1.65 -5.19
N ILE A 17 -3.37 -2.19 -6.36
CA ILE A 17 -3.22 -3.62 -6.58
C ILE A 17 -1.74 -3.96 -6.48
N VAL A 18 -1.41 -5.08 -5.84
CA VAL A 18 -0.03 -5.59 -5.75
C VAL A 18 0.24 -6.61 -6.86
N LYS A 19 -0.66 -6.68 -7.85
CA LYS A 19 -0.55 -7.54 -9.01
C LYS A 19 0.47 -7.02 -10.01
N GLU A 20 1.42 -6.18 -9.57
CA GLU A 20 2.35 -5.47 -10.42
C GLU A 20 3.60 -5.15 -9.56
N PRO A 21 4.73 -5.87 -9.74
CA PRO A 21 4.82 -7.13 -10.46
C PRO A 21 3.97 -8.19 -9.75
N VAL A 22 3.55 -9.21 -10.50
CA VAL A 22 2.66 -10.24 -9.96
C VAL A 22 3.40 -11.00 -8.85
N LEU A 23 2.70 -11.39 -7.79
CA LEU A 23 3.28 -12.22 -6.75
C LEU A 23 3.10 -13.68 -7.12
N GLN A 24 4.01 -14.49 -6.61
CA GLN A 24 4.09 -15.92 -6.88
C GLN A 24 2.82 -16.67 -6.45
N ASP A 25 2.72 -17.89 -6.97
CA ASP A 25 1.58 -18.79 -7.03
C ASP A 25 0.44 -18.05 -7.72
N ASP A 26 -0.30 -17.31 -6.90
CA ASP A 26 -1.60 -16.73 -7.07
C ASP A 26 -1.90 -15.74 -5.94
N PHE A 27 -0.91 -15.41 -5.09
CA PHE A 27 -1.02 -14.41 -4.07
C PHE A 27 -1.32 -13.09 -4.76
N VAL A 28 -2.33 -12.43 -4.22
CA VAL A 28 -2.82 -11.12 -4.63
C VAL A 28 -3.09 -10.31 -3.35
N THR A 29 -3.03 -9.00 -3.46
CA THR A 29 -3.40 -8.02 -2.43
C THR A 29 -3.89 -6.74 -3.13
N CYS A 30 -4.73 -5.98 -2.42
CA CYS A 30 -5.56 -4.90 -2.88
C CYS A 30 -5.58 -3.81 -1.81
N TYR A 31 -4.39 -3.31 -1.43
CA TYR A 31 -4.25 -2.29 -0.40
C TYR A 31 -5.20 -1.13 -0.69
N THR A 32 -6.07 -0.80 0.25
CA THR A 32 -6.89 0.39 0.17
C THR A 32 -6.50 1.27 1.35
N PHE A 33 -6.43 2.58 1.13
CA PHE A 33 -6.21 3.56 2.19
C PHE A 33 -7.49 4.39 2.33
N ASN A 34 -7.62 5.17 3.40
CA ASN A 34 -8.73 6.09 3.62
C ASN A 34 -8.16 7.46 3.96
N ALA A 35 -9.03 8.46 4.06
CA ALA A 35 -8.69 9.78 4.54
C ALA A 35 -7.98 9.72 5.89
N ASP A 36 -8.64 9.14 6.89
CA ASP A 36 -8.12 9.09 8.26
C ASP A 36 -8.92 8.09 9.12
N LYS A 37 -9.37 6.99 8.51
CA LYS A 37 -10.35 6.07 9.08
C LYS A 37 -9.75 4.70 9.39
N THR A 38 -9.32 3.96 8.36
CA THR A 38 -8.82 2.59 8.41
C THR A 38 -8.04 2.39 7.11
N TYR A 39 -7.36 1.26 6.98
CA TYR A 39 -6.96 0.70 5.70
C TYR A 39 -7.64 -0.66 5.56
N GLU A 40 -7.50 -1.31 4.40
CA GLU A 40 -7.90 -2.70 4.19
C GLU A 40 -6.74 -3.43 3.52
N VAL A 41 -6.47 -4.68 3.89
CA VAL A 41 -5.49 -5.58 3.27
C VAL A 41 -5.96 -7.05 3.42
N TYR A 42 -5.49 -7.97 2.58
CA TYR A 42 -5.54 -9.44 2.71
C TYR A 42 -4.56 -10.06 1.70
N THR A 43 -4.33 -11.38 1.78
CA THR A 43 -3.39 -12.09 0.90
C THR A 43 -3.85 -13.53 0.71
N GLY A 44 -3.91 -14.03 -0.52
CA GLY A 44 -4.13 -15.45 -0.81
C GLY A 44 -5.60 -15.84 -0.59
N SER A 45 -6.37 -15.91 -1.67
CA SER A 45 -7.81 -16.14 -1.63
C SER A 45 -8.31 -16.72 -2.97
N PRO A 46 -8.25 -18.04 -3.19
CA PRO A 46 -8.83 -18.67 -4.37
C PRO A 46 -10.33 -18.38 -4.50
N LEU A 47 -11.06 -18.43 -3.39
CA LEU A 47 -12.49 -18.32 -3.38
C LEU A 47 -12.84 -16.84 -3.19
N SER A 48 -12.61 -16.25 -2.01
CA SER A 48 -13.03 -14.88 -1.75
C SER A 48 -12.29 -14.28 -0.55
N ASN A 49 -12.69 -13.06 -0.17
CA ASN A 49 -12.14 -12.27 0.92
C ASN A 49 -12.51 -12.92 2.27
N GLY A 50 -11.82 -14.01 2.61
CA GLY A 50 -12.13 -14.85 3.76
C GLY A 50 -12.01 -14.09 5.07
N VAL A 51 -10.77 -13.82 5.46
CA VAL A 51 -10.43 -13.10 6.68
C VAL A 51 -9.56 -11.88 6.31
N PRO A 52 -10.19 -10.80 5.77
CA PRO A 52 -9.49 -9.58 5.45
C PRO A 52 -9.25 -8.77 6.72
N PHE A 53 -8.37 -7.78 6.62
CA PHE A 53 -7.81 -7.08 7.75
C PHE A 53 -8.14 -5.60 7.64
N ARG A 54 -8.55 -4.99 8.75
CA ARG A 54 -8.89 -3.56 8.87
C ARG A 54 -8.12 -2.98 10.05
N GLY A 55 -7.00 -2.32 9.81
CA GLY A 55 -6.19 -1.61 10.79
C GLY A 55 -6.19 -0.13 10.43
N THR A 56 -5.25 0.64 10.96
CA THR A 56 -5.09 2.04 10.61
C THR A 56 -3.66 2.20 10.08
N TYR A 57 -3.49 2.91 8.97
CA TYR A 57 -2.17 3.27 8.49
C TYR A 57 -1.86 4.66 9.02
N ILE A 58 -0.58 5.00 8.93
CA ILE A 58 -0.02 6.28 9.33
C ILE A 58 0.92 6.68 8.21
N ILE A 59 0.99 7.96 7.87
CA ILE A 59 2.05 8.50 7.03
C ILE A 59 2.76 9.57 7.87
N SER A 60 3.99 9.88 7.50
CA SER A 60 4.73 10.99 8.05
C SER A 60 5.09 11.95 6.92
N LEU A 61 5.33 13.21 7.27
CA LEU A 61 5.76 14.24 6.34
C LEU A 61 7.27 14.18 6.19
N ASP A 62 8.01 14.52 7.24
CA ASP A 62 9.40 14.98 7.08
C ASP A 62 10.37 13.85 6.71
N GLU A 63 9.99 12.60 6.97
CA GLU A 63 10.70 11.39 6.55
C GLU A 63 10.05 10.76 5.31
N LYS A 64 8.83 11.21 4.96
CA LYS A 64 8.00 10.74 3.86
C LYS A 64 7.98 9.22 3.78
N LEU A 65 7.40 8.63 4.81
CA LEU A 65 7.35 7.20 5.08
C LEU A 65 5.89 6.89 5.42
N ILE A 66 5.44 5.69 5.11
CA ILE A 66 4.14 5.16 5.49
C ILE A 66 4.39 3.99 6.42
N LYS A 67 3.54 3.83 7.42
CA LYS A 67 3.52 2.67 8.28
C LYS A 67 2.11 2.12 8.31
N LEU A 68 2.01 0.82 8.55
CA LEU A 68 0.77 0.07 8.59
C LEU A 68 0.74 -0.48 10.02
N TYR A 69 -0.35 -0.20 10.72
CA TYR A 69 -0.55 -0.55 12.12
C TYR A 69 -1.84 -1.34 12.27
N ASP A 70 -1.77 -2.45 12.99
CA ASP A 70 -2.98 -3.20 13.29
C ASP A 70 -3.78 -2.57 14.41
N LYS A 71 -4.83 -3.30 14.80
CA LYS A 71 -5.74 -2.92 15.87
C LYS A 71 -5.02 -2.72 17.22
N GLU A 72 -4.01 -3.54 17.52
CA GLU A 72 -3.17 -3.44 18.72
C GLU A 72 -2.06 -2.41 18.52
N GLU A 73 -2.04 -1.67 17.40
CA GLU A 73 -0.98 -0.78 16.98
C GLU A 73 0.39 -1.46 17.01
N HIS A 74 0.45 -2.73 16.63
CA HIS A 74 1.69 -3.30 16.14
C HIS A 74 2.00 -2.64 14.82
N CYS A 75 3.15 -1.98 14.77
CA CYS A 75 3.83 -1.68 13.53
C CYS A 75 4.15 -3.00 12.83
N THR A 76 3.40 -3.36 11.78
CA THR A 76 3.65 -4.61 11.07
C THR A 76 4.68 -4.38 9.97
N GLU A 77 4.54 -3.29 9.20
CA GLU A 77 5.56 -2.90 8.23
C GLU A 77 5.57 -1.40 7.97
N GLN A 78 6.65 -0.90 7.34
CA GLN A 78 6.88 0.52 7.11
C GLN A 78 7.69 0.73 5.82
N TYR A 79 7.07 1.26 4.74
CA TYR A 79 7.76 1.57 3.49
C TYR A 79 8.12 3.06 3.46
N HIS A 80 9.20 3.44 2.79
CA HIS A 80 9.35 4.84 2.36
C HIS A 80 8.43 5.05 1.13
N ILE A 81 7.90 6.26 0.92
CA ILE A 81 7.29 6.63 -0.35
C ILE A 81 8.38 7.30 -1.20
N LEU A 82 8.54 6.83 -2.45
CA LEU A 82 9.39 7.47 -3.43
C LEU A 82 8.58 8.39 -4.33
N LYS A 83 7.63 7.87 -5.11
CA LYS A 83 6.94 8.62 -6.15
C LYS A 83 5.57 8.05 -6.29
N LEU A 84 4.56 8.92 -6.40
CA LEU A 84 3.14 8.55 -6.39
C LEU A 84 2.50 9.43 -7.45
N THR A 85 1.68 8.85 -8.32
CA THR A 85 1.01 9.59 -9.38
C THR A 85 -0.44 9.13 -9.49
N SER A 86 -1.15 9.65 -10.49
CA SER A 86 -2.53 9.32 -10.84
C SER A 86 -2.76 7.83 -11.10
N LYS A 87 -1.72 7.03 -11.34
CA LYS A 87 -1.82 5.58 -11.53
C LYS A 87 -0.72 4.84 -10.77
N GLU A 88 0.41 5.48 -10.48
CA GLU A 88 1.66 4.78 -10.24
C GLU A 88 2.03 4.94 -8.77
N MET A 89 2.54 3.89 -8.13
CA MET A 89 3.10 3.95 -6.78
C MET A 89 4.54 3.46 -6.84
N LYS A 90 5.35 3.94 -5.91
CA LYS A 90 6.66 3.41 -5.58
C LYS A 90 6.83 3.45 -4.08
N TRP A 91 6.45 2.34 -3.45
CA TRP A 91 6.91 2.07 -2.10
C TRP A 91 8.37 1.60 -2.24
N GLU A 92 9.16 1.85 -1.21
CA GLU A 92 10.54 1.43 -1.10
C GLU A 92 10.65 0.74 0.24
N ASN A 93 11.36 -0.39 0.29
CA ASN A 93 11.40 -1.29 1.40
C ASN A 93 11.60 -0.57 2.73
N ALA A 94 12.66 0.22 2.88
CA ALA A 94 13.07 0.91 4.10
C ALA A 94 13.43 -0.03 5.26
N SER A 95 12.55 -0.97 5.59
CA SER A 95 12.66 -1.95 6.66
C SER A 95 13.02 -3.32 6.04
N PRO A 96 14.30 -3.63 5.80
CA PRO A 96 14.78 -4.86 5.15
C PRO A 96 14.69 -6.10 6.07
N LYS A 97 14.26 -5.89 7.31
CA LYS A 97 14.38 -6.80 8.44
C LYS A 97 13.07 -7.04 9.17
N ASP A 98 12.07 -6.29 8.74
CA ASP A 98 10.75 -6.12 9.34
C ASP A 98 9.74 -6.82 8.43
N GLY A 99 10.06 -6.88 7.13
CA GLY A 99 9.17 -7.35 6.08
C GLY A 99 8.59 -6.15 5.36
N ASN A 100 9.27 -5.61 4.35
CA ASN A 100 8.71 -4.67 3.37
C ASN A 100 9.25 -5.10 1.99
N SER A 101 8.80 -4.49 0.90
CA SER A 101 9.26 -4.80 -0.47
C SER A 101 9.30 -3.51 -1.30
N ASP A 102 9.83 -3.57 -2.51
CA ASP A 102 10.16 -2.41 -3.35
C ASP A 102 9.24 -2.29 -4.57
N LYS A 103 8.03 -2.86 -4.47
CA LYS A 103 7.11 -3.02 -5.60
C LYS A 103 6.48 -1.70 -6.04
N ARG A 104 5.68 -1.74 -7.10
CA ARG A 104 5.02 -0.58 -7.66
C ARG A 104 3.57 -0.88 -7.99
N LEU A 105 2.69 -0.65 -7.02
CA LEU A 105 1.25 -0.85 -7.16
C LEU A 105 0.80 0.11 -8.26
N GLU A 106 0.11 -0.38 -9.28
CA GLU A 106 -0.30 0.45 -10.40
C GLU A 106 -1.82 0.55 -10.38
N LYS A 107 -2.31 1.39 -9.46
CA LYS A 107 -3.72 1.60 -9.22
C LYS A 107 -4.44 0.27 -9.00
N TYR A 108 -5.76 0.26 -9.07
CA TYR A 108 -6.59 -0.93 -8.85
C TYR A 108 -7.04 -1.50 -10.19
N ASN A 109 -6.31 -2.49 -10.72
CA ASN A 109 -6.60 -3.10 -12.03
C ASN A 109 -7.31 -4.45 -11.89
N ASP A 110 -8.40 -4.46 -11.11
CA ASP A 110 -9.36 -5.55 -10.86
C ASP A 110 -8.74 -6.83 -10.29
N GLY A 1 -6.85 18.62 -11.48
CA GLY A 1 -6.11 17.68 -10.63
C GLY A 1 -4.67 18.12 -10.54
N ASP A 2 -3.71 17.20 -10.53
CA ASP A 2 -2.29 17.52 -10.68
C ASP A 2 -1.58 16.22 -11.04
N GLU A 3 -1.11 16.07 -12.27
CA GLU A 3 -0.72 14.80 -12.86
C GLU A 3 0.61 14.99 -13.60
N ASP A 4 1.69 15.23 -12.86
CA ASP A 4 3.00 15.50 -13.41
C ASP A 4 4.06 14.75 -12.60
N ASP A 5 3.77 13.46 -12.40
CA ASP A 5 4.76 12.48 -11.92
C ASP A 5 5.16 12.78 -10.47
N LYS A 6 4.26 13.41 -9.71
CA LYS A 6 4.51 14.08 -8.44
C LYS A 6 3.59 13.50 -7.38
N VAL A 7 4.07 13.46 -6.14
CA VAL A 7 3.35 12.87 -5.03
C VAL A 7 2.14 13.74 -4.77
N GLU A 8 0.96 13.11 -4.66
CA GLU A 8 -0.31 13.81 -4.48
C GLU A 8 -1.11 13.17 -3.34
N ILE A 9 -1.64 14.01 -2.46
CA ILE A 9 -2.56 13.66 -1.39
C ILE A 9 -3.79 12.93 -1.95
N PRO A 10 -4.62 13.52 -2.85
CA PRO A 10 -5.84 12.87 -3.30
C PRO A 10 -5.55 11.61 -4.10
N GLN A 11 -4.38 11.53 -4.74
CA GLN A 11 -3.99 10.37 -5.52
C GLN A 11 -3.66 9.17 -4.61
N LEU A 12 -3.50 9.35 -3.29
CA LEU A 12 -3.41 8.23 -2.35
C LEU A 12 -4.76 7.54 -2.19
N VAL A 13 -5.79 8.30 -1.83
CA VAL A 13 -7.01 7.82 -1.16
C VAL A 13 -7.82 6.80 -1.97
N GLY A 14 -7.56 6.65 -3.26
CA GLY A 14 -8.02 5.56 -4.11
C GLY A 14 -7.43 4.18 -3.80
N LYS A 15 -7.71 3.26 -4.70
CA LYS A 15 -7.41 1.83 -4.61
C LYS A 15 -6.14 1.53 -5.43
N TRP A 16 -5.39 0.51 -5.03
CA TRP A 16 -4.06 0.22 -5.52
C TRP A 16 -3.86 -1.29 -5.65
N ILE A 17 -3.79 -1.81 -6.88
CA ILE A 17 -3.61 -3.24 -7.12
C ILE A 17 -2.15 -3.59 -6.82
N VAL A 18 -1.91 -4.77 -6.25
CA VAL A 18 -0.56 -5.33 -6.04
C VAL A 18 -0.48 -6.57 -6.93
N LYS A 19 -0.52 -6.28 -8.21
CA LYS A 19 -0.47 -7.26 -9.29
C LYS A 19 0.69 -6.95 -10.23
N GLU A 20 1.73 -6.27 -9.74
CA GLU A 20 2.69 -5.60 -10.61
C GLU A 20 4.03 -5.37 -9.88
N PRO A 21 5.04 -6.24 -10.04
CA PRO A 21 4.91 -7.53 -10.70
C PRO A 21 4.00 -8.44 -9.87
N VAL A 22 3.43 -9.46 -10.50
CA VAL A 22 2.47 -10.35 -9.87
C VAL A 22 3.19 -11.59 -9.32
N LEU A 23 2.52 -12.26 -8.38
CA LEU A 23 3.00 -13.45 -7.68
C LEU A 23 2.30 -14.67 -8.26
N GLN A 24 2.77 -15.85 -7.88
CA GLN A 24 2.24 -17.11 -8.38
C GLN A 24 1.07 -17.62 -7.54
N ASP A 25 0.65 -18.83 -7.84
CA ASP A 25 -0.41 -19.65 -7.28
C ASP A 25 -1.73 -18.93 -7.50
N ASP A 26 -2.08 -18.04 -6.60
CA ASP A 26 -3.25 -17.17 -6.63
C ASP A 26 -3.07 -15.95 -5.71
N PHE A 27 -1.83 -15.61 -5.35
CA PHE A 27 -1.52 -14.47 -4.52
C PHE A 27 -1.82 -13.18 -5.30
N VAL A 28 -2.79 -12.42 -4.81
CA VAL A 28 -3.13 -11.06 -5.24
C VAL A 28 -3.19 -10.18 -4.01
N THR A 29 -3.16 -8.85 -4.19
CA THR A 29 -3.59 -7.92 -3.15
C THR A 29 -4.16 -6.68 -3.84
N CYS A 30 -4.95 -5.90 -3.11
CA CYS A 30 -5.56 -4.65 -3.54
C CYS A 30 -5.59 -3.73 -2.32
N TYR A 31 -4.50 -2.98 -2.07
CA TYR A 31 -4.52 -2.00 -0.99
C TYR A 31 -5.60 -0.99 -1.33
N THR A 32 -6.18 -0.40 -0.30
CA THR A 32 -7.02 0.78 -0.45
C THR A 32 -6.75 1.60 0.80
N PHE A 33 -6.34 2.85 0.63
CA PHE A 33 -6.19 3.76 1.76
C PHE A 33 -7.47 4.55 1.90
N ASN A 34 -7.53 5.37 2.94
CA ASN A 34 -8.59 6.32 3.21
C ASN A 34 -7.89 7.66 3.38
N ALA A 35 -8.63 8.76 3.55
CA ALA A 35 -7.97 10.00 3.93
C ALA A 35 -7.42 9.85 5.36
N ASP A 36 -8.26 9.38 6.29
CA ASP A 36 -8.00 9.55 7.72
C ASP A 36 -8.70 8.50 8.61
N LYS A 37 -9.27 7.44 8.04
CA LYS A 37 -10.08 6.46 8.76
C LYS A 37 -9.29 5.18 9.07
N THR A 38 -9.04 4.31 8.09
CA THR A 38 -8.38 3.02 8.19
C THR A 38 -7.62 2.82 6.86
N TYR A 39 -7.18 1.59 6.58
CA TYR A 39 -6.74 1.10 5.28
C TYR A 39 -7.29 -0.31 5.10
N GLU A 40 -7.00 -0.96 3.97
CA GLU A 40 -7.21 -2.38 3.78
C GLU A 40 -5.95 -3.04 3.22
N VAL A 41 -5.77 -4.33 3.55
CA VAL A 41 -4.85 -5.25 2.89
C VAL A 41 -5.42 -6.67 3.01
N TYR A 42 -5.01 -7.59 2.13
CA TYR A 42 -4.89 -9.02 2.40
C TYR A 42 -3.97 -9.64 1.34
N THR A 43 -3.43 -10.84 1.55
CA THR A 43 -2.85 -11.63 0.46
C THR A 43 -3.19 -13.10 0.74
N GLY A 44 -3.37 -13.93 -0.29
CA GLY A 44 -3.59 -15.35 -0.14
C GLY A 44 -5.02 -15.61 0.28
N SER A 45 -5.25 -15.62 1.60
CA SER A 45 -6.43 -16.09 2.30
C SER A 45 -6.61 -17.60 2.12
N PRO A 46 -7.43 -18.25 2.95
CA PRO A 46 -7.67 -19.68 2.82
C PRO A 46 -8.47 -20.01 1.55
N LEU A 47 -9.25 -19.04 1.04
CA LEU A 47 -10.19 -19.24 -0.06
C LEU A 47 -10.02 -18.20 -1.17
N SER A 48 -9.06 -17.28 -1.04
CA SER A 48 -9.04 -15.98 -1.71
C SER A 48 -10.23 -15.09 -1.28
N ASN A 49 -9.97 -13.78 -1.20
CA ASN A 49 -10.76 -12.71 -0.57
C ASN A 49 -11.35 -12.96 0.82
N GLY A 50 -11.06 -14.11 1.44
CA GLY A 50 -11.80 -14.64 2.57
C GLY A 50 -11.69 -13.77 3.82
N VAL A 51 -10.46 -13.47 4.23
CA VAL A 51 -10.15 -12.96 5.56
C VAL A 51 -9.28 -11.72 5.45
N PRO A 52 -9.86 -10.56 5.11
CA PRO A 52 -9.10 -9.33 4.91
C PRO A 52 -8.68 -8.68 6.22
N PHE A 53 -7.92 -7.59 6.12
CA PHE A 53 -7.30 -6.89 7.23
C PHE A 53 -7.56 -5.40 7.08
N ARG A 54 -7.86 -4.73 8.19
CA ARG A 54 -8.02 -3.28 8.31
C ARG A 54 -7.43 -2.81 9.64
N GLY A 55 -6.57 -1.80 9.59
CA GLY A 55 -5.95 -1.20 10.78
C GLY A 55 -6.01 0.31 10.73
N THR A 56 -4.85 0.98 10.82
CA THR A 56 -4.68 2.37 10.40
C THR A 56 -3.36 2.46 9.64
N TYR A 57 -3.27 3.40 8.70
CA TYR A 57 -2.02 3.80 8.10
C TYR A 57 -1.56 5.09 8.79
N ILE A 58 -0.26 5.38 8.71
CA ILE A 58 0.32 6.66 9.09
C ILE A 58 1.29 7.05 7.97
N ILE A 59 1.40 8.34 7.67
CA ILE A 59 2.41 8.91 6.79
C ILE A 59 3.10 10.04 7.55
N SER A 60 4.39 10.21 7.30
CA SER A 60 5.20 11.30 7.84
C SER A 60 5.05 12.55 6.98
N LEU A 61 5.33 13.74 7.51
CA LEU A 61 5.19 14.99 6.77
C LEU A 61 6.43 15.28 5.93
N ASP A 62 7.59 15.48 6.57
CA ASP A 62 8.85 15.78 5.88
C ASP A 62 9.20 14.62 4.97
N GLU A 63 9.21 13.43 5.57
CA GLU A 63 9.66 12.19 4.99
C GLU A 63 8.53 11.57 4.19
N LYS A 64 8.88 10.83 3.14
CA LYS A 64 7.92 10.11 2.33
C LYS A 64 8.01 8.67 2.75
N LEU A 65 7.39 8.37 3.87
CA LEU A 65 7.45 7.11 4.61
C LEU A 65 6.00 6.82 5.01
N ILE A 66 5.54 5.58 4.81
CA ILE A 66 4.23 5.13 5.25
C ILE A 66 4.44 4.02 6.27
N LYS A 67 3.56 3.90 7.26
CA LYS A 67 3.50 2.76 8.17
C LYS A 67 2.09 2.19 8.14
N LEU A 68 1.95 0.88 8.31
CA LEU A 68 0.67 0.19 8.46
C LEU A 68 0.68 -0.45 9.84
N TYR A 69 -0.41 -0.27 10.57
CA TYR A 69 -0.62 -0.77 11.92
C TYR A 69 -1.63 -1.92 11.88
N ASP A 70 -1.60 -2.82 12.87
CA ASP A 70 -2.60 -3.88 13.06
C ASP A 70 -3.83 -3.32 13.78
N LYS A 71 -4.83 -4.17 14.03
CA LYS A 71 -5.95 -3.84 14.93
C LYS A 71 -5.40 -3.57 16.33
N GLU A 72 -4.39 -4.35 16.72
CA GLU A 72 -3.63 -4.18 17.95
C GLU A 72 -2.96 -2.81 18.04
N GLU A 73 -2.89 -2.04 16.95
CA GLU A 73 -2.38 -0.69 16.90
C GLU A 73 -0.91 -0.60 17.34
N HIS A 74 -0.17 -1.71 17.24
CA HIS A 74 1.25 -1.62 17.01
C HIS A 74 1.46 -1.36 15.51
N CYS A 75 2.50 -0.60 15.18
CA CYS A 75 3.07 -0.56 13.84
C CYS A 75 3.65 -1.96 13.57
N THR A 76 3.48 -2.50 12.37
CA THR A 76 4.23 -3.65 11.92
C THR A 76 5.10 -3.20 10.75
N GLU A 77 4.47 -2.72 9.68
CA GLU A 77 5.13 -2.54 8.42
C GLU A 77 5.37 -1.06 8.25
N GLN A 78 6.36 -0.73 7.44
CA GLN A 78 6.66 0.62 7.06
C GLN A 78 7.44 0.61 5.74
N TYR A 79 6.93 1.27 4.70
CA TYR A 79 7.52 1.27 3.36
C TYR A 79 8.04 2.67 3.02
N HIS A 80 9.07 2.76 2.19
CA HIS A 80 9.55 4.02 1.64
C HIS A 80 8.63 4.41 0.48
N ILE A 81 7.94 5.55 0.60
CA ILE A 81 7.12 6.13 -0.47
C ILE A 81 8.06 6.89 -1.39
N LEU A 82 8.75 6.18 -2.29
CA LEU A 82 9.66 6.84 -3.22
C LEU A 82 8.87 7.76 -4.15
N LYS A 83 7.77 7.25 -4.73
CA LYS A 83 6.98 7.97 -5.71
C LYS A 83 5.54 7.47 -5.68
N LEU A 84 4.60 8.36 -6.00
CA LEU A 84 3.16 8.11 -6.09
C LEU A 84 2.65 9.06 -7.16
N THR A 85 2.18 8.56 -8.29
CA THR A 85 1.75 9.37 -9.43
C THR A 85 0.31 8.99 -9.78
N SER A 86 -0.22 9.51 -10.90
CA SER A 86 -1.56 9.20 -11.39
C SER A 86 -1.81 7.70 -11.55
N LYS A 87 -0.77 6.86 -11.67
CA LYS A 87 -0.93 5.42 -11.54
C LYS A 87 0.27 4.67 -10.97
N GLU A 88 1.49 5.20 -10.87
CA GLU A 88 2.61 4.42 -10.33
C GLU A 88 2.73 4.71 -8.84
N MET A 89 3.01 3.70 -8.02
CA MET A 89 3.35 3.88 -6.61
C MET A 89 4.48 2.94 -6.19
N LYS A 90 5.67 3.49 -5.98
CA LYS A 90 6.92 2.78 -5.70
C LYS A 90 7.09 2.62 -4.20
N TRP A 91 6.65 1.50 -3.64
CA TRP A 91 6.94 1.15 -2.26
C TRP A 91 8.29 0.45 -2.28
N GLU A 92 9.28 1.01 -1.59
CA GLU A 92 10.57 0.37 -1.36
C GLU A 92 10.59 -0.20 0.05
N ASN A 93 11.41 -1.24 0.27
CA ASN A 93 11.39 -2.11 1.43
C ASN A 93 11.49 -1.32 2.71
N ALA A 94 12.48 -0.44 2.86
CA ALA A 94 12.73 0.45 4.00
C ALA A 94 13.04 -0.25 5.33
N SER A 95 12.28 -1.26 5.72
CA SER A 95 12.49 -2.05 6.93
C SER A 95 12.75 -3.49 6.51
N PRO A 96 14.02 -3.82 6.16
CA PRO A 96 14.46 -5.16 5.80
C PRO A 96 14.37 -6.16 6.96
N LYS A 97 13.99 -5.72 8.16
CA LYS A 97 13.90 -6.53 9.37
C LYS A 97 12.48 -6.71 9.86
N ASP A 98 11.58 -5.75 9.58
CA ASP A 98 10.20 -5.90 10.00
C ASP A 98 9.50 -6.94 9.14
N GLY A 99 9.83 -6.99 7.84
CA GLY A 99 9.17 -7.88 6.87
C GLY A 99 8.40 -7.10 5.80
N ASN A 100 8.98 -6.03 5.26
CA ASN A 100 8.37 -5.23 4.18
C ASN A 100 8.88 -5.75 2.83
N SER A 101 8.46 -5.18 1.70
CA SER A 101 8.76 -5.72 0.38
C SER A 101 8.72 -4.57 -0.64
N ASP A 102 9.31 -4.79 -1.81
CA ASP A 102 9.68 -3.75 -2.78
C ASP A 102 9.12 -4.10 -4.15
N LYS A 103 7.92 -3.54 -4.40
CA LYS A 103 7.13 -3.66 -5.62
C LYS A 103 6.50 -2.32 -5.95
N ARG A 104 5.80 -2.22 -7.08
CA ARG A 104 5.27 -0.96 -7.54
C ARG A 104 3.79 -1.12 -7.82
N LEU A 105 2.97 -0.68 -6.88
CA LEU A 105 1.52 -0.77 -6.98
C LEU A 105 1.13 0.10 -8.14
N GLU A 106 0.34 -0.45 -9.05
CA GLU A 106 -0.39 0.39 -9.97
C GLU A 106 -1.71 0.76 -9.32
N LYS A 107 -2.31 1.80 -9.88
CA LYS A 107 -3.68 2.14 -9.60
C LYS A 107 -4.54 0.90 -9.81
N TYR A 108 -5.65 0.79 -9.08
CA TYR A 108 -6.62 -0.27 -9.32
C TYR A 108 -7.13 -0.14 -10.75
N ASN A 109 -6.66 -1.02 -11.62
CA ASN A 109 -7.02 -1.12 -13.03
C ASN A 109 -8.41 -1.72 -13.07
N ASP A 110 -9.40 -0.85 -13.00
CA ASP A 110 -10.82 -1.14 -12.81
C ASP A 110 -11.49 -1.39 -14.16
N GLY A 1 -0.30 21.78 -15.48
CA GLY A 1 -0.03 21.91 -14.05
C GLY A 1 0.71 20.68 -13.58
N ASP A 2 0.03 19.77 -12.91
CA ASP A 2 0.47 18.38 -12.81
C ASP A 2 0.45 17.74 -14.20
N GLU A 3 1.19 16.65 -14.36
CA GLU A 3 1.20 15.80 -15.55
C GLU A 3 1.10 14.34 -15.08
N ASP A 4 0.47 14.15 -13.92
CA ASP A 4 0.31 12.88 -13.23
C ASP A 4 1.65 12.33 -12.75
N ASP A 5 2.46 13.25 -12.25
CA ASP A 5 3.87 13.08 -11.91
C ASP A 5 4.23 13.74 -10.57
N LYS A 6 3.25 14.35 -9.93
CA LYS A 6 3.39 15.01 -8.65
C LYS A 6 2.88 14.07 -7.58
N VAL A 7 3.56 14.07 -6.44
CA VAL A 7 3.02 13.44 -5.25
C VAL A 7 1.79 14.26 -4.82
N GLU A 8 0.79 13.56 -4.29
CA GLU A 8 -0.29 14.11 -3.48
C GLU A 8 -0.43 13.18 -2.29
N ILE A 9 -0.94 13.69 -1.18
CA ILE A 9 -1.47 12.88 -0.09
C ILE A 9 -2.73 12.16 -0.63
N PRO A 10 -3.82 12.85 -1.03
CA PRO A 10 -5.10 12.19 -1.27
C PRO A 10 -5.18 11.38 -2.58
N GLN A 11 -4.11 11.30 -3.38
CA GLN A 11 -4.05 10.31 -4.45
C GLN A 11 -4.11 8.90 -3.86
N LEU A 12 -3.57 8.72 -2.66
CA LEU A 12 -3.47 7.42 -2.02
C LEU A 12 -4.84 6.76 -1.88
N VAL A 13 -5.87 7.55 -1.54
CA VAL A 13 -7.24 7.21 -1.11
C VAL A 13 -8.04 6.32 -2.10
N GLY A 14 -7.51 6.05 -3.28
CA GLY A 14 -8.02 5.03 -4.19
C GLY A 14 -7.55 3.63 -3.79
N LYS A 15 -7.60 2.74 -4.77
CA LYS A 15 -7.33 1.31 -4.62
C LYS A 15 -6.19 0.95 -5.56
N TRP A 16 -5.42 -0.07 -5.17
CA TRP A 16 -4.08 -0.30 -5.68
C TRP A 16 -3.77 -1.80 -5.66
N ILE A 17 -3.69 -2.45 -6.83
CA ILE A 17 -3.33 -3.85 -6.93
C ILE A 17 -1.84 -3.99 -6.61
N VAL A 18 -1.47 -5.08 -5.94
CA VAL A 18 -0.09 -5.45 -5.63
C VAL A 18 0.37 -6.58 -6.56
N LYS A 19 -0.30 -6.73 -7.71
CA LYS A 19 -0.11 -7.85 -8.63
C LYS A 19 1.10 -7.62 -9.55
N GLU A 20 1.98 -6.69 -9.20
CA GLU A 20 3.13 -6.41 -10.06
C GLU A 20 4.28 -5.96 -9.16
N PRO A 21 5.35 -6.76 -9.05
CA PRO A 21 5.37 -8.18 -9.39
C PRO A 21 4.38 -8.95 -8.53
N VAL A 22 3.75 -9.94 -9.13
CA VAL A 22 2.83 -10.83 -8.42
C VAL A 22 3.65 -11.89 -7.68
N LEU A 23 3.02 -12.54 -6.70
CA LEU A 23 3.58 -13.63 -5.93
C LEU A 23 3.40 -14.94 -6.69
N GLN A 24 3.80 -16.06 -6.08
CA GLN A 24 3.53 -17.40 -6.59
C GLN A 24 2.06 -17.78 -6.36
N ASP A 25 1.71 -18.96 -6.88
CA ASP A 25 0.43 -19.66 -6.93
C ASP A 25 -0.61 -18.74 -7.55
N ASP A 26 -1.22 -17.91 -6.71
CA ASP A 26 -2.17 -16.86 -7.07
C ASP A 26 -2.42 -15.93 -5.88
N PHE A 27 -1.40 -15.70 -5.06
CA PHE A 27 -1.50 -14.76 -3.97
C PHE A 27 -1.52 -13.34 -4.55
N VAL A 28 -2.67 -12.71 -4.46
CA VAL A 28 -2.96 -11.38 -5.02
C VAL A 28 -3.52 -10.49 -3.91
N THR A 29 -3.37 -9.18 -4.05
CA THR A 29 -3.75 -8.21 -3.03
C THR A 29 -4.19 -6.92 -3.72
N CYS A 30 -5.06 -6.16 -3.05
CA CYS A 30 -5.50 -4.82 -3.41
C CYS A 30 -5.35 -3.95 -2.16
N TYR A 31 -4.21 -3.28 -2.01
CA TYR A 31 -4.04 -2.22 -1.02
C TYR A 31 -5.15 -1.21 -1.27
N THR A 32 -5.92 -0.90 -0.24
CA THR A 32 -6.95 0.13 -0.30
C THR A 32 -6.73 1.03 0.90
N PHE A 33 -6.94 2.34 0.75
CA PHE A 33 -6.81 3.30 1.84
C PHE A 33 -8.08 4.14 1.84
N ASN A 34 -8.68 4.33 3.01
CA ASN A 34 -9.86 5.17 3.14
C ASN A 34 -9.44 6.64 3.08
N ALA A 35 -10.42 7.55 3.02
CA ALA A 35 -10.19 8.98 3.09
C ALA A 35 -9.33 9.35 4.30
N ASP A 36 -9.59 8.67 5.41
CA ASP A 36 -8.77 8.68 6.63
C ASP A 36 -8.97 7.41 7.47
N LYS A 37 -10.13 6.75 7.39
CA LYS A 37 -10.59 5.96 8.52
C LYS A 37 -9.81 4.68 8.81
N THR A 38 -9.18 4.07 7.80
CA THR A 38 -8.55 2.76 7.86
C THR A 38 -7.84 2.49 6.52
N TYR A 39 -7.18 1.33 6.40
CA TYR A 39 -6.76 0.74 5.14
C TYR A 39 -7.23 -0.72 5.12
N GLU A 40 -7.12 -1.39 3.97
CA GLU A 40 -7.33 -2.83 3.82
C GLU A 40 -6.11 -3.43 3.12
N VAL A 41 -5.75 -4.66 3.49
CA VAL A 41 -4.83 -5.54 2.78
C VAL A 41 -5.36 -6.97 2.94
N TYR A 42 -5.16 -7.86 1.96
CA TYR A 42 -5.30 -9.30 2.17
C TYR A 42 -4.58 -10.09 1.08
N THR A 43 -4.31 -11.37 1.30
CA THR A 43 -4.05 -12.31 0.21
C THR A 43 -4.47 -13.71 0.63
N GLY A 44 -4.65 -14.58 -0.37
CA GLY A 44 -5.00 -15.99 -0.25
C GLY A 44 -6.42 -16.20 0.26
N SER A 45 -7.27 -16.78 -0.58
CA SER A 45 -8.65 -17.10 -0.24
C SER A 45 -9.06 -18.39 -0.96
N PRO A 46 -9.89 -19.24 -0.32
CA PRO A 46 -10.35 -20.48 -0.95
C PRO A 46 -11.37 -20.21 -2.06
N LEU A 47 -11.93 -18.99 -2.12
CA LEU A 47 -12.91 -18.54 -3.10
C LEU A 47 -12.76 -17.04 -3.34
N SER A 48 -12.69 -16.29 -2.25
CA SER A 48 -12.65 -14.84 -2.19
C SER A 48 -12.60 -14.45 -0.72
N ASN A 49 -11.74 -13.49 -0.39
CA ASN A 49 -11.81 -12.62 0.79
C ASN A 49 -12.19 -13.42 2.05
N GLY A 50 -11.24 -14.17 2.54
CA GLY A 50 -11.36 -15.08 3.68
C GLY A 50 -11.10 -14.32 4.97
N VAL A 51 -9.84 -13.95 5.16
CA VAL A 51 -9.39 -13.15 6.29
C VAL A 51 -8.75 -11.87 5.75
N PRO A 52 -9.55 -10.84 5.48
CA PRO A 52 -9.01 -9.54 5.16
C PRO A 52 -8.41 -8.92 6.43
N PHE A 53 -7.50 -7.98 6.22
CA PHE A 53 -6.84 -7.25 7.27
C PHE A 53 -7.20 -5.78 7.11
N ARG A 54 -7.33 -5.10 8.24
CA ARG A 54 -7.62 -3.68 8.35
C ARG A 54 -6.69 -3.10 9.41
N GLY A 55 -6.43 -1.80 9.32
CA GLY A 55 -5.53 -1.09 10.21
C GLY A 55 -5.61 0.40 9.90
N THR A 56 -4.65 1.20 10.33
CA THR A 56 -4.64 2.66 10.16
C THR A 56 -3.26 3.10 9.68
N TYR A 57 -3.21 3.97 8.68
CA TYR A 57 -1.99 4.44 8.01
C TYR A 57 -1.55 5.80 8.58
N ILE A 58 -0.24 6.04 8.70
CA ILE A 58 0.34 7.28 9.21
C ILE A 58 1.49 7.74 8.32
N ILE A 59 1.29 8.85 7.62
CA ILE A 59 2.35 9.59 6.93
C ILE A 59 3.18 10.32 8.00
N SER A 60 4.49 10.47 7.76
CA SER A 60 5.37 11.26 8.60
C SER A 60 5.25 12.75 8.22
N LEU A 61 6.30 13.54 8.47
CA LEU A 61 6.33 14.99 8.22
C LEU A 61 5.89 15.31 6.80
N ASP A 62 6.66 14.85 5.81
CA ASP A 62 6.36 15.06 4.39
C ASP A 62 6.56 13.71 3.72
N GLU A 63 7.79 13.39 3.30
CA GLU A 63 8.13 12.13 2.69
C GLU A 63 8.75 11.18 3.72
N LYS A 64 9.09 11.71 4.90
CA LYS A 64 10.11 11.20 5.82
C LYS A 64 10.04 9.69 6.03
N LEU A 65 8.85 9.15 6.30
CA LEU A 65 8.51 7.76 6.02
C LEU A 65 6.99 7.59 6.10
N ILE A 66 6.48 6.39 5.82
CA ILE A 66 5.09 6.01 6.04
C ILE A 66 5.08 4.60 6.66
N LYS A 67 4.38 4.40 7.78
CA LYS A 67 4.22 3.13 8.47
C LYS A 67 2.74 2.84 8.67
N LEU A 68 2.32 1.64 8.28
CA LEU A 68 0.99 1.07 8.45
C LEU A 68 0.96 0.38 9.81
N TYR A 69 -0.12 0.59 10.56
CA TYR A 69 -0.33 -0.01 11.86
C TYR A 69 -1.45 -1.03 11.76
N ASP A 70 -1.59 -1.90 12.76
CA ASP A 70 -2.72 -2.81 12.89
C ASP A 70 -3.62 -2.44 14.05
N LYS A 71 -4.54 -3.35 14.36
CA LYS A 71 -5.57 -3.19 15.39
C LYS A 71 -4.99 -3.25 16.80
N GLU A 72 -3.74 -3.71 16.98
CA GLU A 72 -2.99 -3.66 18.23
C GLU A 72 -2.12 -2.39 18.25
N GLU A 73 -2.25 -1.55 17.21
CA GLU A 73 -1.71 -0.21 17.07
C GLU A 73 -0.20 -0.15 17.29
N HIS A 74 0.52 -1.19 16.86
CA HIS A 74 1.93 -1.08 16.52
C HIS A 74 2.06 -0.96 15.00
N CYS A 75 3.15 -0.38 14.53
CA CYS A 75 3.52 -0.39 13.13
C CYS A 75 3.99 -1.81 12.77
N THR A 76 3.36 -2.44 11.78
CA THR A 76 3.67 -3.79 11.34
C THR A 76 4.25 -3.79 9.92
N GLU A 77 4.02 -2.74 9.13
CA GLU A 77 4.63 -2.57 7.82
C GLU A 77 5.08 -1.12 7.68
N GLN A 78 6.14 -0.87 6.90
CA GLN A 78 6.63 0.47 6.64
C GLN A 78 7.21 0.45 5.23
N TYR A 79 7.10 1.55 4.49
CA TYR A 79 7.53 1.58 3.09
C TYR A 79 8.10 2.96 2.76
N HIS A 80 9.13 3.00 1.90
CA HIS A 80 9.70 4.24 1.42
C HIS A 80 8.88 4.74 0.22
N ILE A 81 8.25 5.92 0.34
CA ILE A 81 7.63 6.60 -0.79
C ILE A 81 8.78 7.06 -1.68
N LEU A 82 8.81 6.58 -2.92
CA LEU A 82 9.66 7.17 -3.94
C LEU A 82 8.81 8.13 -4.77
N LYS A 83 7.69 7.68 -5.34
CA LYS A 83 6.64 8.50 -5.92
C LYS A 83 5.28 7.91 -5.56
N LEU A 84 4.27 8.76 -5.67
CA LEU A 84 2.84 8.50 -5.66
C LEU A 84 2.36 9.29 -6.86
N THR A 85 1.50 8.73 -7.71
CA THR A 85 0.73 9.47 -8.71
C THR A 85 -0.71 8.95 -8.71
N SER A 86 -1.60 9.40 -9.61
CA SER A 86 -2.93 8.86 -9.76
C SER A 86 -2.93 7.44 -10.32
N LYS A 87 -1.80 6.88 -10.73
CA LYS A 87 -1.73 5.54 -11.28
C LYS A 87 -0.51 4.74 -10.85
N GLU A 88 0.54 5.36 -10.32
CA GLU A 88 1.82 4.72 -10.10
C GLU A 88 2.25 4.90 -8.64
N MET A 89 2.73 3.85 -7.98
CA MET A 89 3.16 3.93 -6.59
C MET A 89 4.33 2.99 -6.33
N LYS A 90 5.50 3.59 -6.04
CA LYS A 90 6.72 2.90 -5.65
C LYS A 90 6.85 2.97 -4.15
N TRP A 91 6.32 1.95 -3.47
CA TRP A 91 6.70 1.60 -2.12
C TRP A 91 7.95 0.76 -2.26
N GLU A 92 9.13 1.32 -2.04
CA GLU A 92 10.31 0.50 -1.82
C GLU A 92 10.27 -0.02 -0.39
N ASN A 93 11.05 -1.07 -0.08
CA ASN A 93 11.19 -1.63 1.26
C ASN A 93 11.45 -0.53 2.28
N ALA A 94 12.56 0.18 2.13
CA ALA A 94 13.26 0.94 3.17
C ALA A 94 13.78 0.04 4.29
N SER A 95 12.98 -0.84 4.90
CA SER A 95 13.38 -1.46 6.17
C SER A 95 13.41 -2.99 6.09
N PRO A 96 14.44 -3.56 5.43
CA PRO A 96 14.58 -5.01 5.27
C PRO A 96 14.77 -5.75 6.60
N LYS A 97 14.92 -5.03 7.73
CA LYS A 97 15.11 -5.61 9.06
C LYS A 97 13.83 -6.31 9.55
N ASP A 98 12.69 -5.63 9.52
CA ASP A 98 11.41 -6.22 9.89
C ASP A 98 10.96 -7.16 8.80
N GLY A 99 11.14 -6.78 7.53
CA GLY A 99 10.54 -7.51 6.42
C GLY A 99 9.42 -6.66 5.82
N ASN A 100 9.66 -6.09 4.64
CA ASN A 100 8.66 -5.39 3.83
C ASN A 100 8.61 -6.09 2.45
N SER A 101 8.13 -5.42 1.40
CA SER A 101 8.18 -5.87 0.01
C SER A 101 8.16 -4.68 -0.98
N ASP A 102 8.96 -4.75 -2.02
CA ASP A 102 9.51 -3.63 -2.79
C ASP A 102 8.87 -3.48 -4.19
N LYS A 103 7.56 -3.70 -4.29
CA LYS A 103 6.83 -3.95 -5.56
C LYS A 103 6.63 -2.67 -6.38
N ARG A 104 5.75 -2.61 -7.38
CA ARG A 104 5.19 -1.32 -7.83
C ARG A 104 3.69 -1.44 -8.12
N LEU A 105 2.87 -0.83 -7.26
CA LEU A 105 1.42 -0.87 -7.38
C LEU A 105 1.02 0.05 -8.53
N GLU A 106 0.10 -0.43 -9.37
CA GLU A 106 -0.29 0.17 -10.65
C GLU A 106 -1.81 0.30 -10.69
N LYS A 107 -2.30 1.11 -9.75
CA LYS A 107 -3.71 1.34 -9.46
C LYS A 107 -4.51 0.05 -9.45
N TYR A 108 -5.83 0.13 -9.52
CA TYR A 108 -6.70 -1.04 -9.44
C TYR A 108 -7.42 -1.18 -10.77
N ASN A 109 -6.66 -1.61 -11.78
CA ASN A 109 -7.00 -1.58 -13.21
C ASN A 109 -7.66 -0.23 -13.58
N ASP A 110 -6.99 0.89 -13.33
CA ASP A 110 -7.58 2.23 -13.42
C ASP A 110 -6.50 3.22 -13.85
N GLY A 1 0.19 11.16 -21.50
CA GLY A 1 -0.94 11.32 -20.59
C GLY A 1 -0.82 12.64 -19.87
N ASP A 2 -1.88 13.44 -19.91
CA ASP A 2 -1.90 14.82 -19.50
C ASP A 2 -1.96 14.93 -17.98
N GLU A 3 -0.89 15.45 -17.36
CA GLU A 3 -0.86 15.93 -15.99
C GLU A 3 -1.30 14.87 -14.98
N ASP A 4 -0.88 13.62 -15.18
CA ASP A 4 -1.35 12.44 -14.46
C ASP A 4 -0.26 11.89 -13.54
N ASP A 5 0.73 12.72 -13.24
CA ASP A 5 2.01 12.28 -12.69
C ASP A 5 2.61 13.23 -11.64
N LYS A 6 1.87 13.51 -10.56
CA LYS A 6 2.39 14.17 -9.35
C LYS A 6 1.97 13.40 -8.11
N VAL A 7 2.58 13.69 -6.96
CA VAL A 7 2.42 12.96 -5.69
C VAL A 7 1.54 13.80 -4.77
N GLU A 8 0.34 13.32 -4.48
CA GLU A 8 -0.74 14.03 -3.80
C GLU A 8 -1.26 13.27 -2.57
N ILE A 9 -2.03 13.96 -1.72
CA ILE A 9 -2.65 13.43 -0.50
C ILE A 9 -3.82 12.50 -0.86
N PRO A 10 -4.95 12.96 -1.44
CA PRO A 10 -6.10 12.10 -1.70
C PRO A 10 -5.79 11.00 -2.71
N GLN A 11 -4.70 11.12 -3.48
CA GLN A 11 -4.30 10.10 -4.42
C GLN A 11 -3.75 8.85 -3.73
N LEU A 12 -3.37 8.89 -2.45
CA LEU A 12 -3.09 7.66 -1.71
C LEU A 12 -4.35 6.81 -1.60
N VAL A 13 -5.48 7.46 -1.33
CA VAL A 13 -6.72 6.88 -0.82
C VAL A 13 -7.35 5.87 -1.79
N GLY A 14 -7.05 5.94 -3.08
CA GLY A 14 -7.55 5.02 -4.08
C GLY A 14 -6.97 3.61 -3.89
N LYS A 15 -7.23 2.75 -4.87
CA LYS A 15 -6.98 1.31 -4.74
C LYS A 15 -5.71 0.93 -5.48
N TRP A 16 -5.04 -0.13 -5.04
CA TRP A 16 -3.68 -0.44 -5.41
C TRP A 16 -3.45 -1.94 -5.31
N ILE A 17 -3.14 -2.62 -6.41
CA ILE A 17 -2.88 -4.04 -6.40
C ILE A 17 -1.37 -4.25 -6.37
N VAL A 18 -0.90 -5.12 -5.48
CA VAL A 18 0.51 -5.48 -5.26
C VAL A 18 1.01 -6.39 -6.42
N LYS A 19 0.23 -6.54 -7.49
CA LYS A 19 0.38 -7.58 -8.50
C LYS A 19 1.49 -7.20 -9.48
N GLU A 20 2.60 -6.66 -9.01
CA GLU A 20 3.55 -5.96 -9.84
C GLU A 20 4.84 -5.71 -9.03
N PRO A 21 5.90 -6.52 -9.24
CA PRO A 21 5.83 -7.83 -9.87
C PRO A 21 5.07 -8.83 -8.98
N VAL A 22 4.45 -9.83 -9.60
CA VAL A 22 3.44 -10.72 -9.01
C VAL A 22 4.06 -11.61 -7.91
N LEU A 23 3.23 -12.25 -7.08
CA LEU A 23 3.68 -13.27 -6.14
C LEU A 23 3.47 -14.66 -6.72
N GLN A 24 4.29 -15.59 -6.25
CA GLN A 24 4.15 -17.04 -6.46
C GLN A 24 3.04 -17.58 -5.55
N ASP A 25 2.80 -18.90 -5.61
CA ASP A 25 1.89 -19.64 -4.73
C ASP A 25 0.43 -19.26 -5.02
N ASP A 26 0.23 -18.56 -6.14
CA ASP A 26 -0.98 -17.95 -6.67
C ASP A 26 -1.69 -17.01 -5.69
N PHE A 27 -0.97 -16.51 -4.68
CA PHE A 27 -1.40 -15.42 -3.85
C PHE A 27 -1.33 -14.12 -4.63
N VAL A 28 -2.10 -13.18 -4.14
CA VAL A 28 -2.23 -11.79 -4.55
C VAL A 28 -2.50 -10.97 -3.28
N THR A 29 -2.36 -9.65 -3.39
CA THR A 29 -2.81 -8.68 -2.42
C THR A 29 -3.14 -7.34 -3.13
N CYS A 30 -3.93 -6.49 -2.48
CA CYS A 30 -4.15 -5.09 -2.75
C CYS A 30 -4.12 -4.29 -1.43
N TYR A 31 -4.13 -2.97 -1.51
CA TYR A 31 -4.03 -2.04 -0.39
C TYR A 31 -4.97 -0.88 -0.68
N THR A 32 -6.14 -0.86 -0.04
CA THR A 32 -7.03 0.30 -0.10
C THR A 32 -6.79 1.09 1.18
N PHE A 33 -6.67 2.42 1.09
CA PHE A 33 -6.67 3.28 2.28
C PHE A 33 -8.01 4.00 2.35
N ASN A 34 -8.33 4.62 3.48
CA ASN A 34 -9.40 5.62 3.53
C ASN A 34 -8.77 7.00 3.40
N ALA A 35 -9.63 8.03 3.35
CA ALA A 35 -9.24 9.44 3.28
C ALA A 35 -8.14 9.78 4.28
N ASP A 36 -8.24 9.17 5.46
CA ASP A 36 -7.30 9.24 6.59
C ASP A 36 -7.58 8.15 7.62
N LYS A 37 -8.80 7.61 7.65
CA LYS A 37 -9.36 7.07 8.88
C LYS A 37 -9.05 5.61 9.19
N THR A 38 -8.52 4.83 8.24
CA THR A 38 -8.19 3.41 8.34
C THR A 38 -7.57 2.93 7.00
N TYR A 39 -7.24 1.63 6.88
CA TYR A 39 -6.94 0.94 5.64
C TYR A 39 -7.66 -0.41 5.59
N GLU A 40 -7.48 -1.12 4.48
CA GLU A 40 -7.83 -2.51 4.27
C GLU A 40 -6.64 -3.18 3.56
N VAL A 41 -6.33 -4.42 3.91
CA VAL A 41 -5.39 -5.33 3.24
C VAL A 41 -5.91 -6.75 3.52
N TYR A 42 -5.47 -7.76 2.78
CA TYR A 42 -5.64 -9.18 3.11
C TYR A 42 -4.64 -10.00 2.29
N THR A 43 -4.74 -11.33 2.31
CA THR A 43 -4.01 -12.15 1.35
C THR A 43 -4.89 -13.26 0.79
N GLY A 44 -4.52 -13.74 -0.39
CA GLY A 44 -5.15 -14.90 -0.99
C GLY A 44 -6.49 -14.51 -1.60
N SER A 45 -7.41 -15.46 -1.71
CA SER A 45 -8.77 -15.30 -2.23
C SER A 45 -8.77 -14.45 -3.52
N PRO A 46 -8.30 -14.98 -4.67
CA PRO A 46 -8.46 -14.32 -5.95
C PRO A 46 -9.94 -14.21 -6.37
N LEU A 47 -10.83 -14.89 -5.66
CA LEU A 47 -12.27 -14.80 -5.75
C LEU A 47 -12.70 -13.38 -5.33
N SER A 48 -12.71 -13.07 -4.03
CA SER A 48 -13.23 -11.83 -3.50
C SER A 48 -12.60 -11.56 -2.13
N ASN A 49 -12.77 -10.36 -1.60
CA ASN A 49 -12.41 -10.03 -0.22
C ASN A 49 -13.39 -10.71 0.75
N GLY A 50 -13.03 -11.92 1.18
CA GLY A 50 -13.77 -12.74 2.11
C GLY A 50 -13.88 -12.11 3.48
N VAL A 51 -12.76 -11.94 4.17
CA VAL A 51 -12.68 -11.36 5.50
C VAL A 51 -11.38 -10.55 5.66
N PRO A 52 -11.35 -9.30 5.17
CA PRO A 52 -10.11 -8.53 5.09
C PRO A 52 -9.67 -8.03 6.45
N PHE A 53 -8.46 -7.50 6.53
CA PHE A 53 -7.94 -6.76 7.68
C PHE A 53 -8.42 -5.31 7.62
N ARG A 54 -8.27 -4.58 8.72
CA ARG A 54 -8.40 -3.13 8.83
C ARG A 54 -7.53 -2.65 9.98
N GLY A 55 -6.85 -1.50 9.83
CA GLY A 55 -6.02 -0.88 10.87
C GLY A 55 -5.83 0.60 10.54
N THR A 56 -4.69 1.22 10.84
CA THR A 56 -4.43 2.62 10.49
C THR A 56 -3.01 2.82 9.95
N TYR A 57 -2.75 3.97 9.32
CA TYR A 57 -1.43 4.39 8.84
C TYR A 57 -0.97 5.61 9.63
N ILE A 58 0.33 5.89 9.57
CA ILE A 58 0.97 7.06 10.17
C ILE A 58 2.02 7.55 9.16
N ILE A 59 2.08 8.87 8.93
CA ILE A 59 2.97 9.56 7.98
C ILE A 59 3.51 10.82 8.68
N SER A 60 4.83 10.94 8.80
CA SER A 60 5.49 12.12 9.37
C SER A 60 5.47 13.30 8.40
N LEU A 61 5.48 14.54 8.93
CA LEU A 61 5.44 15.76 8.12
C LEU A 61 6.70 15.92 7.27
N ASP A 62 7.86 16.00 7.91
CA ASP A 62 9.14 16.18 7.22
C ASP A 62 9.47 14.89 6.47
N GLU A 63 9.50 13.79 7.21
CA GLU A 63 10.19 12.55 6.83
C GLU A 63 9.44 11.82 5.71
N LYS A 64 8.11 12.02 5.62
CA LYS A 64 7.21 11.40 4.64
C LYS A 64 7.52 9.90 4.48
N LEU A 65 7.58 9.25 5.64
CA LEU A 65 7.60 7.81 5.82
C LEU A 65 6.15 7.31 5.81
N ILE A 66 5.90 6.00 5.75
CA ILE A 66 4.60 5.46 6.11
C ILE A 66 4.81 4.14 6.85
N LYS A 67 4.15 3.95 7.99
CA LYS A 67 4.00 2.63 8.61
C LYS A 67 2.51 2.32 8.68
N LEU A 68 2.22 1.02 8.67
CA LEU A 68 0.89 0.43 8.74
C LEU A 68 0.84 -0.20 10.12
N TYR A 69 -0.24 0.00 10.87
CA TYR A 69 -0.38 -0.48 12.21
C TYR A 69 -1.62 -1.35 12.31
N ASP A 70 -1.54 -2.40 13.13
CA ASP A 70 -2.65 -3.34 13.30
C ASP A 70 -3.33 -3.06 14.65
N LYS A 71 -4.25 -3.93 15.09
CA LYS A 71 -5.00 -3.72 16.32
C LYS A 71 -4.06 -3.72 17.53
N GLU A 72 -3.09 -4.64 17.59
CA GLU A 72 -2.02 -4.65 18.58
C GLU A 72 -0.86 -3.70 18.19
N GLU A 73 -1.13 -2.72 17.31
CA GLU A 73 -0.31 -1.55 17.00
C GLU A 73 1.19 -1.82 16.82
N HIS A 74 1.56 -2.98 16.27
CA HIS A 74 2.94 -3.41 16.30
C HIS A 74 3.74 -3.06 15.04
N CYS A 75 3.23 -2.13 14.23
CA CYS A 75 3.75 -1.66 12.95
C CYS A 75 4.20 -2.82 12.06
N THR A 76 3.25 -3.47 11.39
CA THR A 76 3.44 -4.69 10.62
C THR A 76 4.61 -4.54 9.65
N GLU A 77 4.51 -3.55 8.79
CA GLU A 77 5.47 -3.24 7.74
C GLU A 77 5.66 -1.74 7.71
N GLN A 78 6.79 -1.34 7.14
CA GLN A 78 7.18 0.02 6.97
C GLN A 78 7.52 0.25 5.52
N TYR A 79 7.26 1.44 5.01
CA TYR A 79 7.62 1.79 3.65
C TYR A 79 8.11 3.22 3.65
N HIS A 80 9.02 3.56 2.75
CA HIS A 80 9.20 4.96 2.37
C HIS A 80 8.31 5.25 1.17
N ILE A 81 7.49 6.29 1.29
CA ILE A 81 6.87 6.92 0.13
C ILE A 81 8.04 7.58 -0.61
N LEU A 82 8.17 7.32 -1.89
CA LEU A 82 9.10 7.98 -2.79
C LEU A 82 8.36 8.83 -3.80
N LYS A 83 7.45 8.25 -4.58
CA LYS A 83 6.62 8.91 -5.58
C LYS A 83 5.31 8.12 -5.73
N LEU A 84 4.23 8.84 -6.01
CA LEU A 84 2.86 8.34 -6.10
C LEU A 84 2.24 9.14 -7.25
N THR A 85 1.36 8.55 -8.06
CA THR A 85 0.55 9.26 -9.05
C THR A 85 -0.85 8.65 -9.15
N SER A 86 -1.69 9.14 -10.05
CA SER A 86 -2.95 8.51 -10.45
C SER A 86 -2.85 7.04 -10.89
N LYS A 87 -1.65 6.46 -11.04
CA LYS A 87 -1.46 5.14 -11.65
C LYS A 87 -0.16 4.40 -11.25
N GLU A 88 0.77 5.04 -10.54
CA GLU A 88 2.14 4.56 -10.36
C GLU A 88 2.58 4.88 -8.93
N MET A 89 2.96 3.88 -8.11
CA MET A 89 3.36 4.11 -6.72
C MET A 89 4.51 3.22 -6.31
N LYS A 90 5.49 3.83 -5.63
CA LYS A 90 6.75 3.20 -5.27
C LYS A 90 6.93 3.19 -3.76
N TRP A 91 6.73 2.03 -3.13
CA TRP A 91 6.79 1.84 -1.68
C TRP A 91 8.12 1.14 -1.39
N GLU A 92 9.18 1.92 -1.19
CA GLU A 92 10.52 1.43 -0.92
C GLU A 92 10.54 0.74 0.45
N ASN A 93 11.32 -0.33 0.59
CA ASN A 93 11.31 -1.29 1.68
C ASN A 93 11.56 -0.71 3.09
N ALA A 94 12.58 0.11 3.27
CA ALA A 94 13.02 0.70 4.54
C ALA A 94 13.42 -0.29 5.64
N SER A 95 13.22 -1.61 5.50
CA SER A 95 13.68 -2.61 6.45
C SER A 95 14.08 -3.91 5.74
N PRO A 96 15.26 -3.97 5.12
CA PRO A 96 15.74 -5.16 4.44
C PRO A 96 16.11 -6.27 5.42
N LYS A 97 16.06 -6.01 6.73
CA LYS A 97 16.08 -7.03 7.79
C LYS A 97 15.01 -8.10 7.59
N ASP A 98 13.96 -7.76 6.87
CA ASP A 98 12.78 -8.57 6.62
C ASP A 98 12.56 -8.68 5.11
N GLY A 99 12.94 -7.64 4.36
CA GLY A 99 12.83 -7.58 2.90
C GLY A 99 11.48 -7.06 2.41
N ASN A 100 10.62 -6.60 3.32
CA ASN A 100 9.26 -6.13 3.07
C ASN A 100 9.19 -5.05 1.98
N SER A 101 8.42 -5.25 0.91
CA SER A 101 8.28 -4.21 -0.11
C SER A 101 9.53 -4.00 -0.95
N ASP A 102 9.52 -2.85 -1.60
CA ASP A 102 10.06 -2.42 -2.86
C ASP A 102 9.59 -3.33 -3.98
N LYS A 103 8.27 -3.27 -4.12
CA LYS A 103 7.52 -3.61 -5.34
C LYS A 103 6.89 -2.33 -5.87
N ARG A 104 6.08 -2.43 -6.93
CA ARG A 104 5.70 -1.28 -7.73
C ARG A 104 4.20 -1.26 -7.98
N LEU A 105 3.42 -0.73 -7.04
CA LEU A 105 1.95 -0.81 -7.02
C LEU A 105 1.42 -0.05 -8.22
N GLU A 106 0.67 -0.75 -9.08
CA GLU A 106 0.31 -0.24 -10.39
C GLU A 106 -1.21 -0.07 -10.47
N LYS A 107 -1.74 0.68 -9.51
CA LYS A 107 -3.17 0.91 -9.37
C LYS A 107 -3.96 -0.39 -9.23
N TYR A 108 -5.29 -0.35 -9.29
CA TYR A 108 -6.13 -1.52 -9.06
C TYR A 108 -6.67 -2.04 -10.38
N ASN A 109 -5.94 -2.98 -10.98
CA ASN A 109 -6.21 -3.42 -12.35
C ASN A 109 -7.06 -4.70 -12.34
N ASP A 110 -7.99 -4.77 -11.39
CA ASP A 110 -9.11 -5.68 -11.16
C ASP A 110 -8.74 -7.07 -10.66
N GLY A 1 -0.24 19.60 -16.57
CA GLY A 1 1.07 19.09 -16.97
C GLY A 1 1.31 17.80 -16.22
N ASP A 2 0.83 16.70 -16.78
CA ASP A 2 0.81 15.39 -16.11
C ASP A 2 2.27 14.93 -15.97
N GLU A 3 2.66 14.43 -14.80
CA GLU A 3 3.99 13.91 -14.48
C GLU A 3 5.02 15.06 -14.36
N ASP A 4 4.99 15.79 -13.26
CA ASP A 4 5.86 16.92 -12.92
C ASP A 4 6.55 16.69 -11.57
N ASP A 5 6.77 15.42 -11.23
CA ASP A 5 7.58 14.91 -10.12
C ASP A 5 6.91 15.21 -8.78
N LYS A 6 5.59 15.06 -8.75
CA LYS A 6 4.76 15.36 -7.60
C LYS A 6 3.85 14.17 -7.31
N VAL A 7 3.88 13.73 -6.07
CA VAL A 7 2.97 12.77 -5.48
C VAL A 7 1.53 13.34 -5.52
N GLU A 8 0.52 12.51 -5.31
CA GLU A 8 -0.88 12.93 -5.36
C GLU A 8 -1.56 12.62 -4.02
N ILE A 9 -1.71 13.62 -3.17
CA ILE A 9 -2.29 13.49 -1.85
C ILE A 9 -3.72 12.92 -1.90
N PRO A 10 -4.71 13.58 -2.55
CA PRO A 10 -6.10 13.12 -2.50
C PRO A 10 -6.37 11.87 -3.34
N GLN A 11 -5.36 11.29 -3.98
CA GLN A 11 -5.48 10.16 -4.90
C GLN A 11 -5.26 8.83 -4.20
N LEU A 12 -4.59 8.85 -3.05
CA LEU A 12 -4.14 7.65 -2.37
C LEU A 12 -5.32 6.77 -1.99
N VAL A 13 -6.40 7.35 -1.48
CA VAL A 13 -7.70 6.75 -1.14
C VAL A 13 -8.29 5.83 -2.23
N GLY A 14 -7.77 5.84 -3.45
CA GLY A 14 -8.04 4.79 -4.42
C GLY A 14 -7.69 3.39 -3.88
N LYS A 15 -8.19 2.41 -4.61
CA LYS A 15 -7.81 1.01 -4.46
C LYS A 15 -6.54 0.78 -5.27
N TRP A 16 -5.71 -0.16 -4.83
CA TRP A 16 -4.43 -0.45 -5.48
C TRP A 16 -4.13 -1.95 -5.50
N ILE A 17 -3.86 -2.53 -6.68
CA ILE A 17 -3.52 -3.93 -6.86
C ILE A 17 -2.01 -4.09 -6.68
N VAL A 18 -1.57 -5.19 -6.08
CA VAL A 18 -0.17 -5.58 -5.94
C VAL A 18 0.16 -6.73 -6.89
N LYS A 19 -0.69 -6.94 -7.89
CA LYS A 19 -0.55 -8.00 -8.90
C LYS A 19 0.52 -7.62 -9.94
N GLU A 20 1.36 -6.64 -9.64
CA GLU A 20 2.28 -6.05 -10.57
C GLU A 20 3.42 -5.50 -9.71
N PRO A 21 4.57 -6.18 -9.63
CA PRO A 21 4.76 -7.57 -10.02
C PRO A 21 4.01 -8.52 -9.08
N VAL A 22 3.71 -9.73 -9.54
CA VAL A 22 2.95 -10.74 -8.81
C VAL A 22 3.81 -11.97 -8.56
N LEU A 23 3.25 -12.75 -7.64
CA LEU A 23 3.79 -13.96 -7.10
C LEU A 23 3.34 -15.07 -8.06
N GLN A 24 3.27 -16.26 -7.51
CA GLN A 24 2.68 -17.44 -8.11
C GLN A 24 1.59 -18.01 -7.22
N ASP A 25 1.14 -19.21 -7.61
CA ASP A 25 0.05 -20.01 -7.08
C ASP A 25 -1.25 -19.24 -7.21
N ASP A 26 -1.52 -18.36 -6.25
CA ASP A 26 -2.70 -17.53 -6.18
C ASP A 26 -2.51 -16.32 -5.24
N PHE A 27 -1.30 -16.09 -4.69
CA PHE A 27 -1.06 -14.93 -3.84
C PHE A 27 -1.14 -13.66 -4.67
N VAL A 28 -2.14 -12.85 -4.38
CA VAL A 28 -2.26 -11.46 -4.78
C VAL A 28 -2.51 -10.65 -3.51
N THR A 29 -2.37 -9.32 -3.59
CA THR A 29 -2.81 -8.39 -2.55
C THR A 29 -3.51 -7.23 -3.25
N CYS A 30 -4.47 -6.65 -2.53
CA CYS A 30 -5.11 -5.40 -2.87
C CYS A 30 -5.06 -4.55 -1.61
N TYR A 31 -4.36 -3.42 -1.63
CA TYR A 31 -4.48 -2.44 -0.55
C TYR A 31 -5.69 -1.56 -0.86
N THR A 32 -6.37 -1.08 0.16
CA THR A 32 -7.29 0.03 0.05
C THR A 32 -6.91 1.02 1.15
N PHE A 33 -6.34 2.17 0.80
CA PHE A 33 -6.17 3.22 1.79
C PHE A 33 -7.51 3.98 1.91
N ASN A 34 -7.58 4.98 2.79
CA ASN A 34 -8.73 5.89 2.89
C ASN A 34 -8.20 7.31 2.72
N ALA A 35 -9.07 8.31 2.82
CA ALA A 35 -8.64 9.70 2.74
C ALA A 35 -7.85 10.13 3.97
N ASP A 36 -8.29 9.67 5.15
CA ASP A 36 -7.79 10.09 6.46
C ASP A 36 -8.26 9.21 7.63
N LYS A 37 -9.11 8.19 7.42
CA LYS A 37 -9.70 7.36 8.47
C LYS A 37 -8.87 6.11 8.73
N THR A 38 -8.95 5.08 7.87
CA THR A 38 -8.42 3.73 8.11
C THR A 38 -7.76 3.17 6.83
N TYR A 39 -7.42 1.87 6.78
CA TYR A 39 -6.98 1.18 5.57
C TYR A 39 -7.44 -0.28 5.62
N GLU A 40 -7.26 -1.01 4.51
CA GLU A 40 -7.42 -2.45 4.38
C GLU A 40 -6.26 -3.01 3.56
N VAL A 41 -5.91 -4.28 3.77
CA VAL A 41 -5.01 -5.09 2.95
C VAL A 41 -5.43 -6.56 3.11
N TYR A 42 -5.08 -7.45 2.17
CA TYR A 42 -5.14 -8.89 2.40
C TYR A 42 -4.18 -9.61 1.45
N THR A 43 -3.82 -10.86 1.75
CA THR A 43 -2.91 -11.68 0.96
C THR A 43 -3.34 -13.13 1.15
N GLY A 44 -3.39 -13.93 0.08
CA GLY A 44 -3.63 -15.37 0.18
C GLY A 44 -5.11 -15.67 0.25
N SER A 45 -5.74 -15.56 -0.92
CA SER A 45 -7.16 -15.74 -1.17
C SER A 45 -7.26 -16.64 -2.41
N PRO A 46 -7.02 -17.96 -2.30
CA PRO A 46 -7.33 -18.88 -3.37
C PRO A 46 -8.85 -19.01 -3.58
N LEU A 47 -9.67 -18.53 -2.64
CA LEU A 47 -11.11 -18.42 -2.73
C LEU A 47 -11.42 -16.92 -2.65
N SER A 48 -11.49 -16.32 -1.45
CA SER A 48 -11.94 -14.95 -1.24
C SER A 48 -11.32 -14.34 0.02
N ASN A 49 -11.74 -13.11 0.33
CA ASN A 49 -11.51 -12.37 1.57
C ASN A 49 -12.00 -13.22 2.75
N GLY A 50 -11.11 -14.00 3.33
CA GLY A 50 -11.36 -14.84 4.50
C GLY A 50 -11.03 -14.06 5.75
N VAL A 51 -9.74 -13.87 5.97
CA VAL A 51 -9.19 -12.97 6.98
C VAL A 51 -8.47 -11.84 6.23
N PRO A 52 -9.18 -10.79 5.82
CA PRO A 52 -8.55 -9.55 5.43
C PRO A 52 -8.02 -8.83 6.67
N PHE A 53 -7.27 -7.76 6.47
CA PHE A 53 -6.60 -7.02 7.50
C PHE A 53 -6.93 -5.54 7.35
N ARG A 54 -6.91 -4.80 8.45
CA ARG A 54 -7.15 -3.37 8.49
C ARG A 54 -6.55 -2.78 9.76
N GLY A 55 -6.69 -1.48 9.91
CA GLY A 55 -6.25 -0.69 11.03
C GLY A 55 -6.21 0.74 10.54
N THR A 56 -5.15 1.47 10.87
CA THR A 56 -4.89 2.80 10.39
C THR A 56 -3.60 2.79 9.58
N TYR A 57 -3.53 3.64 8.54
CA TYR A 57 -2.29 4.08 7.96
C TYR A 57 -1.98 5.46 8.55
N ILE A 58 -0.70 5.83 8.54
CA ILE A 58 -0.20 7.10 9.04
C ILE A 58 0.93 7.49 8.08
N ILE A 59 0.97 8.75 7.60
CA ILE A 59 2.00 9.25 6.71
C ILE A 59 3.03 10.08 7.49
N SER A 60 4.13 10.40 6.83
CA SER A 60 5.21 11.27 7.22
C SER A 60 4.77 12.71 7.43
N LEU A 61 5.48 13.38 8.35
CA LEU A 61 5.32 14.79 8.64
C LEU A 61 6.63 15.55 8.41
N ASP A 62 7.74 14.85 8.15
CA ASP A 62 9.03 15.42 7.80
C ASP A 62 9.76 14.37 6.93
N GLU A 63 10.47 13.43 7.57
CA GLU A 63 11.36 12.43 6.94
C GLU A 63 10.90 11.00 7.27
N LYS A 64 9.88 10.84 8.13
CA LYS A 64 9.23 9.54 8.31
C LYS A 64 8.55 9.13 6.99
N LEU A 65 7.67 8.14 7.02
CA LEU A 65 7.13 7.51 5.84
C LEU A 65 5.75 6.98 6.15
N ILE A 66 5.07 6.40 5.16
CA ILE A 66 3.81 5.72 5.43
C ILE A 66 4.13 4.47 6.24
N LYS A 67 3.35 4.22 7.29
CA LYS A 67 3.37 2.99 8.08
C LYS A 67 1.93 2.50 8.24
N LEU A 68 1.73 1.19 8.22
CA LEU A 68 0.42 0.54 8.39
C LEU A 68 0.40 -0.12 9.76
N TYR A 69 -0.73 -0.05 10.47
CA TYR A 69 -0.89 -0.54 11.83
C TYR A 69 -1.96 -1.61 11.92
N ASP A 70 -2.11 -2.22 13.09
CA ASP A 70 -3.10 -3.26 13.32
C ASP A 70 -3.89 -3.01 14.59
N LYS A 71 -4.70 -4.01 14.94
CA LYS A 71 -5.51 -3.97 16.16
C LYS A 71 -4.68 -3.93 17.45
N GLU A 72 -3.46 -4.46 17.47
CA GLU A 72 -2.54 -4.30 18.60
C GLU A 72 -1.69 -3.03 18.46
N GLU A 73 -1.84 -2.25 17.39
CA GLU A 73 -1.20 -0.97 17.13
C GLU A 73 0.33 -1.10 17.17
N HIS A 74 0.90 -2.02 16.36
CA HIS A 74 2.33 -2.35 16.42
C HIS A 74 3.15 -2.20 15.13
N CYS A 75 2.54 -1.70 14.06
CA CYS A 75 3.12 -1.53 12.74
C CYS A 75 3.36 -2.87 12.04
N THR A 76 2.60 -3.14 10.98
CA THR A 76 2.70 -4.37 10.20
C THR A 76 3.70 -4.22 9.06
N GLU A 77 3.70 -3.08 8.36
CA GLU A 77 4.66 -2.76 7.31
C GLU A 77 4.95 -1.27 7.34
N GLN A 78 6.06 -0.88 6.71
CA GLN A 78 6.49 0.48 6.54
C GLN A 78 7.13 0.53 5.15
N TYR A 79 6.99 1.62 4.41
CA TYR A 79 7.69 1.82 3.14
C TYR A 79 7.67 3.29 2.72
N HIS A 80 8.75 3.73 2.08
CA HIS A 80 8.93 5.09 1.60
C HIS A 80 8.06 5.30 0.37
N ILE A 81 7.47 6.47 0.26
CA ILE A 81 6.78 6.89 -0.95
C ILE A 81 7.86 7.50 -1.83
N LEU A 82 8.29 6.76 -2.86
CA LEU A 82 9.08 7.32 -3.94
C LEU A 82 8.15 8.24 -4.75
N LYS A 83 7.08 7.68 -5.31
CA LYS A 83 6.03 8.47 -5.95
C LYS A 83 4.69 7.76 -5.90
N LEU A 84 3.66 8.53 -6.26
CA LEU A 84 2.27 8.17 -6.42
C LEU A 84 1.79 9.08 -7.54
N THR A 85 1.16 8.56 -8.58
CA THR A 85 0.63 9.34 -9.70
C THR A 85 -0.85 9.01 -9.88
N SER A 86 -1.51 9.53 -10.91
CA SER A 86 -2.90 9.22 -11.18
C SER A 86 -3.13 7.73 -11.42
N LYS A 87 -2.09 6.95 -11.77
CA LYS A 87 -2.20 5.49 -11.85
C LYS A 87 -1.04 4.73 -11.23
N GLU A 88 0.14 5.30 -10.96
CA GLU A 88 1.31 4.52 -10.52
C GLU A 88 1.57 4.73 -9.02
N MET A 89 2.22 3.79 -8.35
CA MET A 89 2.72 3.90 -6.98
C MET A 89 4.04 3.15 -6.87
N LYS A 90 4.99 3.72 -6.12
CA LYS A 90 6.25 3.09 -5.74
C LYS A 90 6.51 3.24 -4.25
N TRP A 91 6.41 2.13 -3.52
CA TRP A 91 6.38 2.00 -2.08
C TRP A 91 7.66 1.25 -1.66
N GLU A 92 8.81 1.92 -1.64
CA GLU A 92 10.08 1.26 -1.42
C GLU A 92 10.20 0.78 0.03
N ASN A 93 10.67 -0.46 0.22
CA ASN A 93 10.74 -1.21 1.47
C ASN A 93 11.24 -0.37 2.65
N ALA A 94 12.33 0.39 2.47
CA ALA A 94 12.95 1.29 3.44
C ALA A 94 13.47 0.64 4.74
N SER A 95 12.95 -0.51 5.19
CA SER A 95 13.54 -1.28 6.27
C SER A 95 13.65 -2.75 5.87
N PRO A 96 14.75 -3.18 5.21
CA PRO A 96 14.98 -4.60 4.95
C PRO A 96 15.08 -5.44 6.24
N LYS A 97 15.03 -4.78 7.41
CA LYS A 97 14.99 -5.37 8.74
C LYS A 97 13.54 -5.60 9.18
N ASP A 98 12.66 -4.59 9.06
CA ASP A 98 11.32 -4.64 9.67
C ASP A 98 10.42 -5.66 8.94
N GLY A 99 10.64 -5.88 7.63
CA GLY A 99 9.96 -6.92 6.85
C GLY A 99 8.90 -6.29 5.95
N ASN A 100 9.29 -5.74 4.80
CA ASN A 100 8.43 -4.99 3.88
C ASN A 100 8.70 -5.41 2.43
N SER A 101 8.02 -4.85 1.43
CA SER A 101 8.13 -5.30 0.04
C SER A 101 8.27 -4.12 -0.93
N ASP A 102 9.09 -4.30 -1.96
CA ASP A 102 9.32 -3.39 -3.09
C ASP A 102 8.55 -3.89 -4.31
N LYS A 103 7.29 -3.48 -4.47
CA LYS A 103 6.44 -3.75 -5.64
C LYS A 103 6.09 -2.44 -6.33
N ARG A 104 5.30 -2.44 -7.41
CA ARG A 104 4.90 -1.19 -8.05
C ARG A 104 3.44 -1.24 -8.45
N LEU A 105 2.56 -0.90 -7.51
CA LEU A 105 1.11 -0.98 -7.65
C LEU A 105 0.72 0.00 -8.75
N GLU A 106 -0.18 -0.41 -9.63
CA GLU A 106 -0.60 0.43 -10.75
C GLU A 106 -2.11 0.51 -10.76
N LYS A 107 -2.64 1.28 -9.81
CA LYS A 107 -4.06 1.41 -9.57
C LYS A 107 -4.71 0.07 -9.31
N TYR A 108 -6.03 -0.02 -9.38
CA TYR A 108 -6.77 -1.24 -9.16
C TYR A 108 -7.85 -1.32 -10.21
N ASN A 109 -7.48 -1.95 -11.33
CA ASN A 109 -8.30 -2.12 -12.53
C ASN A 109 -8.96 -0.78 -12.91
N ASP A 110 -8.11 0.17 -13.29
CA ASP A 110 -8.35 1.49 -13.89
C ASP A 110 -8.98 2.55 -12.97
N GLY A 1 -3.51 14.46 -17.42
CA GLY A 1 -3.95 15.49 -16.47
C GLY A 1 -3.08 16.72 -16.53
N ASP A 2 -3.58 17.84 -16.02
CA ASP A 2 -2.76 19.04 -15.87
C ASP A 2 -1.66 18.81 -14.85
N GLU A 3 -1.94 18.14 -13.74
CA GLU A 3 -1.03 18.06 -12.63
C GLU A 3 -1.21 16.76 -11.84
N ASP A 4 -0.73 15.64 -12.39
CA ASP A 4 -1.05 14.31 -11.88
C ASP A 4 0.21 13.41 -11.92
N ASP A 5 1.38 14.02 -11.70
CA ASP A 5 2.70 13.36 -11.69
C ASP A 5 3.55 13.90 -10.54
N LYS A 6 2.94 14.13 -9.39
CA LYS A 6 3.67 14.26 -8.12
C LYS A 6 2.96 13.48 -7.04
N VAL A 7 3.69 13.27 -5.95
CA VAL A 7 3.21 12.70 -4.72
C VAL A 7 2.21 13.67 -4.12
N GLU A 8 0.94 13.34 -4.31
CA GLU A 8 -0.23 14.14 -3.94
C GLU A 8 -1.03 13.38 -2.88
N ILE A 9 -1.56 14.10 -1.88
CA ILE A 9 -2.35 13.50 -0.82
C ILE A 9 -3.57 12.79 -1.40
N PRO A 10 -4.47 13.46 -2.16
CA PRO A 10 -5.74 12.85 -2.52
C PRO A 10 -5.60 11.69 -3.50
N GLN A 11 -4.50 11.63 -4.26
CA GLN A 11 -4.22 10.53 -5.17
C GLN A 11 -3.85 9.25 -4.41
N LEU A 12 -3.51 9.30 -3.12
CA LEU A 12 -3.31 8.08 -2.35
C LEU A 12 -4.63 7.32 -2.20
N VAL A 13 -5.72 8.04 -1.93
CA VAL A 13 -6.97 7.57 -1.30
C VAL A 13 -7.64 6.40 -2.05
N GLY A 14 -7.33 6.23 -3.33
CA GLY A 14 -7.85 5.17 -4.17
C GLY A 14 -7.23 3.81 -3.89
N LYS A 15 -7.21 3.01 -4.96
CA LYS A 15 -7.10 1.56 -4.93
C LYS A 15 -5.86 1.12 -5.69
N TRP A 16 -5.17 0.10 -5.19
CA TRP A 16 -3.76 -0.17 -5.51
C TRP A 16 -3.48 -1.67 -5.44
N ILE A 17 -3.32 -2.35 -6.58
CA ILE A 17 -3.09 -3.78 -6.61
C ILE A 17 -1.59 -4.02 -6.45
N VAL A 18 -1.22 -4.98 -5.61
CA VAL A 18 0.18 -5.30 -5.33
C VAL A 18 0.80 -6.08 -6.48
N LYS A 19 0.02 -6.46 -7.51
CA LYS A 19 0.42 -7.46 -8.51
C LYS A 19 1.52 -6.99 -9.47
N GLU A 20 2.25 -5.96 -9.11
CA GLU A 20 3.31 -5.39 -9.91
C GLU A 20 4.53 -5.36 -9.00
N PRO A 21 5.42 -6.37 -9.02
CA PRO A 21 5.35 -7.60 -9.80
C PRO A 21 4.31 -8.59 -9.27
N VAL A 22 3.92 -9.55 -10.12
CA VAL A 22 2.96 -10.61 -9.77
C VAL A 22 3.67 -11.60 -8.84
N LEU A 23 2.95 -12.03 -7.80
CA LEU A 23 3.44 -12.90 -6.72
C LEU A 23 3.19 -14.36 -7.11
N GLN A 24 3.60 -15.27 -6.23
CA GLN A 24 3.31 -16.68 -6.33
C GLN A 24 2.31 -17.11 -5.26
N ASP A 25 1.95 -18.40 -5.24
CA ASP A 25 0.92 -19.02 -4.38
C ASP A 25 -0.48 -18.45 -4.69
N ASP A 26 -0.59 -17.72 -5.80
CA ASP A 26 -1.73 -16.97 -6.36
C ASP A 26 -2.24 -15.83 -5.49
N PHE A 27 -1.55 -15.57 -4.38
CA PHE A 27 -1.68 -14.43 -3.50
C PHE A 27 -1.69 -13.16 -4.32
N VAL A 28 -2.78 -12.42 -4.19
CA VAL A 28 -2.96 -11.06 -4.67
C VAL A 28 -3.37 -10.19 -3.49
N THR A 29 -3.36 -8.88 -3.69
CA THR A 29 -3.80 -7.90 -2.72
C THR A 29 -4.09 -6.61 -3.47
N CYS A 30 -5.01 -5.82 -2.94
CA CYS A 30 -5.48 -4.53 -3.38
C CYS A 30 -5.53 -3.59 -2.17
N TYR A 31 -4.42 -2.89 -1.93
CA TYR A 31 -4.28 -1.90 -0.86
C TYR A 31 -5.19 -0.72 -1.17
N THR A 32 -6.28 -0.62 -0.41
CA THR A 32 -7.24 0.46 -0.54
C THR A 32 -6.97 1.36 0.66
N PHE A 33 -6.68 2.64 0.45
CA PHE A 33 -6.55 3.57 1.56
C PHE A 33 -7.91 4.21 1.80
N ASN A 34 -7.99 5.13 2.75
CA ASN A 34 -9.10 6.05 2.95
C ASN A 34 -8.42 7.44 2.98
N ALA A 35 -9.16 8.53 3.21
CA ALA A 35 -8.53 9.85 3.30
C ALA A 35 -7.87 10.12 4.67
N ASP A 36 -8.09 9.25 5.66
CA ASP A 36 -7.29 9.18 6.91
C ASP A 36 -7.61 7.92 7.72
N LYS A 37 -8.80 7.34 7.50
CA LYS A 37 -9.49 6.57 8.52
C LYS A 37 -8.92 5.15 8.72
N THR A 38 -8.85 4.33 7.68
CA THR A 38 -8.24 3.00 7.72
C THR A 38 -7.62 2.73 6.34
N TYR A 39 -6.94 1.60 6.17
CA TYR A 39 -6.66 0.97 4.88
C TYR A 39 -7.56 -0.25 4.79
N GLU A 40 -7.41 -1.05 3.74
CA GLU A 40 -8.16 -2.28 3.53
C GLU A 40 -7.33 -3.13 2.57
N VAL A 41 -6.81 -4.23 3.07
CA VAL A 41 -5.95 -5.15 2.34
C VAL A 41 -6.31 -6.57 2.66
N TYR A 42 -5.75 -7.51 1.91
CA TYR A 42 -6.03 -8.92 2.10
C TYR A 42 -5.02 -9.61 1.19
N THR A 43 -3.98 -10.15 1.80
CA THR A 43 -2.94 -10.94 1.14
C THR A 43 -3.26 -12.41 1.37
N GLY A 44 -3.81 -13.09 0.37
CA GLY A 44 -4.22 -14.48 0.52
C GLY A 44 -5.42 -14.62 1.44
N SER A 45 -6.11 -15.74 1.33
CA SER A 45 -7.19 -16.14 2.20
C SER A 45 -7.46 -17.63 1.93
N PRO A 46 -7.87 -18.43 2.93
CA PRO A 46 -8.35 -19.78 2.69
C PRO A 46 -9.72 -19.76 1.99
N LEU A 47 -10.46 -18.65 2.08
CA LEU A 47 -11.76 -18.44 1.45
C LEU A 47 -11.62 -17.66 0.14
N SER A 48 -10.39 -17.41 -0.33
CA SER A 48 -10.03 -16.85 -1.63
C SER A 48 -10.86 -15.60 -2.02
N ASN A 49 -10.31 -14.39 -1.77
CA ASN A 49 -10.85 -13.12 -2.24
C ASN A 49 -12.23 -12.80 -1.65
N GLY A 50 -12.34 -12.77 -0.33
CA GLY A 50 -13.62 -12.55 0.36
C GLY A 50 -13.58 -12.06 1.81
N VAL A 51 -12.42 -12.12 2.44
CA VAL A 51 -12.22 -11.75 3.85
C VAL A 51 -11.11 -10.69 3.91
N PRO A 52 -11.43 -9.40 3.75
CA PRO A 52 -10.43 -8.36 3.87
C PRO A 52 -9.92 -8.22 5.30
N PHE A 53 -8.92 -7.38 5.44
CA PHE A 53 -8.32 -6.84 6.63
C PHE A 53 -8.63 -5.35 6.67
N ARG A 54 -8.50 -4.73 7.84
CA ARG A 54 -8.75 -3.32 8.12
C ARG A 54 -7.87 -2.95 9.30
N GLY A 55 -7.24 -1.79 9.23
CA GLY A 55 -6.19 -1.34 10.14
C GLY A 55 -6.14 0.17 10.23
N THR A 56 -4.94 0.76 10.33
CA THR A 56 -4.73 2.20 10.21
C THR A 56 -3.43 2.43 9.40
N TYR A 57 -3.45 3.35 8.44
CA TYR A 57 -2.25 3.82 7.74
C TYR A 57 -1.89 5.17 8.33
N ILE A 58 -0.59 5.46 8.38
CA ILE A 58 -0.05 6.68 8.96
C ILE A 58 1.16 7.09 8.12
N ILE A 59 1.27 8.40 7.84
CA ILE A 59 2.39 9.00 7.13
C ILE A 59 3.24 9.74 8.18
N SER A 60 4.56 9.66 8.06
CA SER A 60 5.52 10.43 8.84
C SER A 60 6.16 11.46 7.90
N LEU A 61 6.00 12.73 8.25
CA LEU A 61 6.45 13.88 7.47
C LEU A 61 7.95 14.15 7.70
N ASP A 62 8.61 13.35 8.53
CA ASP A 62 10.00 13.57 8.92
C ASP A 62 10.93 13.03 7.85
N GLU A 63 10.70 11.80 7.38
CA GLU A 63 11.50 11.14 6.35
C GLU A 63 10.61 10.59 5.22
N LYS A 64 9.45 11.24 5.04
CA LYS A 64 8.38 10.98 4.07
C LYS A 64 8.05 9.50 3.95
N LEU A 65 7.81 8.89 5.11
CA LEU A 65 7.74 7.45 5.33
C LEU A 65 6.27 7.10 5.58
N ILE A 66 5.84 5.87 5.30
CA ILE A 66 4.48 5.39 5.58
C ILE A 66 4.56 4.05 6.30
N LYS A 67 3.79 3.90 7.37
CA LYS A 67 3.65 2.64 8.11
C LYS A 67 2.18 2.28 8.17
N LEU A 68 1.92 0.98 8.31
CA LEU A 68 0.61 0.39 8.42
C LEU A 68 0.54 -0.31 9.77
N TYR A 69 -0.66 -0.40 10.34
CA TYR A 69 -0.93 -0.89 11.69
C TYR A 69 -2.14 -1.80 11.69
N ASP A 70 -2.08 -2.92 12.42
CA ASP A 70 -3.19 -3.87 12.56
C ASP A 70 -4.11 -3.42 13.70
N LYS A 71 -5.17 -4.18 13.98
CA LYS A 71 -6.00 -4.00 15.17
C LYS A 71 -5.24 -4.27 16.47
N GLU A 72 -4.10 -4.98 16.39
CA GLU A 72 -3.20 -5.08 17.54
C GLU A 72 -2.52 -3.73 17.85
N GLU A 73 -2.63 -2.72 16.97
CA GLU A 73 -2.10 -1.36 17.11
C GLU A 73 -0.56 -1.33 17.11
N HIS A 74 0.07 -2.46 16.83
CA HIS A 74 1.45 -2.57 16.38
C HIS A 74 1.53 -2.24 14.89
N CYS A 75 2.73 -1.93 14.40
CA CYS A 75 2.96 -1.73 12.97
C CYS A 75 3.28 -3.06 12.26
N THR A 76 3.10 -3.09 10.94
CA THR A 76 3.10 -4.31 10.13
C THR A 76 4.20 -4.26 9.07
N GLU A 77 4.34 -3.13 8.38
CA GLU A 77 5.40 -2.81 7.44
C GLU A 77 5.84 -1.36 7.69
N GLN A 78 6.93 -0.93 7.04
CA GLN A 78 7.18 0.46 6.69
C GLN A 78 7.49 0.46 5.19
N TYR A 79 7.37 1.61 4.52
CA TYR A 79 7.92 1.82 3.20
C TYR A 79 8.49 3.23 3.14
N HIS A 80 9.58 3.46 2.40
CA HIS A 80 10.19 4.80 2.39
C HIS A 80 9.52 5.79 1.45
N ILE A 81 8.56 5.32 0.66
CA ILE A 81 8.03 5.98 -0.54
C ILE A 81 9.14 6.32 -1.56
N LEU A 82 8.81 6.34 -2.85
CA LEU A 82 9.65 6.87 -3.93
C LEU A 82 8.79 7.78 -4.81
N LYS A 83 7.73 7.24 -5.44
CA LYS A 83 6.77 8.01 -6.22
C LYS A 83 5.37 7.58 -5.79
N LEU A 84 4.41 8.51 -5.82
CA LEU A 84 2.98 8.28 -5.88
C LEU A 84 2.53 9.21 -7.01
N THR A 85 1.60 8.75 -7.84
CA THR A 85 0.92 9.52 -8.89
C THR A 85 -0.56 9.11 -8.88
N SER A 86 -1.36 9.52 -9.87
CA SER A 86 -2.74 9.04 -9.97
C SER A 86 -2.84 7.53 -10.23
N LYS A 87 -1.83 6.89 -10.85
CA LYS A 87 -1.93 5.49 -11.32
C LYS A 87 -0.71 4.61 -11.06
N GLU A 88 0.40 5.19 -10.62
CA GLU A 88 1.70 4.54 -10.57
C GLU A 88 2.32 4.89 -9.22
N MET A 89 2.64 3.88 -8.40
CA MET A 89 3.21 4.07 -7.07
C MET A 89 4.41 3.16 -6.90
N LYS A 90 5.47 3.66 -6.25
CA LYS A 90 6.70 2.93 -5.98
C LYS A 90 7.05 3.13 -4.52
N TRP A 91 6.67 2.17 -3.69
CA TRP A 91 7.05 2.02 -2.31
C TRP A 91 8.32 1.20 -2.28
N GLU A 92 9.41 1.80 -1.78
CA GLU A 92 10.62 1.12 -1.39
C GLU A 92 10.39 0.36 -0.10
N ASN A 93 10.98 -0.83 0.05
CA ASN A 93 10.96 -1.64 1.26
C ASN A 93 11.54 -0.84 2.44
N ALA A 94 12.66 -0.16 2.19
CA ALA A 94 13.50 0.52 3.14
C ALA A 94 14.25 -0.44 4.05
N SER A 95 13.52 -1.28 4.79
CA SER A 95 14.02 -2.04 5.92
C SER A 95 13.96 -3.55 5.64
N PRO A 96 14.97 -4.14 4.97
CA PRO A 96 15.01 -5.58 4.70
C PRO A 96 15.05 -6.38 6.02
N LYS A 97 15.50 -5.74 7.10
CA LYS A 97 15.48 -6.31 8.44
C LYS A 97 14.05 -6.61 8.85
N ASP A 98 13.12 -5.68 8.64
CA ASP A 98 11.74 -5.80 9.11
C ASP A 98 11.00 -6.86 8.31
N GLY A 99 11.18 -6.90 6.98
CA GLY A 99 10.52 -7.88 6.10
C GLY A 99 9.51 -7.26 5.12
N ASN A 100 9.64 -5.98 4.81
CA ASN A 100 8.69 -5.21 3.98
C ASN A 100 9.01 -5.40 2.50
N SER A 101 8.15 -4.95 1.60
CA SER A 101 8.27 -5.26 0.18
C SER A 101 8.56 -4.03 -0.70
N ASP A 102 9.37 -4.17 -1.74
CA ASP A 102 9.83 -3.11 -2.65
C ASP A 102 9.13 -3.19 -4.02
N LYS A 103 7.82 -3.41 -4.02
CA LYS A 103 7.02 -3.61 -5.25
C LYS A 103 6.62 -2.26 -5.87
N ARG A 104 5.73 -2.23 -6.90
CA ARG A 104 5.30 -1.00 -7.57
C ARG A 104 3.78 -1.01 -7.86
N LEU A 105 2.91 -0.62 -6.92
CA LEU A 105 1.45 -0.78 -7.05
C LEU A 105 0.98 0.05 -8.25
N GLU A 106 0.35 -0.57 -9.24
CA GLU A 106 -0.12 0.11 -10.46
C GLU A 106 -1.63 0.16 -10.42
N LYS A 107 -2.19 0.91 -9.46
CA LYS A 107 -3.63 1.08 -9.31
C LYS A 107 -4.38 -0.24 -9.17
N TYR A 108 -5.71 -0.24 -9.14
CA TYR A 108 -6.47 -1.49 -9.21
C TYR A 108 -6.68 -1.82 -10.69
N ASN A 109 -5.81 -2.70 -11.21
CA ASN A 109 -5.93 -3.35 -12.51
C ASN A 109 -7.08 -4.33 -12.35
N ASP A 110 -8.26 -3.86 -12.69
CA ASP A 110 -9.56 -4.42 -12.37
C ASP A 110 -10.20 -5.11 -13.57
N GLY A 1 0.60 20.36 -17.28
CA GLY A 1 1.46 19.60 -16.36
C GLY A 1 1.14 18.13 -16.42
N ASP A 2 1.52 17.40 -15.38
CA ASP A 2 1.28 15.96 -15.21
C ASP A 2 2.07 15.18 -16.26
N GLU A 3 3.27 14.76 -15.86
CA GLU A 3 4.38 14.35 -16.72
C GLU A 3 5.38 13.62 -15.82
N ASP A 4 4.84 12.69 -15.01
CA ASP A 4 5.52 11.80 -14.07
C ASP A 4 6.21 12.55 -12.93
N ASP A 5 5.83 13.81 -12.77
CA ASP A 5 6.37 14.69 -11.73
C ASP A 5 5.32 15.69 -11.23
N LYS A 6 4.09 15.20 -11.08
CA LYS A 6 3.11 15.69 -10.12
C LYS A 6 3.18 14.75 -8.90
N VAL A 7 2.53 15.12 -7.81
CA VAL A 7 2.34 14.33 -6.61
C VAL A 7 1.07 14.89 -5.96
N GLU A 8 0.28 14.07 -5.28
CA GLU A 8 -1.10 14.37 -5.01
C GLU A 8 -1.60 13.45 -3.89
N ILE A 9 -1.62 13.97 -2.66
CA ILE A 9 -1.92 13.19 -1.46
C ILE A 9 -3.33 12.56 -1.52
N PRO A 10 -4.43 13.30 -1.78
CA PRO A 10 -5.76 12.69 -1.79
C PRO A 10 -5.92 11.68 -2.93
N GLN A 11 -5.07 11.76 -3.96
CA GLN A 11 -5.05 10.78 -5.04
C GLN A 11 -4.45 9.45 -4.56
N LEU A 12 -4.03 9.29 -3.29
CA LEU A 12 -3.69 7.98 -2.71
C LEU A 12 -4.95 7.22 -2.28
N VAL A 13 -6.06 7.81 -1.86
CA VAL A 13 -7.19 7.14 -1.16
C VAL A 13 -8.01 6.18 -2.02
N GLY A 14 -7.77 6.12 -3.32
CA GLY A 14 -8.29 5.07 -4.18
C GLY A 14 -7.81 3.71 -3.70
N LYS A 15 -7.95 2.76 -4.60
CA LYS A 15 -7.74 1.36 -4.34
C LYS A 15 -6.55 0.91 -5.15
N TRP A 16 -5.73 0.05 -4.56
CA TRP A 16 -4.33 -0.11 -4.92
C TRP A 16 -3.93 -1.60 -4.85
N ILE A 17 -3.97 -2.31 -5.98
CA ILE A 17 -3.51 -3.70 -6.08
C ILE A 17 -1.98 -3.70 -6.04
N VAL A 18 -1.40 -4.56 -5.20
CA VAL A 18 0.06 -4.74 -5.10
C VAL A 18 0.62 -5.64 -6.21
N LYS A 19 -0.23 -5.97 -7.20
CA LYS A 19 0.04 -6.97 -8.22
C LYS A 19 0.94 -6.40 -9.33
N GLU A 20 2.04 -5.76 -8.97
CA GLU A 20 3.05 -5.29 -9.93
C GLU A 20 4.34 -4.96 -9.13
N PRO A 21 5.31 -5.87 -9.03
CA PRO A 21 5.31 -7.20 -9.61
C PRO A 21 4.29 -8.12 -8.93
N VAL A 22 3.98 -9.23 -9.60
CA VAL A 22 3.16 -10.30 -9.06
C VAL A 22 4.04 -11.11 -8.10
N LEU A 23 3.40 -11.95 -7.29
CA LEU A 23 4.05 -12.89 -6.41
C LEU A 23 3.95 -14.29 -7.01
N GLN A 24 4.78 -15.19 -6.49
CA GLN A 24 4.53 -16.62 -6.55
C GLN A 24 3.20 -16.94 -5.87
N ASP A 25 2.76 -18.18 -6.06
CA ASP A 25 1.64 -18.81 -5.35
C ASP A 25 0.34 -18.02 -5.47
N ASP A 26 0.28 -17.21 -6.52
CA ASP A 26 -0.85 -16.41 -6.98
C ASP A 26 -1.38 -15.46 -5.90
N PHE A 27 -0.50 -15.05 -4.98
CA PHE A 27 -0.80 -14.10 -3.92
C PHE A 27 -0.92 -12.69 -4.51
N VAL A 28 -2.10 -12.12 -4.37
CA VAL A 28 -2.38 -10.70 -4.62
C VAL A 28 -2.95 -10.05 -3.38
N THR A 29 -2.93 -8.72 -3.35
CA THR A 29 -3.50 -7.93 -2.27
C THR A 29 -4.16 -6.69 -2.84
N CYS A 30 -5.31 -6.34 -2.28
CA CYS A 30 -6.11 -5.17 -2.61
C CYS A 30 -5.98 -4.15 -1.48
N TYR A 31 -4.89 -3.39 -1.43
CA TYR A 31 -4.75 -2.34 -0.43
C TYR A 31 -5.83 -1.31 -0.71
N THR A 32 -6.72 -1.09 0.25
CA THR A 32 -7.76 -0.08 0.12
C THR A 32 -7.72 0.76 1.38
N PHE A 33 -6.86 1.76 1.29
CA PHE A 33 -6.80 2.89 2.16
C PHE A 33 -8.19 3.54 2.23
N ASN A 34 -8.50 4.23 3.31
CA ASN A 34 -9.70 5.04 3.45
C ASN A 34 -9.27 6.49 3.60
N ALA A 35 -10.20 7.41 3.40
CA ALA A 35 -9.85 8.82 3.19
C ALA A 35 -9.01 9.43 4.29
N ASP A 36 -9.35 9.13 5.55
CA ASP A 36 -8.50 9.44 6.69
C ASP A 36 -9.12 8.78 7.92
N LYS A 37 -9.13 7.44 7.95
CA LYS A 37 -9.51 6.71 9.17
C LYS A 37 -8.90 5.31 9.32
N THR A 38 -8.62 4.60 8.23
CA THR A 38 -8.35 3.17 8.29
C THR A 38 -7.79 2.71 6.93
N TYR A 39 -7.41 1.46 6.82
CA TYR A 39 -7.05 0.81 5.57
C TYR A 39 -7.60 -0.61 5.60
N GLU A 40 -7.64 -1.28 4.44
CA GLU A 40 -7.98 -2.68 4.27
C GLU A 40 -6.79 -3.38 3.64
N VAL A 41 -6.51 -4.61 4.06
CA VAL A 41 -5.53 -5.50 3.43
C VAL A 41 -6.08 -6.93 3.55
N TYR A 42 -5.64 -7.85 2.70
CA TYR A 42 -6.18 -9.20 2.56
C TYR A 42 -5.44 -9.87 1.41
N THR A 43 -4.91 -11.07 1.63
CA THR A 43 -3.94 -11.67 0.72
C THR A 43 -4.22 -13.17 0.57
N GLY A 44 -4.06 -13.69 -0.65
CA GLY A 44 -4.33 -15.09 -0.97
C GLY A 44 -5.78 -15.43 -0.62
N SER A 45 -5.99 -16.58 0.04
CA SER A 45 -7.32 -17.01 0.46
C SER A 45 -8.18 -17.28 -0.78
N PRO A 46 -7.90 -18.38 -1.52
CA PRO A 46 -8.57 -18.70 -2.78
C PRO A 46 -10.06 -18.97 -2.59
N LEU A 47 -10.43 -19.31 -1.35
CA LEU A 47 -11.76 -19.63 -0.90
C LEU A 47 -12.74 -18.51 -1.25
N SER A 48 -12.43 -17.31 -0.75
CA SER A 48 -13.22 -16.10 -0.92
C SER A 48 -12.56 -14.94 -0.16
N ASN A 49 -13.04 -13.71 -0.40
CA ASN A 49 -12.61 -12.50 0.29
C ASN A 49 -13.68 -12.04 1.29
N GLY A 50 -14.00 -12.95 2.20
CA GLY A 50 -15.12 -12.83 3.12
C GLY A 50 -14.77 -12.19 4.47
N VAL A 51 -13.51 -12.22 4.88
CA VAL A 51 -13.02 -11.63 6.13
C VAL A 51 -11.66 -10.99 5.83
N PRO A 52 -11.63 -9.74 5.35
CA PRO A 52 -10.37 -9.05 5.17
C PRO A 52 -9.78 -8.66 6.53
N PHE A 53 -8.64 -8.00 6.50
CA PHE A 53 -8.07 -7.29 7.62
C PHE A 53 -8.32 -5.80 7.40
N ARG A 54 -8.36 -5.02 8.48
CA ARG A 54 -8.20 -3.56 8.42
C ARG A 54 -7.39 -3.10 9.61
N GLY A 55 -6.82 -1.91 9.51
CA GLY A 55 -6.02 -1.29 10.56
C GLY A 55 -5.97 0.21 10.34
N THR A 56 -4.92 0.87 10.82
CA THR A 56 -4.68 2.29 10.64
C THR A 56 -3.37 2.47 9.86
N TYR A 57 -3.40 3.22 8.77
CA TYR A 57 -2.16 3.80 8.24
C TYR A 57 -1.78 4.92 9.20
N ILE A 58 -0.54 5.36 9.05
CA ILE A 58 0.04 6.58 9.62
C ILE A 58 1.16 6.95 8.61
N ILE A 59 1.73 8.17 8.65
CA ILE A 59 2.89 8.55 7.83
C ILE A 59 3.90 9.21 8.77
N SER A 60 4.93 9.85 8.22
CA SER A 60 5.82 10.80 8.88
C SER A 60 6.46 11.64 7.77
N LEU A 61 7.19 12.68 8.16
CA LEU A 61 7.99 13.55 7.29
C LEU A 61 9.47 13.52 7.67
N ASP A 62 9.81 13.11 8.90
CA ASP A 62 11.19 13.20 9.42
C ASP A 62 12.13 12.36 8.57
N GLU A 63 11.75 11.11 8.35
CA GLU A 63 12.53 9.94 7.97
C GLU A 63 11.60 8.75 8.00
N LYS A 64 10.76 8.65 9.04
CA LYS A 64 9.69 7.67 9.05
C LYS A 64 8.71 8.00 7.93
N LEU A 65 7.87 7.03 7.64
CA LEU A 65 7.16 6.89 6.38
C LEU A 65 5.88 6.08 6.58
N ILE A 66 5.17 5.77 5.50
CA ILE A 66 3.88 5.09 5.57
C ILE A 66 4.05 3.59 5.91
N LYS A 67 3.97 3.29 7.20
CA LYS A 67 3.70 1.95 7.71
C LYS A 67 2.21 1.70 7.86
N LEU A 68 1.85 0.43 8.02
CA LEU A 68 0.49 -0.04 8.16
C LEU A 68 0.42 -0.81 9.47
N TYR A 69 -0.43 -0.31 10.38
CA TYR A 69 -0.53 -0.82 11.74
C TYR A 69 -1.72 -1.75 11.89
N ASP A 70 -1.56 -2.83 12.65
CA ASP A 70 -2.67 -3.69 13.04
C ASP A 70 -3.41 -3.17 14.27
N LYS A 71 -4.25 -4.02 14.83
CA LYS A 71 -5.07 -3.72 16.01
C LYS A 71 -4.25 -3.75 17.30
N GLU A 72 -3.11 -4.42 17.34
CA GLU A 72 -2.19 -4.49 18.46
C GLU A 72 -0.92 -3.69 18.13
N GLU A 73 -1.10 -2.63 17.32
CA GLU A 73 -0.14 -1.59 16.98
C GLU A 73 1.24 -2.11 16.56
N HIS A 74 1.30 -3.31 15.97
CA HIS A 74 2.46 -3.73 15.23
C HIS A 74 2.51 -2.87 13.98
N CYS A 75 3.62 -2.18 13.76
CA CYS A 75 4.01 -1.80 12.42
C CYS A 75 4.27 -3.09 11.67
N THR A 76 3.30 -3.52 10.87
CA THR A 76 3.35 -4.82 10.21
C THR A 76 4.43 -4.75 9.13
N GLU A 77 4.24 -3.90 8.14
CA GLU A 77 5.23 -3.53 7.15
C GLU A 77 5.24 -2.02 6.96
N GLN A 78 6.27 -1.53 6.28
CA GLN A 78 6.47 -0.11 6.00
C GLN A 78 7.06 0.06 4.61
N TYR A 79 6.86 1.23 3.99
CA TYR A 79 7.33 1.51 2.63
C TYR A 79 7.63 3.00 2.45
N HIS A 80 8.69 3.32 1.71
CA HIS A 80 9.03 4.70 1.41
C HIS A 80 8.18 5.16 0.23
N ILE A 81 7.51 6.29 0.38
CA ILE A 81 6.86 7.00 -0.71
C ILE A 81 7.98 7.50 -1.61
N LEU A 82 7.92 7.19 -2.91
CA LEU A 82 8.74 7.89 -3.90
C LEU A 82 7.88 8.80 -4.77
N LYS A 83 6.71 8.33 -5.21
CA LYS A 83 5.86 9.08 -6.14
C LYS A 83 4.43 8.59 -6.05
N LEU A 84 3.50 9.42 -6.52
CA LEU A 84 2.07 9.15 -6.62
C LEU A 84 1.58 9.81 -7.91
N THR A 85 0.82 9.11 -8.75
CA THR A 85 -0.08 9.70 -9.75
C THR A 85 -1.42 8.94 -9.73
N SER A 86 -2.33 9.20 -10.68
CA SER A 86 -3.70 8.69 -10.71
C SER A 86 -3.76 7.20 -10.38
N LYS A 87 -2.86 6.44 -10.99
CA LYS A 87 -2.83 4.98 -11.04
C LYS A 87 -1.42 4.46 -10.91
N GLU A 88 -0.49 5.24 -10.36
CA GLU A 88 0.89 4.83 -10.22
C GLU A 88 1.36 5.23 -8.83
N MET A 89 2.03 4.32 -8.13
CA MET A 89 2.56 4.57 -6.80
C MET A 89 3.79 3.71 -6.53
N LYS A 90 4.94 4.34 -6.32
CA LYS A 90 6.22 3.64 -6.07
C LYS A 90 6.48 3.57 -4.57
N TRP A 91 6.21 2.40 -3.98
CA TRP A 91 6.39 2.10 -2.56
C TRP A 91 7.67 1.29 -2.43
N GLU A 92 8.80 1.97 -2.23
CA GLU A 92 10.11 1.36 -2.01
C GLU A 92 10.13 0.68 -0.62
N ASN A 93 11.09 -0.22 -0.39
CA ASN A 93 11.18 -1.03 0.83
C ASN A 93 11.26 -0.18 2.11
N ALA A 94 12.10 0.87 2.12
CA ALA A 94 12.46 1.67 3.29
C ALA A 94 13.21 0.90 4.38
N SER A 95 12.70 -0.24 4.85
CA SER A 95 13.20 -0.94 6.02
C SER A 95 13.73 -2.32 5.61
N PRO A 96 14.97 -2.40 5.10
CA PRO A 96 15.51 -3.65 4.60
C PRO A 96 15.75 -4.64 5.75
N LYS A 97 15.86 -4.13 6.98
CA LYS A 97 15.91 -4.90 8.21
C LYS A 97 14.68 -5.79 8.39
N ASP A 98 13.48 -5.25 8.15
CA ASP A 98 12.22 -5.98 8.37
C ASP A 98 11.97 -6.87 7.16
N GLY A 99 12.39 -6.43 5.97
CA GLY A 99 12.36 -7.25 4.76
C GLY A 99 11.46 -6.77 3.62
N ASN A 100 10.80 -5.61 3.77
CA ASN A 100 9.66 -5.17 2.94
C ASN A 100 9.98 -5.09 1.43
N SER A 101 8.95 -5.05 0.57
CA SER A 101 9.03 -5.16 -0.89
C SER A 101 8.90 -3.80 -1.62
N ASP A 102 9.67 -3.58 -2.68
CA ASP A 102 9.92 -2.29 -3.38
C ASP A 102 8.98 -2.07 -4.59
N LYS A 103 7.73 -2.51 -4.52
CA LYS A 103 6.86 -2.66 -5.70
C LYS A 103 6.26 -1.34 -6.19
N ARG A 104 5.48 -1.39 -7.27
CA ARG A 104 4.75 -0.22 -7.79
C ARG A 104 3.27 -0.52 -7.93
N LEU A 105 2.48 0.00 -7.00
CA LEU A 105 1.04 -0.18 -6.89
C LEU A 105 0.41 0.55 -8.08
N GLU A 106 -0.59 -0.06 -8.73
CA GLU A 106 -1.10 0.36 -10.05
C GLU A 106 -2.61 0.39 -10.12
N LYS A 107 -3.20 0.96 -9.08
CA LYS A 107 -4.62 1.07 -8.83
C LYS A 107 -5.23 -0.30 -8.59
N TYR A 108 -6.53 -0.44 -8.41
CA TYR A 108 -7.16 -1.75 -8.42
C TYR A 108 -7.31 -2.16 -9.88
N ASN A 109 -6.22 -2.66 -10.47
CA ASN A 109 -6.06 -2.91 -11.90
C ASN A 109 -6.35 -1.65 -12.74
N ASP A 110 -5.30 -0.83 -12.89
CA ASP A 110 -5.14 0.26 -13.86
C ASP A 110 -6.12 1.41 -13.64
N GLY A 1 -5.14 20.21 -16.29
CA GLY A 1 -4.02 21.14 -16.37
C GLY A 1 -2.87 20.64 -15.51
N ASP A 2 -1.98 19.83 -16.09
CA ASP A 2 -0.70 19.36 -15.57
C ASP A 2 -0.78 18.77 -14.15
N GLU A 3 -1.93 18.25 -13.74
CA GLU A 3 -2.11 17.54 -12.48
C GLU A 3 -1.87 16.05 -12.71
N ASP A 4 -0.65 15.69 -13.07
CA ASP A 4 -0.27 14.30 -13.25
C ASP A 4 1.17 13.99 -12.88
N ASP A 5 1.82 14.88 -12.15
CA ASP A 5 3.26 14.78 -11.87
C ASP A 5 3.69 15.12 -10.45
N LYS A 6 2.75 15.30 -9.52
CA LYS A 6 3.09 15.62 -8.14
C LYS A 6 2.60 14.49 -7.23
N VAL A 7 3.42 14.16 -6.25
CA VAL A 7 3.08 13.24 -5.17
C VAL A 7 1.80 13.75 -4.50
N GLU A 8 0.82 12.87 -4.30
CA GLU A 8 -0.55 13.25 -4.02
C GLU A 8 -1.10 12.36 -2.90
N ILE A 9 -1.36 13.00 -1.76
CA ILE A 9 -1.96 12.39 -0.57
C ILE A 9 -3.31 11.76 -0.93
N PRO A 10 -4.30 12.50 -1.47
CA PRO A 10 -5.67 12.02 -1.63
C PRO A 10 -5.86 11.04 -2.80
N GLN A 11 -4.80 10.62 -3.49
CA GLN A 11 -4.89 9.49 -4.43
C GLN A 11 -4.75 8.17 -3.71
N LEU A 12 -4.13 8.14 -2.53
CA LEU A 12 -3.74 6.90 -1.88
C LEU A 12 -4.96 6.03 -1.59
N VAL A 13 -6.06 6.63 -1.14
CA VAL A 13 -7.40 6.06 -0.94
C VAL A 13 -7.93 5.20 -2.10
N GLY A 14 -7.31 5.29 -3.28
CA GLY A 14 -7.64 4.46 -4.42
C GLY A 14 -7.40 2.97 -4.18
N LYS A 15 -7.71 2.22 -5.23
CA LYS A 15 -7.58 0.77 -5.29
C LYS A 15 -6.29 0.40 -6.01
N TRP A 16 -5.57 -0.60 -5.51
CA TRP A 16 -4.21 -0.92 -5.92
C TRP A 16 -3.99 -2.43 -5.85
N ILE A 17 -3.52 -3.07 -6.91
CA ILE A 17 -3.16 -4.48 -6.85
C ILE A 17 -1.66 -4.55 -6.51
N VAL A 18 -1.19 -5.63 -5.88
CA VAL A 18 0.24 -5.85 -5.63
C VAL A 18 0.82 -6.89 -6.59
N LYS A 19 0.13 -7.10 -7.71
CA LYS A 19 0.49 -8.05 -8.77
C LYS A 19 1.57 -7.46 -9.70
N GLU A 20 2.19 -6.36 -9.29
CA GLU A 20 3.11 -5.62 -10.14
C GLU A 20 4.35 -5.30 -9.28
N PRO A 21 5.47 -6.02 -9.48
CA PRO A 21 5.58 -7.33 -10.14
C PRO A 21 4.74 -8.40 -9.46
N VAL A 22 4.52 -9.52 -10.15
CA VAL A 22 3.75 -10.65 -9.64
C VAL A 22 4.45 -11.27 -8.44
N LEU A 23 3.65 -11.84 -7.52
CA LEU A 23 4.07 -12.60 -6.35
C LEU A 23 4.47 -14.03 -6.76
N GLN A 24 4.47 -14.94 -5.79
CA GLN A 24 4.73 -16.36 -5.90
C GLN A 24 3.60 -17.13 -5.24
N ASP A 25 3.71 -18.46 -5.20
CA ASP A 25 2.88 -19.41 -4.46
C ASP A 25 1.41 -19.42 -4.91
N ASP A 26 1.14 -18.75 -6.03
CA ASP A 26 -0.15 -18.44 -6.64
C ASP A 26 -1.01 -17.63 -5.68
N PHE A 27 -0.54 -16.41 -5.42
CA PHE A 27 -1.17 -15.41 -4.58
C PHE A 27 -1.14 -14.05 -5.24
N VAL A 28 -2.06 -13.18 -4.82
CA VAL A 28 -2.15 -11.75 -5.06
C VAL A 28 -2.73 -11.13 -3.77
N THR A 29 -2.62 -9.80 -3.64
CA THR A 29 -3.31 -8.97 -2.65
C THR A 29 -3.72 -7.69 -3.39
N CYS A 30 -4.72 -6.98 -2.88
CA CYS A 30 -4.89 -5.58 -3.15
C CYS A 30 -4.86 -4.80 -1.82
N TYR A 31 -4.52 -3.52 -1.94
CA TYR A 31 -4.40 -2.59 -0.84
C TYR A 31 -5.41 -1.49 -1.12
N THR A 32 -6.43 -1.36 -0.27
CA THR A 32 -7.40 -0.30 -0.36
C THR A 32 -7.12 0.58 0.86
N PHE A 33 -6.34 1.65 0.69
CA PHE A 33 -6.19 2.63 1.75
C PHE A 33 -7.49 3.44 1.81
N ASN A 34 -7.66 4.30 2.82
CA ASN A 34 -8.82 5.20 2.89
C ASN A 34 -8.34 6.64 2.88
N ALA A 35 -9.28 7.60 2.85
CA ALA A 35 -8.98 9.02 2.70
C ALA A 35 -7.96 9.42 3.76
N ASP A 36 -8.21 9.02 5.00
CA ASP A 36 -7.23 9.10 6.10
C ASP A 36 -7.56 8.14 7.25
N LYS A 37 -8.77 7.57 7.29
CA LYS A 37 -9.32 6.94 8.48
C LYS A 37 -8.61 5.64 8.83
N THR A 38 -8.45 4.77 7.83
CA THR A 38 -8.07 3.37 8.00
C THR A 38 -7.39 2.88 6.71
N TYR A 39 -6.92 1.62 6.70
CA TYR A 39 -6.58 0.87 5.50
C TYR A 39 -7.24 -0.51 5.57
N GLU A 40 -7.28 -1.19 4.43
CA GLU A 40 -7.85 -2.50 4.21
C GLU A 40 -6.83 -3.30 3.39
N VAL A 41 -6.66 -4.58 3.67
CA VAL A 41 -5.73 -5.47 2.96
C VAL A 41 -6.28 -6.89 3.02
N TYR A 42 -6.02 -7.73 2.01
CA TYR A 42 -6.30 -9.16 2.07
C TYR A 42 -5.62 -9.92 0.93
N THR A 43 -5.25 -11.17 1.19
CA THR A 43 -4.51 -12.04 0.29
C THR A 43 -5.36 -13.30 0.04
N GLY A 44 -5.08 -14.05 -1.03
CA GLY A 44 -5.69 -15.37 -1.26
C GLY A 44 -7.16 -15.22 -1.63
N SER A 45 -8.03 -15.42 -0.64
CA SER A 45 -9.48 -15.31 -0.70
C SER A 45 -10.10 -15.98 -1.95
N PRO A 46 -10.26 -17.32 -1.95
CA PRO A 46 -10.96 -18.07 -2.99
C PRO A 46 -12.48 -17.80 -3.01
N LEU A 47 -12.97 -16.87 -2.19
CA LEU A 47 -14.38 -16.47 -2.09
C LEU A 47 -14.54 -14.99 -2.39
N SER A 48 -13.49 -14.32 -2.91
CA SER A 48 -13.47 -12.92 -3.27
C SER A 48 -13.77 -11.98 -2.08
N ASN A 49 -12.72 -11.31 -1.60
CA ASN A 49 -12.83 -10.24 -0.60
C ASN A 49 -13.46 -10.70 0.72
N GLY A 50 -13.33 -11.99 1.06
CA GLY A 50 -14.08 -12.65 2.12
C GLY A 50 -13.91 -12.00 3.50
N VAL A 51 -12.67 -11.97 3.95
CA VAL A 51 -12.33 -11.51 5.29
C VAL A 51 -11.10 -10.60 5.20
N PRO A 52 -11.30 -9.30 4.92
CA PRO A 52 -10.21 -8.34 4.84
C PRO A 52 -9.81 -7.86 6.24
N PHE A 53 -8.56 -7.41 6.37
CA PHE A 53 -8.03 -6.87 7.62
C PHE A 53 -8.19 -5.36 7.61
N ARG A 54 -8.54 -4.72 8.73
CA ARG A 54 -8.58 -3.26 8.84
C ARG A 54 -7.69 -2.75 9.96
N GLY A 55 -6.93 -1.69 9.69
CA GLY A 55 -6.05 -0.99 10.63
C GLY A 55 -5.92 0.47 10.22
N THR A 56 -4.88 1.16 10.66
CA THR A 56 -4.55 2.53 10.34
C THR A 56 -3.23 2.54 9.58
N TYR A 57 -3.21 2.96 8.32
CA TYR A 57 -1.96 3.45 7.75
C TYR A 57 -1.74 4.84 8.33
N ILE A 58 -0.50 5.32 8.34
CA ILE A 58 -0.17 6.69 8.73
C ILE A 58 0.98 7.12 7.83
N ILE A 59 1.04 8.38 7.40
CA ILE A 59 2.15 8.94 6.64
C ILE A 59 2.99 9.83 7.56
N SER A 60 4.15 10.25 7.09
CA SER A 60 4.92 11.41 7.53
C SER A 60 5.44 12.02 6.22
N LEU A 61 5.51 13.35 6.13
CA LEU A 61 6.29 14.01 5.08
C LEU A 61 7.73 14.18 5.56
N ASP A 62 7.88 14.58 6.82
CA ASP A 62 9.07 15.18 7.43
C ASP A 62 10.37 14.44 7.06
N GLU A 63 10.38 13.12 7.24
CA GLU A 63 11.52 12.25 7.03
C GLU A 63 11.02 10.82 7.05
N LYS A 64 10.24 10.50 8.10
CA LYS A 64 9.48 9.27 8.21
C LYS A 64 8.47 9.20 7.07
N LEU A 65 7.74 8.09 7.02
CA LEU A 65 7.19 7.52 5.80
C LEU A 65 5.97 6.69 6.14
N ILE A 66 5.34 6.03 5.16
CA ILE A 66 4.14 5.24 5.40
C ILE A 66 4.50 3.97 6.17
N LYS A 67 3.84 3.78 7.30
CA LYS A 67 3.89 2.54 8.07
C LYS A 67 2.46 2.08 8.24
N LEU A 68 2.30 0.76 8.31
CA LEU A 68 1.02 0.09 8.46
C LEU A 68 0.88 -0.28 9.92
N TYR A 69 -0.11 0.27 10.59
CA TYR A 69 -0.38 0.03 11.99
C TYR A 69 -1.63 -0.81 12.11
N ASP A 70 -1.42 -2.00 12.60
CA ASP A 70 -2.43 -2.97 12.92
C ASP A 70 -2.53 -3.03 14.43
N LYS A 71 -3.57 -3.74 14.88
CA LYS A 71 -4.00 -3.98 16.23
C LYS A 71 -4.07 -2.68 16.97
N GLU A 72 -2.91 -2.24 17.44
CA GLU A 72 -2.74 -1.20 18.43
C GLU A 72 -1.38 -0.52 18.23
N GLU A 73 -1.27 0.39 17.27
CA GLU A 73 -0.03 1.09 16.89
C GLU A 73 1.17 0.13 16.65
N HIS A 74 0.93 -1.11 16.26
CA HIS A 74 2.01 -2.03 15.88
C HIS A 74 2.37 -1.86 14.42
N CYS A 75 3.58 -1.38 14.13
CA CYS A 75 4.04 -1.23 12.76
C CYS A 75 4.36 -2.60 12.16
N THR A 76 3.46 -3.14 11.36
CA THR A 76 3.64 -4.46 10.77
C THR A 76 4.58 -4.37 9.57
N GLU A 77 4.50 -3.29 8.78
CA GLU A 77 5.41 -3.00 7.69
C GLU A 77 5.67 -1.49 7.60
N GLN A 78 6.66 -1.12 6.78
CA GLN A 78 7.04 0.25 6.49
C GLN A 78 7.56 0.32 5.06
N TYR A 79 7.37 1.45 4.38
CA TYR A 79 7.92 1.65 3.05
C TYR A 79 8.29 3.12 2.86
N HIS A 80 9.47 3.43 2.32
CA HIS A 80 9.82 4.81 1.97
C HIS A 80 9.04 5.19 0.72
N ILE A 81 8.32 6.32 0.76
CA ILE A 81 7.61 6.80 -0.43
C ILE A 81 8.67 7.51 -1.25
N LEU A 82 8.70 7.23 -2.56
CA LEU A 82 9.52 8.00 -3.49
C LEU A 82 8.61 8.75 -4.48
N LYS A 83 7.55 8.14 -5.04
CA LYS A 83 6.53 8.86 -5.80
C LYS A 83 5.16 8.23 -5.54
N LEU A 84 4.11 8.99 -5.83
CA LEU A 84 2.72 8.59 -5.94
C LEU A 84 2.22 9.36 -7.16
N THR A 85 1.58 8.68 -8.10
CA THR A 85 0.87 9.25 -9.23
C THR A 85 -0.47 8.49 -9.38
N SER A 86 -1.36 8.98 -10.22
CA SER A 86 -2.72 8.48 -10.40
C SER A 86 -2.85 7.04 -10.89
N LYS A 87 -1.79 6.42 -11.39
CA LYS A 87 -1.68 4.98 -11.66
C LYS A 87 -0.24 4.52 -11.44
N GLU A 88 0.55 5.14 -10.56
CA GLU A 88 1.89 4.62 -10.29
C GLU A 88 2.34 4.95 -8.87
N MET A 89 2.67 3.94 -8.06
CA MET A 89 3.13 4.09 -6.68
C MET A 89 4.49 3.38 -6.53
N LYS A 90 5.32 3.82 -5.57
CA LYS A 90 6.69 3.29 -5.39
C LYS A 90 7.12 3.25 -3.95
N TRP A 91 6.76 2.13 -3.34
CA TRP A 91 6.97 1.87 -1.94
C TRP A 91 8.30 1.12 -1.85
N GLU A 92 9.38 1.88 -1.63
CA GLU A 92 10.72 1.34 -1.43
C GLU A 92 10.73 0.54 -0.12
N ASN A 93 11.54 -0.52 -0.03
CA ASN A 93 11.59 -1.43 1.10
C ASN A 93 11.94 -0.71 2.38
N ALA A 94 12.80 0.31 2.32
CA ALA A 94 13.32 1.10 3.43
C ALA A 94 14.10 0.26 4.45
N SER A 95 13.42 -0.64 5.15
CA SER A 95 13.97 -1.36 6.30
C SER A 95 13.83 -2.87 6.11
N PRO A 96 14.59 -3.48 5.18
CA PRO A 96 14.41 -4.87 4.81
C PRO A 96 14.64 -5.86 5.97
N LYS A 97 15.31 -5.42 7.04
CA LYS A 97 15.39 -6.08 8.34
C LYS A 97 14.03 -6.55 8.87
N ASP A 98 13.00 -5.75 8.66
CA ASP A 98 11.70 -5.85 9.31
C ASP A 98 10.84 -6.87 8.57
N GLY A 99 11.09 -7.01 7.27
CA GLY A 99 10.21 -7.73 6.37
C GLY A 99 9.22 -6.76 5.76
N ASN A 100 9.62 -6.11 4.66
CA ASN A 100 8.79 -5.32 3.77
C ASN A 100 9.15 -5.77 2.36
N SER A 101 8.81 -5.01 1.32
CA SER A 101 9.20 -5.33 -0.04
C SER A 101 9.28 -4.07 -0.87
N ASP A 102 10.11 -4.06 -1.91
CA ASP A 102 10.03 -3.05 -2.95
C ASP A 102 9.43 -3.71 -4.18
N LYS A 103 8.24 -3.25 -4.53
CA LYS A 103 7.49 -3.52 -5.75
C LYS A 103 6.88 -2.21 -6.26
N ARG A 104 5.89 -2.25 -7.15
CA ARG A 104 5.30 -1.02 -7.69
C ARG A 104 3.81 -1.21 -8.01
N LEU A 105 2.93 -0.87 -7.07
CA LEU A 105 1.49 -1.07 -7.24
C LEU A 105 1.03 -0.22 -8.42
N GLU A 106 0.44 -0.88 -9.43
CA GLU A 106 0.15 -0.27 -10.74
C GLU A 106 -1.37 -0.27 -10.96
N LYS A 107 -2.05 0.15 -9.90
CA LYS A 107 -3.47 0.38 -9.71
C LYS A 107 -4.21 -0.95 -9.67
N TYR A 108 -5.51 -0.98 -9.36
CA TYR A 108 -6.23 -2.25 -9.33
C TYR A 108 -6.67 -2.52 -10.76
N ASN A 109 -5.91 -3.38 -11.45
CA ASN A 109 -6.11 -3.68 -12.85
C ASN A 109 -7.22 -4.70 -12.93
N ASP A 110 -8.42 -4.15 -13.05
CA ASP A 110 -9.70 -4.70 -12.61
C ASP A 110 -10.58 -4.81 -13.82
N GLY A 1 15.67 10.92 -10.99
CA GLY A 1 15.46 9.77 -11.87
C GLY A 1 13.98 9.62 -12.12
N ASP A 2 13.31 8.78 -11.36
CA ASP A 2 11.89 8.50 -11.56
C ASP A 2 11.01 9.51 -10.81
N GLU A 3 11.42 10.79 -10.72
CA GLU A 3 10.75 11.85 -9.99
C GLU A 3 10.35 12.91 -11.04
N ASP A 4 9.24 12.65 -11.75
CA ASP A 4 8.63 13.54 -12.74
C ASP A 4 7.25 13.00 -13.10
N ASP A 5 6.33 12.98 -12.13
CA ASP A 5 4.93 12.61 -12.39
C ASP A 5 3.83 13.47 -11.73
N LYS A 6 4.19 14.54 -11.01
CA LYS A 6 3.40 15.29 -10.01
C LYS A 6 3.02 14.44 -8.80
N VAL A 7 2.40 15.09 -7.80
CA VAL A 7 1.86 14.48 -6.60
C VAL A 7 0.52 15.13 -6.24
N GLU A 8 -0.41 14.38 -5.65
CA GLU A 8 -1.70 14.82 -5.11
C GLU A 8 -1.91 14.09 -3.77
N ILE A 9 -2.56 14.72 -2.80
CA ILE A 9 -2.96 14.13 -1.53
C ILE A 9 -4.12 13.14 -1.77
N PRO A 10 -5.34 13.56 -2.18
CA PRO A 10 -6.49 12.65 -2.27
C PRO A 10 -6.35 11.55 -3.35
N GLN A 11 -5.28 11.57 -4.15
CA GLN A 11 -4.96 10.47 -5.05
C GLN A 11 -4.77 9.18 -4.28
N LEU A 12 -4.05 9.22 -3.17
CA LEU A 12 -3.79 8.04 -2.35
C LEU A 12 -5.09 7.43 -1.84
N VAL A 13 -6.09 8.25 -1.54
CA VAL A 13 -7.32 7.82 -0.90
C VAL A 13 -8.23 6.99 -1.84
N GLY A 14 -7.81 6.83 -3.10
CA GLY A 14 -8.31 5.85 -4.04
C GLY A 14 -7.98 4.40 -3.63
N LYS A 15 -8.36 3.45 -4.49
CA LYS A 15 -8.04 2.03 -4.34
C LYS A 15 -6.88 1.69 -5.28
N TRP A 16 -6.14 0.64 -4.93
CA TRP A 16 -4.78 0.44 -5.42
C TRP A 16 -4.43 -1.03 -5.34
N ILE A 17 -4.13 -1.64 -6.49
CA ILE A 17 -3.98 -3.06 -6.63
C ILE A 17 -2.47 -3.30 -6.61
N VAL A 18 -1.98 -4.26 -5.80
CA VAL A 18 -0.52 -4.57 -5.70
C VAL A 18 -0.17 -5.54 -6.79
N LYS A 19 -1.15 -6.02 -7.54
CA LYS A 19 -0.94 -7.14 -8.48
C LYS A 19 0.16 -6.97 -9.58
N GLU A 20 1.07 -6.03 -9.43
CA GLU A 20 2.09 -5.63 -10.37
C GLU A 20 3.28 -4.99 -9.61
N PRO A 21 4.41 -5.69 -9.39
CA PRO A 21 4.51 -7.14 -9.52
C PRO A 21 3.64 -7.82 -8.47
N VAL A 22 2.96 -8.87 -8.89
CA VAL A 22 2.17 -9.72 -8.00
C VAL A 22 3.11 -10.59 -7.15
N LEU A 23 2.58 -11.06 -6.03
CA LEU A 23 3.20 -12.03 -5.12
C LEU A 23 2.75 -13.43 -5.54
N GLN A 24 2.74 -14.36 -4.59
CA GLN A 24 2.05 -15.63 -4.66
C GLN A 24 0.95 -15.73 -3.61
N ASP A 25 0.15 -16.80 -3.70
CA ASP A 25 -0.78 -17.29 -2.67
C ASP A 25 -1.87 -16.28 -2.28
N ASP A 26 -2.07 -15.26 -3.13
CA ASP A 26 -3.00 -14.13 -2.98
C ASP A 26 -2.61 -13.21 -1.82
N PHE A 27 -1.38 -13.29 -1.33
CA PHE A 27 -0.89 -12.30 -0.38
C PHE A 27 -0.86 -10.92 -1.05
N VAL A 28 -1.81 -10.08 -0.63
CA VAL A 28 -1.87 -8.60 -0.70
C VAL A 28 -2.11 -8.07 -2.11
N THR A 29 -3.14 -7.23 -2.38
CA THR A 29 -3.56 -6.83 -3.73
C THR A 29 -4.79 -6.00 -3.87
N CYS A 30 -5.30 -5.49 -2.78
CA CYS A 30 -6.37 -4.53 -2.89
C CYS A 30 -6.37 -3.57 -1.72
N TYR A 31 -5.39 -2.69 -1.73
CA TYR A 31 -5.35 -1.71 -0.68
C TYR A 31 -6.32 -0.58 -1.00
N THR A 32 -7.20 -0.35 -0.05
CA THR A 32 -7.88 0.91 0.12
C THR A 32 -7.12 1.69 1.18
N PHE A 33 -6.43 2.79 0.81
CA PHE A 33 -6.04 3.78 1.81
C PHE A 33 -7.19 4.76 1.93
N ASN A 34 -7.51 5.24 3.13
CA ASN A 34 -8.67 6.12 3.35
C ASN A 34 -8.22 7.57 3.52
N ALA A 35 -9.15 8.46 3.87
CA ALA A 35 -8.93 9.88 4.07
C ALA A 35 -7.80 10.09 5.08
N ASP A 36 -7.94 9.43 6.24
CA ASP A 36 -7.13 9.64 7.44
C ASP A 36 -7.36 8.55 8.52
N LYS A 37 -8.19 7.51 8.26
CA LYS A 37 -8.77 6.70 9.33
C LYS A 37 -8.33 5.24 9.28
N THR A 38 -8.95 4.39 8.47
CA THR A 38 -8.81 2.94 8.55
C THR A 38 -8.68 2.43 7.12
N TYR A 39 -7.65 1.63 6.86
CA TYR A 39 -7.39 1.03 5.56
C TYR A 39 -8.13 -0.30 5.48
N GLU A 40 -8.29 -0.87 4.28
CA GLU A 40 -9.10 -2.06 4.02
C GLU A 40 -8.45 -2.80 2.86
N VAL A 41 -8.17 -4.10 3.02
CA VAL A 41 -7.43 -4.92 2.05
C VAL A 41 -7.86 -6.37 2.23
N TYR A 42 -7.06 -7.26 1.66
CA TYR A 42 -7.24 -8.68 1.61
C TYR A 42 -5.84 -9.26 1.36
N THR A 43 -5.58 -10.44 1.93
CA THR A 43 -4.27 -11.08 1.98
C THR A 43 -4.49 -12.58 2.17
N GLY A 44 -3.85 -13.43 1.38
CA GLY A 44 -3.99 -14.88 1.52
C GLY A 44 -5.41 -15.26 1.13
N SER A 45 -5.99 -16.27 1.79
CA SER A 45 -7.26 -16.85 1.40
C SER A 45 -7.22 -17.40 -0.04
N PRO A 46 -6.35 -18.40 -0.36
CA PRO A 46 -6.32 -19.03 -1.69
C PRO A 46 -7.61 -19.75 -2.12
N LEU A 47 -8.68 -19.72 -1.32
CA LEU A 47 -10.03 -20.04 -1.76
C LEU A 47 -10.59 -18.79 -2.44
N SER A 48 -11.15 -17.86 -1.65
CA SER A 48 -11.92 -16.74 -2.14
C SER A 48 -12.31 -15.85 -0.97
N ASN A 49 -11.75 -14.64 -0.91
CA ASN A 49 -12.24 -13.47 -0.16
C ASN A 49 -12.68 -13.75 1.29
N GLY A 50 -11.97 -14.68 1.91
CA GLY A 50 -12.27 -15.27 3.20
C GLY A 50 -11.68 -14.46 4.35
N VAL A 51 -10.49 -13.92 4.16
CA VAL A 51 -9.75 -13.18 5.18
C VAL A 51 -9.36 -11.80 4.65
N PRO A 52 -10.27 -10.82 4.77
CA PRO A 52 -9.93 -9.43 4.54
C PRO A 52 -9.09 -8.83 5.69
N PHE A 53 -8.44 -7.73 5.34
CA PHE A 53 -7.56 -6.92 6.15
C PHE A 53 -8.25 -5.58 6.38
N ARG A 54 -8.09 -5.01 7.57
CA ARG A 54 -8.54 -3.68 7.96
C ARG A 54 -8.00 -3.38 9.35
N GLY A 55 -7.34 -2.24 9.46
CA GLY A 55 -6.60 -1.75 10.62
C GLY A 55 -6.49 -0.23 10.45
N THR A 56 -5.38 0.37 10.89
CA THR A 56 -5.09 1.80 10.85
C THR A 56 -3.73 1.98 10.18
N TYR A 57 -3.69 2.65 9.02
CA TYR A 57 -2.48 3.09 8.37
C TYR A 57 -2.06 4.43 8.99
N ILE A 58 -0.78 4.77 8.86
CA ILE A 58 -0.19 6.03 9.35
C ILE A 58 0.75 6.49 8.23
N ILE A 59 0.87 7.81 7.98
CA ILE A 59 1.86 8.40 7.07
C ILE A 59 2.64 9.48 7.86
N SER A 60 3.63 10.09 7.22
CA SER A 60 4.48 11.13 7.76
C SER A 60 5.16 11.87 6.60
N LEU A 61 5.62 13.11 6.85
CA LEU A 61 6.19 14.05 5.88
C LEU A 61 7.53 14.60 6.36
N ASP A 62 7.93 14.38 7.62
CA ASP A 62 9.26 14.70 8.14
C ASP A 62 10.30 13.74 7.52
N GLU A 63 10.24 12.48 7.92
CA GLU A 63 11.21 11.42 7.60
C GLU A 63 10.46 10.09 7.53
N LYS A 64 9.73 9.75 8.61
CA LYS A 64 8.89 8.56 8.63
C LYS A 64 7.87 8.64 7.50
N LEU A 65 7.23 7.52 7.27
CA LEU A 65 6.56 7.22 6.01
C LEU A 65 5.33 6.35 6.19
N ILE A 66 4.78 5.83 5.10
CA ILE A 66 3.52 5.12 5.12
C ILE A 66 3.67 3.66 5.64
N LYS A 67 3.11 3.36 6.82
CA LYS A 67 3.18 2.05 7.51
C LYS A 67 1.81 1.45 7.77
N LEU A 68 1.58 0.18 7.40
CA LEU A 68 0.32 -0.51 7.59
C LEU A 68 0.37 -1.32 8.89
N TYR A 69 -0.55 -1.11 9.84
CA TYR A 69 -0.72 -1.91 11.06
C TYR A 69 -1.88 -2.90 10.89
N ASP A 70 -1.91 -3.97 11.70
CA ASP A 70 -2.94 -5.00 11.62
C ASP A 70 -3.83 -4.97 12.87
N LYS A 71 -4.73 -5.95 13.02
CA LYS A 71 -5.70 -5.98 14.13
C LYS A 71 -5.01 -6.07 15.49
N GLU A 72 -3.85 -6.72 15.56
CA GLU A 72 -2.96 -6.78 16.72
C GLU A 72 -2.35 -5.40 17.08
N GLU A 73 -2.48 -4.37 16.23
CA GLU A 73 -1.94 -3.02 16.44
C GLU A 73 -0.40 -3.10 16.53
N HIS A 74 0.23 -3.74 15.54
CA HIS A 74 1.68 -3.84 15.37
C HIS A 74 1.99 -3.59 13.88
N CYS A 75 3.24 -3.27 13.53
CA CYS A 75 3.63 -2.86 12.18
C CYS A 75 4.32 -4.00 11.42
N THR A 76 3.75 -4.50 10.31
CA THR A 76 4.36 -5.63 9.60
C THR A 76 5.54 -5.07 8.78
N GLU A 77 5.24 -4.11 7.91
CA GLU A 77 6.10 -3.55 6.87
C GLU A 77 6.00 -2.02 6.89
N GLN A 78 6.67 -1.35 5.96
CA GLN A 78 6.62 0.08 5.71
C GLN A 78 7.11 0.30 4.27
N TYR A 79 6.84 1.46 3.66
CA TYR A 79 7.38 1.82 2.34
C TYR A 79 7.46 3.36 2.24
N HIS A 80 8.41 3.89 1.46
CA HIS A 80 8.48 5.32 1.11
C HIS A 80 7.55 5.62 -0.07
N ILE A 81 7.42 6.90 -0.43
CA ILE A 81 6.52 7.40 -1.47
C ILE A 81 7.40 8.16 -2.45
N LEU A 82 7.81 7.48 -3.52
CA LEU A 82 8.60 8.16 -4.54
C LEU A 82 7.70 9.13 -5.31
N LYS A 83 6.49 8.71 -5.72
CA LYS A 83 5.52 9.52 -6.48
C LYS A 83 4.09 9.11 -6.14
N LEU A 84 3.11 9.93 -6.52
CA LEU A 84 1.68 9.65 -6.35
C LEU A 84 0.87 10.28 -7.47
N THR A 85 0.29 9.48 -8.34
CA THR A 85 -0.39 9.98 -9.54
C THR A 85 -1.79 9.37 -9.65
N SER A 86 -2.60 9.83 -10.61
CA SER A 86 -3.96 9.34 -10.78
C SER A 86 -4.05 7.85 -11.08
N LYS A 87 -2.99 7.22 -11.61
CA LYS A 87 -2.97 5.80 -11.92
C LYS A 87 -1.57 5.21 -11.92
N GLU A 88 -0.62 5.79 -11.18
CA GLU A 88 0.70 5.19 -10.93
C GLU A 88 1.16 5.63 -9.52
N MET A 89 1.69 4.70 -8.71
CA MET A 89 2.29 4.91 -7.38
C MET A 89 3.56 4.06 -7.35
N LYS A 90 4.60 4.52 -6.64
CA LYS A 90 5.90 3.87 -6.54
C LYS A 90 6.31 3.77 -5.06
N TRP A 91 6.06 2.62 -4.42
CA TRP A 91 6.39 2.39 -3.00
C TRP A 91 7.78 1.79 -2.95
N GLU A 92 8.82 2.61 -2.73
CA GLU A 92 10.16 2.12 -2.46
C GLU A 92 10.17 1.45 -1.07
N ASN A 93 11.02 0.46 -0.85
CA ASN A 93 11.16 -0.32 0.38
C ASN A 93 11.26 0.52 1.66
N ALA A 94 12.04 1.61 1.64
CA ALA A 94 12.43 2.44 2.78
C ALA A 94 13.30 1.72 3.82
N SER A 95 12.93 0.54 4.30
CA SER A 95 13.62 -0.14 5.40
C SER A 95 14.11 -1.53 5.00
N PRO A 96 15.30 -1.68 4.40
CA PRO A 96 15.78 -3.00 4.00
C PRO A 96 16.14 -3.85 5.22
N LYS A 97 16.37 -3.23 6.38
CA LYS A 97 16.59 -3.95 7.64
C LYS A 97 15.30 -4.57 8.19
N ASP A 98 14.14 -4.10 7.72
CA ASP A 98 12.85 -4.71 8.04
C ASP A 98 12.47 -5.71 6.94
N GLY A 99 12.82 -5.42 5.67
CA GLY A 99 12.76 -6.34 4.54
C GLY A 99 11.51 -6.15 3.67
N ASN A 100 11.33 -4.94 3.13
CA ASN A 100 10.16 -4.52 2.32
C ASN A 100 10.51 -4.47 0.83
N SER A 101 9.56 -4.14 -0.04
CA SER A 101 9.59 -4.40 -1.49
C SER A 101 9.19 -3.16 -2.30
N ASP A 102 9.67 -3.01 -3.55
CA ASP A 102 9.79 -1.73 -4.29
C ASP A 102 8.66 -1.49 -5.32
N LYS A 103 7.54 -2.17 -5.14
CA LYS A 103 6.52 -2.39 -6.17
C LYS A 103 5.81 -1.11 -6.63
N ARG A 104 5.03 -1.22 -7.72
CA ARG A 104 4.41 -0.08 -8.39
C ARG A 104 2.91 -0.32 -8.59
N LEU A 105 2.10 0.15 -7.64
CA LEU A 105 0.64 -0.03 -7.60
C LEU A 105 0.06 0.70 -8.80
N GLU A 106 -0.80 -0.01 -9.54
CA GLU A 106 -1.42 0.50 -10.76
C GLU A 106 -2.95 0.61 -10.61
N LYS A 107 -3.32 1.29 -9.52
CA LYS A 107 -4.67 1.73 -9.25
C LYS A 107 -5.55 0.49 -9.15
N TYR A 108 -6.86 0.64 -9.19
CA TYR A 108 -7.77 -0.46 -8.91
C TYR A 108 -8.27 -1.13 -10.18
N ASN A 109 -7.51 -2.10 -10.70
CA ASN A 109 -7.91 -2.88 -11.86
C ASN A 109 -7.18 -4.23 -11.87
N ASP A 110 -7.96 -5.32 -11.89
CA ASP A 110 -7.60 -6.72 -11.65
C ASP A 110 -6.69 -6.91 -10.45
N GLY A 1 2.31 12.78 -20.43
CA GLY A 1 2.76 12.87 -19.04
C GLY A 1 2.22 11.66 -18.31
N ASP A 2 3.08 10.68 -18.04
CA ASP A 2 2.61 9.40 -17.52
C ASP A 2 2.40 9.51 -16.02
N GLU A 3 3.49 9.74 -15.29
CA GLU A 3 3.49 9.81 -13.83
C GLU A 3 4.37 10.96 -13.32
N ASP A 4 3.91 12.22 -13.44
CA ASP A 4 4.68 13.37 -12.99
C ASP A 4 3.83 14.45 -12.28
N ASP A 5 2.75 14.03 -11.62
CA ASP A 5 1.81 14.90 -10.87
C ASP A 5 2.25 15.24 -9.44
N LYS A 6 3.43 14.74 -9.04
CA LYS A 6 3.95 14.56 -7.70
C LYS A 6 3.04 13.72 -6.80
N VAL A 7 3.60 13.36 -5.66
CA VAL A 7 2.95 12.52 -4.68
C VAL A 7 2.12 13.40 -3.76
N GLU A 8 0.80 13.23 -3.89
CA GLU A 8 -0.16 13.88 -3.01
C GLU A 8 -0.64 12.95 -1.92
N ILE A 9 -1.15 13.53 -0.83
CA ILE A 9 -1.72 12.81 0.30
C ILE A 9 -3.06 12.19 -0.12
N PRO A 10 -4.13 12.97 -0.43
CA PRO A 10 -5.43 12.38 -0.76
C PRO A 10 -5.42 11.57 -2.07
N GLN A 11 -4.36 11.65 -2.87
CA GLN A 11 -4.17 10.77 -4.00
C GLN A 11 -4.02 9.30 -3.55
N LEU A 12 -3.51 9.06 -2.33
CA LEU A 12 -3.39 7.71 -1.77
C LEU A 12 -4.75 7.06 -1.54
N VAL A 13 -5.77 7.82 -1.16
CA VAL A 13 -7.03 7.36 -0.58
C VAL A 13 -7.84 6.42 -1.49
N GLY A 14 -7.47 6.30 -2.76
CA GLY A 14 -8.07 5.38 -3.72
C GLY A 14 -7.68 3.93 -3.46
N LYS A 15 -7.91 3.12 -4.48
CA LYS A 15 -7.88 1.67 -4.43
C LYS A 15 -6.62 1.24 -5.17
N TRP A 16 -5.91 0.23 -4.67
CA TRP A 16 -4.63 -0.17 -5.25
C TRP A 16 -4.45 -1.68 -5.18
N ILE A 17 -3.86 -2.27 -6.21
CA ILE A 17 -3.45 -3.66 -6.24
C ILE A 17 -1.92 -3.69 -6.16
N VAL A 18 -1.38 -4.54 -5.29
CA VAL A 18 0.06 -4.74 -5.07
C VAL A 18 0.62 -5.71 -6.12
N LYS A 19 -0.17 -6.04 -7.14
CA LYS A 19 0.04 -7.19 -8.01
C LYS A 19 1.05 -6.86 -9.12
N GLU A 20 2.14 -6.17 -8.76
CA GLU A 20 3.00 -5.52 -9.73
C GLU A 20 4.38 -5.32 -9.07
N PRO A 21 5.32 -6.27 -9.14
CA PRO A 21 5.18 -7.53 -9.84
C PRO A 21 4.29 -8.48 -9.05
N VAL A 22 3.73 -9.47 -9.76
CA VAL A 22 2.85 -10.48 -9.21
C VAL A 22 3.65 -11.28 -8.18
N LEU A 23 2.95 -11.76 -7.15
CA LEU A 23 3.51 -12.71 -6.20
C LEU A 23 3.60 -14.08 -6.88
N GLN A 24 3.87 -15.13 -6.10
CA GLN A 24 3.89 -16.49 -6.60
C GLN A 24 2.69 -17.25 -6.06
N ASP A 25 2.59 -18.48 -6.54
CA ASP A 25 1.57 -19.48 -6.35
C ASP A 25 0.34 -18.93 -7.05
N ASP A 26 -0.45 -18.10 -6.37
CA ASP A 26 -1.42 -17.14 -6.91
C ASP A 26 -1.91 -16.22 -5.76
N PHE A 27 -0.95 -15.67 -5.01
CA PHE A 27 -1.24 -14.75 -3.91
C PHE A 27 -1.56 -13.37 -4.48
N VAL A 28 -2.81 -12.94 -4.42
CA VAL A 28 -3.22 -11.57 -4.75
C VAL A 28 -3.36 -10.78 -3.44
N THR A 29 -3.18 -9.45 -3.57
CA THR A 29 -3.24 -8.47 -2.50
C THR A 29 -3.79 -7.17 -3.09
N CYS A 30 -4.79 -6.56 -2.46
CA CYS A 30 -5.10 -5.13 -2.59
C CYS A 30 -4.56 -4.42 -1.36
N TYR A 31 -4.23 -3.13 -1.50
CA TYR A 31 -4.09 -2.15 -0.43
C TYR A 31 -5.18 -1.11 -0.66
N THR A 32 -6.17 -1.03 0.22
CA THR A 32 -7.28 -0.11 0.07
C THR A 32 -7.31 0.80 1.30
N PHE A 33 -6.60 1.94 1.23
CA PHE A 33 -6.55 2.92 2.31
C PHE A 33 -7.92 3.62 2.41
N ASN A 34 -8.14 4.39 3.47
CA ASN A 34 -9.27 5.31 3.60
C ASN A 34 -8.69 6.70 3.89
N ALA A 35 -9.55 7.70 4.06
CA ALA A 35 -9.10 9.04 4.45
C ALA A 35 -8.35 9.01 5.77
N ASP A 36 -8.90 8.30 6.77
CA ASP A 36 -8.32 8.12 8.10
C ASP A 36 -8.84 6.85 8.79
N LYS A 37 -10.05 6.40 8.43
CA LYS A 37 -10.86 5.46 9.21
C LYS A 37 -10.17 4.13 9.44
N THR A 38 -9.63 3.51 8.38
CA THR A 38 -8.85 2.28 8.43
C THR A 38 -8.06 2.16 7.11
N TYR A 39 -7.36 1.04 6.89
CA TYR A 39 -6.87 0.57 5.60
C TYR A 39 -7.24 -0.91 5.48
N GLU A 40 -7.21 -1.47 4.28
CA GLU A 40 -7.39 -2.90 4.03
C GLU A 40 -6.12 -3.44 3.41
N VAL A 41 -5.83 -4.71 3.70
CA VAL A 41 -4.89 -5.58 3.02
C VAL A 41 -5.47 -7.01 3.11
N TYR A 42 -4.91 -8.00 2.42
CA TYR A 42 -5.15 -9.42 2.67
C TYR A 42 -3.98 -10.19 2.04
N THR A 43 -4.05 -11.51 2.00
CA THR A 43 -3.33 -12.31 1.00
C THR A 43 -4.16 -13.57 0.76
N GLY A 44 -4.03 -14.19 -0.42
CA GLY A 44 -4.40 -15.58 -0.71
C GLY A 44 -5.76 -15.99 -0.15
N SER A 45 -6.81 -15.61 -0.85
CA SER A 45 -8.19 -15.98 -0.56
C SER A 45 -8.43 -17.48 -0.79
N PRO A 46 -9.55 -18.04 -0.30
CA PRO A 46 -10.06 -19.34 -0.73
C PRO A 46 -10.83 -19.26 -2.07
N LEU A 47 -11.15 -18.04 -2.53
CA LEU A 47 -11.88 -17.74 -3.77
C LEU A 47 -11.39 -16.43 -4.39
N SER A 48 -11.48 -15.31 -3.65
CA SER A 48 -11.19 -13.93 -4.02
C SER A 48 -11.28 -13.05 -2.76
N ASN A 49 -10.97 -11.74 -2.86
CA ASN A 49 -10.94 -10.71 -1.81
C ASN A 49 -12.27 -10.55 -1.07
N GLY A 50 -12.59 -11.48 -0.18
CA GLY A 50 -13.90 -11.57 0.47
C GLY A 50 -14.02 -10.63 1.67
N VAL A 51 -13.30 -10.94 2.74
CA VAL A 51 -13.29 -10.21 3.98
C VAL A 51 -11.84 -9.85 4.30
N PRO A 52 -11.32 -8.72 3.78
CA PRO A 52 -9.94 -8.31 3.99
C PRO A 52 -9.71 -7.81 5.42
N PHE A 53 -8.44 -7.59 5.73
CA PHE A 53 -7.92 -7.02 6.96
C PHE A 53 -8.44 -5.60 7.16
N ARG A 54 -8.28 -5.09 8.38
CA ARG A 54 -8.57 -3.73 8.77
C ARG A 54 -7.62 -3.34 9.90
N GLY A 55 -6.94 -2.21 9.74
CA GLY A 55 -6.02 -1.58 10.68
C GLY A 55 -5.98 -0.08 10.38
N THR A 56 -4.95 0.67 10.75
CA THR A 56 -4.90 2.12 10.51
C THR A 56 -3.52 2.57 10.01
N TYR A 57 -3.46 3.41 8.98
CA TYR A 57 -2.21 3.88 8.37
C TYR A 57 -1.68 5.13 9.11
N ILE A 58 -0.39 5.47 8.92
CA ILE A 58 0.26 6.67 9.47
C ILE A 58 1.31 7.15 8.47
N ILE A 59 1.40 8.46 8.22
CA ILE A 59 2.39 9.12 7.35
C ILE A 59 2.99 10.31 8.11
N SER A 60 4.31 10.29 8.32
CA SER A 60 5.01 11.45 8.87
C SER A 60 4.98 12.62 7.89
N LEU A 61 4.85 13.85 8.42
CA LEU A 61 4.88 15.08 7.63
C LEU A 61 6.26 15.26 7.02
N ASP A 62 7.29 15.26 7.88
CA ASP A 62 8.67 15.56 7.53
C ASP A 62 9.27 14.38 6.78
N GLU A 63 9.39 13.23 7.45
CA GLU A 63 10.11 12.09 6.91
C GLU A 63 9.37 11.42 5.75
N LYS A 64 8.07 11.70 5.58
CA LYS A 64 7.17 11.19 4.51
C LYS A 64 7.03 9.66 4.51
N LEU A 65 7.70 9.00 5.44
CA LEU A 65 7.69 7.59 5.77
C LEU A 65 6.26 7.21 6.16
N ILE A 66 5.70 6.18 5.52
CA ILE A 66 4.34 5.69 5.73
C ILE A 66 4.42 4.28 6.31
N LYS A 67 3.78 4.04 7.47
CA LYS A 67 3.56 2.70 7.98
C LYS A 67 2.09 2.32 7.92
N LEU A 68 1.86 1.02 8.11
CA LEU A 68 0.58 0.40 8.35
C LEU A 68 0.67 -0.19 9.75
N TYR A 69 -0.34 0.10 10.59
CA TYR A 69 -0.46 -0.43 11.93
C TYR A 69 -1.74 -1.25 12.02
N ASP A 70 -1.70 -2.24 12.89
CA ASP A 70 -2.72 -3.29 12.90
C ASP A 70 -3.58 -3.21 14.18
N LYS A 71 -4.38 -4.23 14.49
CA LYS A 71 -5.31 -4.23 15.64
C LYS A 71 -4.63 -3.92 16.98
N GLU A 72 -3.40 -4.41 17.16
CA GLU A 72 -2.60 -4.16 18.36
C GLU A 72 -1.70 -2.93 18.19
N GLU A 73 -1.82 -2.21 17.07
CA GLU A 73 -1.21 -0.92 16.78
C GLU A 73 0.31 -0.98 16.98
N HIS A 74 0.93 -1.99 16.35
CA HIS A 74 2.33 -2.33 16.55
C HIS A 74 3.23 -2.17 15.33
N CYS A 75 2.69 -1.65 14.23
CA CYS A 75 3.25 -1.65 12.87
C CYS A 75 3.29 -3.08 12.32
N THR A 76 3.15 -3.22 11.01
CA THR A 76 3.37 -4.48 10.31
C THR A 76 4.17 -4.27 9.00
N GLU A 77 4.07 -3.09 8.38
CA GLU A 77 4.89 -2.68 7.26
C GLU A 77 5.17 -1.20 7.39
N GLN A 78 6.32 -0.74 6.90
CA GLN A 78 6.73 0.65 6.86
C GLN A 78 7.47 0.83 5.53
N TYR A 79 7.32 1.95 4.84
CA TYR A 79 8.09 2.21 3.63
C TYR A 79 8.30 3.72 3.49
N HIS A 80 9.20 4.03 2.55
CA HIS A 80 9.39 5.33 1.93
C HIS A 80 8.15 5.90 1.24
N ILE A 81 8.32 6.87 0.35
CA ILE A 81 7.48 7.16 -0.80
C ILE A 81 8.52 7.72 -1.79
N LEU A 82 8.68 7.05 -2.91
CA LEU A 82 9.42 7.51 -4.07
C LEU A 82 8.51 8.41 -4.90
N LYS A 83 7.43 7.85 -5.47
CA LYS A 83 6.50 8.54 -6.36
C LYS A 83 5.09 7.91 -6.23
N LEU A 84 4.02 8.71 -6.36
CA LEU A 84 2.62 8.29 -6.31
C LEU A 84 1.87 9.20 -7.28
N THR A 85 0.93 8.68 -8.05
CA THR A 85 0.09 9.44 -8.99
C THR A 85 -1.36 8.95 -8.96
N SER A 86 -2.21 9.43 -9.86
CA SER A 86 -3.59 8.96 -9.99
C SER A 86 -3.71 7.47 -10.34
N LYS A 87 -2.63 6.80 -10.75
CA LYS A 87 -2.69 5.46 -11.30
C LYS A 87 -1.41 4.64 -11.12
N GLU A 88 -0.35 5.24 -10.57
CA GLU A 88 0.97 4.62 -10.58
C GLU A 88 1.71 5.06 -9.33
N MET A 89 2.17 4.12 -8.49
CA MET A 89 2.86 4.40 -7.23
C MET A 89 3.95 3.37 -6.97
N LYS A 90 5.03 3.75 -6.30
CA LYS A 90 6.19 2.88 -6.11
C LYS A 90 6.56 2.77 -4.66
N TRP A 91 6.02 1.75 -3.98
CA TRP A 91 6.44 1.45 -2.63
C TRP A 91 7.62 0.48 -2.74
N GLU A 92 8.82 1.03 -2.62
CA GLU A 92 10.06 0.32 -2.33
C GLU A 92 9.93 -0.27 -0.91
N ASN A 93 11.04 -0.68 -0.30
CA ASN A 93 11.01 -1.21 1.07
C ASN A 93 11.46 -0.26 2.21
N ALA A 94 12.50 0.55 2.05
CA ALA A 94 13.07 1.42 3.09
C ALA A 94 13.69 0.72 4.32
N SER A 95 13.11 -0.33 4.91
CA SER A 95 13.70 -1.00 6.06
C SER A 95 13.74 -2.50 5.83
N PRO A 96 14.78 -3.04 5.17
CA PRO A 96 14.88 -4.48 4.96
C PRO A 96 15.00 -5.26 6.28
N LYS A 97 15.31 -4.55 7.38
CA LYS A 97 15.47 -5.06 8.73
C LYS A 97 14.16 -5.09 9.51
N ASP A 98 13.15 -4.33 9.09
CA ASP A 98 11.79 -4.50 9.61
C ASP A 98 11.16 -5.62 8.79
N GLY A 99 11.27 -5.53 7.46
CA GLY A 99 10.77 -6.55 6.55
C GLY A 99 9.58 -6.00 5.79
N ASN A 100 9.82 -5.47 4.59
CA ASN A 100 8.84 -4.82 3.72
C ASN A 100 9.17 -5.25 2.30
N SER A 101 8.26 -5.10 1.33
CA SER A 101 8.46 -5.48 -0.06
C SER A 101 8.76 -4.24 -0.92
N ASP A 102 9.37 -4.39 -2.11
CA ASP A 102 9.85 -3.28 -2.94
C ASP A 102 9.26 -3.30 -4.36
N LYS A 103 7.95 -3.20 -4.42
CA LYS A 103 7.13 -3.38 -5.63
C LYS A 103 6.65 -2.06 -6.21
N ARG A 104 5.66 -2.15 -7.11
CA ARG A 104 4.87 -1.08 -7.64
C ARG A 104 3.39 -1.38 -7.34
N LEU A 105 2.61 -0.34 -7.15
CA LEU A 105 1.17 -0.33 -6.94
C LEU A 105 0.49 0.40 -8.11
N GLU A 106 -0.25 -0.34 -8.95
CA GLU A 106 -0.77 0.17 -10.23
C GLU A 106 -2.25 0.53 -10.16
N LYS A 107 -2.66 1.18 -9.07
CA LYS A 107 -4.07 1.42 -8.81
C LYS A 107 -4.88 0.11 -8.82
N TYR A 108 -6.20 0.16 -8.85
CA TYR A 108 -7.05 -1.03 -8.80
C TYR A 108 -7.51 -1.35 -10.20
N ASN A 109 -6.66 -2.09 -10.92
CA ASN A 109 -6.91 -2.63 -12.25
C ASN A 109 -7.94 -3.72 -12.06
N ASP A 110 -9.20 -3.31 -12.11
CA ASP A 110 -10.33 -4.09 -11.62
C ASP A 110 -11.59 -3.66 -12.33
N GLY A 1 -5.83 14.28 -18.38
CA GLY A 1 -5.33 14.76 -17.08
C GLY A 1 -4.15 15.67 -17.33
N ASP A 2 -3.63 16.33 -16.29
CA ASP A 2 -2.50 17.24 -16.42
C ASP A 2 -1.89 17.44 -15.03
N GLU A 3 -0.57 17.61 -14.92
CA GLU A 3 0.17 17.60 -13.66
C GLU A 3 -0.20 16.34 -12.84
N ASP A 4 -0.04 15.16 -13.41
CA ASP A 4 -0.67 13.93 -12.91
C ASP A 4 0.32 13.04 -12.17
N ASP A 5 1.46 13.65 -11.84
CA ASP A 5 2.73 12.95 -11.67
C ASP A 5 3.59 13.51 -10.52
N LYS A 6 2.95 14.03 -9.47
CA LYS A 6 3.63 14.38 -8.21
C LYS A 6 3.00 13.59 -7.07
N VAL A 7 3.79 13.38 -6.02
CA VAL A 7 3.31 12.82 -4.77
C VAL A 7 2.22 13.71 -4.20
N GLU A 8 0.97 13.26 -4.35
CA GLU A 8 -0.18 13.87 -3.71
C GLU A 8 -0.42 13.28 -2.32
N ILE A 9 -1.25 13.98 -1.54
CA ILE A 9 -1.93 13.41 -0.38
C ILE A 9 -3.17 12.61 -0.86
N PRO A 10 -4.24 13.23 -1.39
CA PRO A 10 -5.52 12.55 -1.57
C PRO A 10 -5.53 11.48 -2.67
N GLN A 11 -4.50 11.44 -3.53
CA GLN A 11 -4.32 10.37 -4.50
C GLN A 11 -4.06 9.03 -3.80
N LEU A 12 -3.72 9.00 -2.51
CA LEU A 12 -3.51 7.74 -1.80
C LEU A 12 -4.81 6.94 -1.71
N VAL A 13 -5.95 7.62 -1.49
CA VAL A 13 -7.23 7.07 -1.05
C VAL A 13 -7.85 6.00 -1.98
N GLY A 14 -7.38 5.92 -3.23
CA GLY A 14 -7.86 4.93 -4.18
C GLY A 14 -7.52 3.50 -3.80
N LYS A 15 -7.91 2.62 -4.71
CA LYS A 15 -7.61 1.20 -4.65
C LYS A 15 -6.33 0.96 -5.45
N TRP A 16 -5.51 0.01 -5.02
CA TRP A 16 -4.16 -0.21 -5.50
C TRP A 16 -3.87 -1.72 -5.48
N ILE A 17 -3.49 -2.32 -6.61
CA ILE A 17 -3.17 -3.74 -6.70
C ILE A 17 -1.69 -3.85 -6.36
N VAL A 18 -1.31 -4.80 -5.50
CA VAL A 18 0.11 -5.05 -5.26
C VAL A 18 0.68 -5.96 -6.36
N LYS A 19 -0.17 -6.42 -7.29
CA LYS A 19 0.19 -7.36 -8.33
C LYS A 19 0.96 -6.67 -9.46
N GLU A 20 2.04 -5.99 -9.12
CA GLU A 20 3.02 -5.54 -10.10
C GLU A 20 4.34 -5.30 -9.34
N PRO A 21 5.35 -6.18 -9.45
CA PRO A 21 5.29 -7.47 -10.12
C PRO A 21 4.37 -8.45 -9.39
N VAL A 22 4.04 -9.55 -10.05
CA VAL A 22 3.29 -10.65 -9.47
C VAL A 22 4.17 -11.33 -8.43
N LEU A 23 3.52 -11.99 -7.50
CA LEU A 23 4.16 -12.48 -6.29
C LEU A 23 4.70 -13.88 -6.60
N GLN A 24 4.85 -14.64 -5.53
CA GLN A 24 5.00 -16.07 -5.52
C GLN A 24 3.77 -16.73 -4.90
N ASP A 25 3.70 -18.05 -4.99
CA ASP A 25 2.63 -18.94 -4.50
C ASP A 25 1.23 -18.61 -5.00
N ASP A 26 1.14 -17.66 -5.94
CA ASP A 26 -0.06 -17.11 -6.58
C ASP A 26 -0.83 -16.14 -5.68
N PHE A 27 -0.32 -15.87 -4.47
CA PHE A 27 -0.84 -14.89 -3.52
C PHE A 27 -1.03 -13.54 -4.21
N VAL A 28 -2.27 -13.14 -4.39
CA VAL A 28 -2.68 -11.82 -4.87
C VAL A 28 -2.92 -10.89 -3.68
N THR A 29 -2.95 -9.58 -3.91
CA THR A 29 -3.26 -8.61 -2.88
C THR A 29 -3.82 -7.34 -3.50
N CYS A 30 -4.67 -6.67 -2.72
CA CYS A 30 -5.31 -5.43 -3.06
C CYS A 30 -5.35 -4.55 -1.81
N TYR A 31 -4.88 -3.31 -1.95
CA TYR A 31 -4.79 -2.33 -0.88
C TYR A 31 -5.75 -1.19 -1.18
N THR A 32 -6.39 -0.64 -0.16
CA THR A 32 -7.23 0.56 -0.24
C THR A 32 -6.94 1.37 1.02
N PHE A 33 -6.92 2.70 0.95
CA PHE A 33 -6.70 3.57 2.10
C PHE A 33 -7.96 4.39 2.25
N ASN A 34 -8.52 4.44 3.46
CA ASN A 34 -9.76 5.16 3.68
C ASN A 34 -9.47 6.64 3.55
N ALA A 35 -10.51 7.45 3.30
CA ALA A 35 -10.39 8.88 3.06
C ALA A 35 -10.03 9.72 4.28
N ASP A 36 -9.57 9.07 5.36
CA ASP A 36 -9.48 9.61 6.69
C ASP A 36 -8.17 9.14 7.32
N LYS A 37 -8.06 7.83 7.63
CA LYS A 37 -6.92 7.24 8.37
C LYS A 37 -6.83 5.71 8.34
N THR A 38 -7.96 5.02 8.24
CA THR A 38 -7.99 3.56 8.26
C THR A 38 -7.54 3.01 6.89
N TYR A 39 -7.35 1.71 6.76
CA TYR A 39 -7.18 1.03 5.46
C TYR A 39 -8.11 -0.18 5.39
N GLU A 40 -8.06 -0.89 4.27
CA GLU A 40 -8.84 -2.07 3.93
C GLU A 40 -7.94 -2.90 3.04
N VAL A 41 -7.47 -4.05 3.51
CA VAL A 41 -6.54 -4.87 2.75
C VAL A 41 -6.96 -6.33 2.73
N TYR A 42 -6.51 -7.03 1.71
CA TYR A 42 -6.75 -8.44 1.51
C TYR A 42 -5.55 -8.94 0.75
N THR A 43 -4.83 -9.86 1.36
CA THR A 43 -3.87 -10.76 0.72
C THR A 43 -4.54 -12.14 0.63
N GLY A 44 -4.20 -12.92 -0.41
CA GLY A 44 -4.53 -14.33 -0.46
C GLY A 44 -5.97 -14.53 -0.88
N SER A 45 -6.14 -14.96 -2.12
CA SER A 45 -7.39 -15.47 -2.66
C SER A 45 -7.21 -16.95 -2.98
N PRO A 46 -7.11 -17.82 -1.96
CA PRO A 46 -7.27 -19.25 -2.18
C PRO A 46 -8.70 -19.61 -2.61
N LEU A 47 -9.67 -18.73 -2.36
CA LEU A 47 -11.09 -18.98 -2.58
C LEU A 47 -11.73 -17.61 -2.81
N SER A 48 -12.10 -16.92 -1.72
CA SER A 48 -12.43 -15.53 -1.64
C SER A 48 -12.39 -15.08 -0.18
N ASN A 49 -12.40 -13.77 0.06
CA ASN A 49 -12.50 -13.13 1.38
C ASN A 49 -13.19 -11.79 1.47
N GLY A 50 -14.48 -11.78 1.73
CA GLY A 50 -15.26 -10.56 1.71
C GLY A 50 -14.98 -9.60 2.86
N VAL A 51 -13.98 -9.87 3.69
CA VAL A 51 -13.62 -9.14 4.89
C VAL A 51 -12.19 -8.64 4.71
N PRO A 52 -11.99 -7.48 4.06
CA PRO A 52 -10.67 -6.88 3.98
C PRO A 52 -10.35 -6.23 5.34
N PHE A 53 -9.27 -6.70 5.97
CA PHE A 53 -8.75 -6.26 7.25
C PHE A 53 -8.67 -4.74 7.34
N ARG A 54 -9.07 -4.18 8.48
CA ARG A 54 -9.08 -2.73 8.71
C ARG A 54 -8.03 -2.41 9.76
N GLY A 55 -6.94 -1.78 9.34
CA GLY A 55 -5.91 -1.24 10.20
C GLY A 55 -5.85 0.28 10.03
N THR A 56 -4.75 0.91 10.44
CA THR A 56 -4.48 2.34 10.33
C THR A 56 -3.13 2.58 9.62
N TYR A 57 -3.11 3.37 8.55
CA TYR A 57 -1.88 3.79 7.89
C TYR A 57 -1.42 5.10 8.54
N ILE A 58 -0.10 5.35 8.55
CA ILE A 58 0.48 6.54 9.18
C ILE A 58 1.68 7.00 8.36
N ILE A 59 1.70 8.28 8.01
CA ILE A 59 2.74 8.94 7.22
C ILE A 59 3.64 9.71 8.19
N SER A 60 4.95 9.60 8.04
CA SER A 60 5.92 10.36 8.82
C SER A 60 6.13 11.73 8.16
N LEU A 61 6.49 12.75 8.93
CA LEU A 61 6.59 14.12 8.42
C LEU A 61 7.91 14.36 7.68
N ASP A 62 9.03 13.93 8.26
CA ASP A 62 10.37 14.31 7.81
C ASP A 62 10.93 13.25 6.88
N GLU A 63 11.22 12.05 7.40
CA GLU A 63 11.51 10.88 6.58
C GLU A 63 10.25 10.57 5.77
N LYS A 64 10.33 10.52 4.45
CA LYS A 64 9.15 10.33 3.60
C LYS A 64 8.82 8.84 3.55
N LEU A 65 8.08 8.34 4.55
CA LEU A 65 7.87 6.91 4.80
C LEU A 65 6.41 6.68 5.20
N ILE A 66 5.90 5.46 5.01
CA ILE A 66 4.60 5.01 5.51
C ILE A 66 4.83 3.74 6.32
N LYS A 67 4.14 3.62 7.46
CA LYS A 67 4.00 2.37 8.19
C LYS A 67 2.51 2.05 8.30
N LEU A 68 2.22 0.76 8.45
CA LEU A 68 0.87 0.21 8.43
C LEU A 68 0.73 -0.59 9.71
N TYR A 69 -0.32 -0.28 10.45
CA TYR A 69 -0.51 -0.72 11.82
C TYR A 69 -1.76 -1.57 11.87
N ASP A 70 -1.58 -2.80 12.33
CA ASP A 70 -2.66 -3.74 12.62
C ASP A 70 -3.48 -3.20 13.80
N LYS A 71 -4.53 -3.95 14.14
CA LYS A 71 -5.49 -3.67 15.19
C LYS A 71 -4.93 -3.75 16.62
N GLU A 72 -3.64 -4.00 16.78
CA GLU A 72 -2.94 -3.89 18.06
C GLU A 72 -1.93 -2.75 18.03
N GLU A 73 -1.96 -1.94 16.97
CA GLU A 73 -1.11 -0.78 16.76
C GLU A 73 0.37 -1.15 16.78
N HIS A 74 0.69 -2.40 16.41
CA HIS A 74 2.04 -2.78 16.03
C HIS A 74 2.17 -2.53 14.53
N CYS A 75 3.30 -1.99 14.10
CA CYS A 75 3.57 -1.94 12.67
C CYS A 75 3.87 -3.36 12.23
N THR A 76 3.22 -3.81 11.17
CA THR A 76 3.44 -5.12 10.58
C THR A 76 4.36 -4.96 9.36
N GLU A 77 4.32 -3.80 8.69
CA GLU A 77 5.02 -3.54 7.45
C GLU A 77 5.33 -2.05 7.38
N GLN A 78 6.47 -1.70 6.78
CA GLN A 78 6.81 -0.32 6.47
C GLN A 78 7.33 -0.30 5.03
N TYR A 79 7.38 0.88 4.39
CA TYR A 79 8.15 1.13 3.18
C TYR A 79 8.27 2.61 2.87
N HIS A 80 9.41 2.98 2.27
CA HIS A 80 9.71 4.36 1.91
C HIS A 80 8.82 4.75 0.75
N ILE A 81 8.10 5.87 0.89
CA ILE A 81 7.28 6.42 -0.16
C ILE A 81 8.26 7.13 -1.11
N LEU A 82 8.61 6.51 -2.24
CA LEU A 82 9.45 7.18 -3.21
C LEU A 82 8.61 8.15 -4.02
N LYS A 83 7.62 7.65 -4.77
CA LYS A 83 6.76 8.46 -5.66
C LYS A 83 5.37 7.83 -5.70
N LEU A 84 4.40 8.60 -6.17
CA LEU A 84 2.98 8.32 -6.22
C LEU A 84 2.45 9.27 -7.30
N THR A 85 1.62 8.78 -8.22
CA THR A 85 0.98 9.51 -9.32
C THR A 85 -0.48 9.04 -9.37
N SER A 86 -1.23 9.45 -10.41
CA SER A 86 -2.56 8.93 -10.69
C SER A 86 -2.64 7.41 -10.58
N LYS A 87 -1.72 6.68 -11.23
CA LYS A 87 -1.78 5.23 -11.37
C LYS A 87 -0.46 4.53 -11.15
N GLU A 88 0.58 5.21 -10.69
CA GLU A 88 1.90 4.62 -10.51
C GLU A 88 2.41 5.00 -9.12
N MET A 89 2.66 4.02 -8.25
CA MET A 89 3.26 4.26 -6.95
C MET A 89 4.47 3.35 -6.74
N LYS A 90 5.48 3.88 -6.03
CA LYS A 90 6.73 3.24 -5.71
C LYS A 90 7.00 3.30 -4.22
N TRP A 91 6.61 2.26 -3.50
CA TRP A 91 7.10 1.91 -2.17
C TRP A 91 8.46 1.23 -2.39
N GLU A 92 9.48 1.65 -1.66
CA GLU A 92 10.79 0.99 -1.56
C GLU A 92 10.84 0.28 -0.22
N ASN A 93 11.51 -0.89 -0.14
CA ASN A 93 11.62 -1.76 1.01
C ASN A 93 11.91 -0.96 2.26
N ALA A 94 12.93 -0.09 2.24
CA ALA A 94 13.45 0.65 3.39
C ALA A 94 14.09 -0.28 4.41
N SER A 95 13.34 -1.24 4.97
CA SER A 95 13.80 -2.04 6.10
C SER A 95 13.85 -3.53 5.77
N PRO A 96 14.93 -4.03 5.12
CA PRO A 96 15.02 -5.44 4.76
C PRO A 96 14.97 -6.34 6.00
N LYS A 97 15.42 -5.84 7.14
CA LYS A 97 15.31 -6.47 8.45
C LYS A 97 13.86 -6.65 8.92
N ASP A 98 12.98 -5.68 8.71
CA ASP A 98 11.57 -5.81 9.07
C ASP A 98 10.89 -6.81 8.14
N GLY A 99 11.39 -6.93 6.90
CA GLY A 99 10.90 -7.84 5.88
C GLY A 99 9.82 -7.17 5.04
N ASN A 100 10.21 -6.32 4.07
CA ASN A 100 9.29 -5.49 3.28
C ASN A 100 9.59 -5.68 1.78
N SER A 101 8.77 -5.06 0.90
CA SER A 101 8.86 -5.27 -0.54
C SER A 101 8.76 -3.97 -1.35
N ASP A 102 9.66 -3.87 -2.35
CA ASP A 102 9.96 -2.76 -3.26
C ASP A 102 9.26 -2.90 -4.62
N LYS A 103 7.99 -3.32 -4.60
CA LYS A 103 7.15 -3.54 -5.79
C LYS A 103 6.69 -2.20 -6.37
N ARG A 104 5.72 -2.15 -7.31
CA ARG A 104 5.19 -0.90 -7.87
C ARG A 104 3.67 -0.98 -8.03
N LEU A 105 2.91 -0.49 -7.04
CA LEU A 105 1.44 -0.60 -7.03
C LEU A 105 0.90 0.19 -8.22
N GLU A 106 0.27 -0.48 -9.18
CA GLU A 106 -0.17 0.15 -10.42
C GLU A 106 -1.69 0.22 -10.44
N LYS A 107 -2.24 0.92 -9.44
CA LYS A 107 -3.67 1.11 -9.26
C LYS A 107 -4.43 -0.21 -9.13
N TYR A 108 -5.74 -0.17 -8.90
CA TYR A 108 -6.54 -1.38 -8.89
C TYR A 108 -6.87 -1.69 -10.33
N ASN A 109 -6.16 -2.66 -10.91
CA ASN A 109 -6.30 -3.03 -12.32
C ASN A 109 -7.56 -3.89 -12.51
N ASP A 110 -8.69 -3.19 -12.39
CA ASP A 110 -10.07 -3.54 -12.66
C ASP A 110 -10.67 -4.60 -11.76
N GLY A 1 0.89 14.47 -18.32
CA GLY A 1 -0.52 14.40 -18.70
C GLY A 1 -1.40 14.29 -17.48
N ASP A 2 -2.13 15.36 -17.15
CA ASP A 2 -3.25 15.38 -16.20
C ASP A 2 -2.94 14.75 -14.84
N GLU A 3 -1.82 15.17 -14.23
CA GLU A 3 -1.36 14.86 -12.87
C GLU A 3 -1.03 13.38 -12.67
N ASP A 4 0.24 13.02 -12.84
CA ASP A 4 0.75 11.64 -12.79
C ASP A 4 2.27 11.59 -12.61
N ASP A 5 2.86 12.56 -11.91
CA ASP A 5 4.35 12.55 -11.71
C ASP A 5 4.85 13.31 -10.47
N LYS A 6 3.97 13.59 -9.51
CA LYS A 6 4.25 14.34 -8.31
C LYS A 6 3.55 13.67 -7.13
N VAL A 7 4.28 13.54 -6.02
CA VAL A 7 3.80 12.97 -4.78
C VAL A 7 2.68 13.86 -4.22
N GLU A 8 1.46 13.32 -4.17
CA GLU A 8 0.30 13.97 -3.60
C GLU A 8 -0.26 13.07 -2.50
N ILE A 9 -0.60 13.66 -1.36
CA ILE A 9 -1.28 13.00 -0.24
C ILE A 9 -2.63 12.41 -0.68
N PRO A 10 -3.60 13.18 -1.21
CA PRO A 10 -4.91 12.62 -1.54
C PRO A 10 -4.84 11.61 -2.69
N GLN A 11 -3.76 11.60 -3.50
CA GLN A 11 -3.58 10.61 -4.53
C GLN A 11 -3.30 9.22 -3.95
N LEU A 12 -2.87 9.07 -2.69
CA LEU A 12 -2.75 7.74 -2.09
C LEU A 12 -4.14 7.10 -1.95
N VAL A 13 -5.13 7.87 -1.51
CA VAL A 13 -6.40 7.41 -0.92
C VAL A 13 -7.19 6.46 -1.83
N GLY A 14 -6.92 6.42 -3.14
CA GLY A 14 -7.55 5.53 -4.10
C GLY A 14 -7.30 4.04 -3.81
N LYS A 15 -7.78 3.21 -4.73
CA LYS A 15 -7.64 1.76 -4.72
C LYS A 15 -6.40 1.39 -5.52
N TRP A 16 -5.63 0.39 -5.06
CA TRP A 16 -4.35 0.02 -5.65
C TRP A 16 -4.17 -1.50 -5.60
N ILE A 17 -3.84 -2.13 -6.72
CA ILE A 17 -3.57 -3.56 -6.77
C ILE A 17 -2.06 -3.76 -6.57
N VAL A 18 -1.66 -4.89 -5.99
CA VAL A 18 -0.23 -5.21 -5.81
C VAL A 18 0.29 -6.19 -6.88
N LYS A 19 -0.43 -6.31 -7.99
CA LYS A 19 -0.13 -7.27 -9.06
C LYS A 19 1.05 -6.84 -9.94
N GLU A 20 1.91 -5.96 -9.45
CA GLU A 20 3.04 -5.43 -10.19
C GLU A 20 4.25 -5.43 -9.24
N PRO A 21 5.27 -6.26 -9.51
CA PRO A 21 5.21 -7.45 -10.37
C PRO A 21 4.11 -8.41 -9.90
N VAL A 22 3.58 -9.25 -10.79
CA VAL A 22 2.63 -10.29 -10.39
C VAL A 22 3.41 -11.32 -9.55
N LEU A 23 2.68 -12.12 -8.78
CA LEU A 23 3.21 -13.20 -7.95
C LEU A 23 2.67 -14.52 -8.48
N GLN A 24 3.16 -15.63 -7.93
CA GLN A 24 2.60 -16.95 -8.17
C GLN A 24 1.49 -17.26 -7.15
N ASP A 25 1.01 -18.52 -7.14
CA ASP A 25 0.04 -19.06 -6.17
C ASP A 25 -1.29 -18.27 -6.15
N ASP A 26 -1.49 -17.40 -7.14
CA ASP A 26 -2.59 -16.45 -7.29
C ASP A 26 -2.57 -15.36 -6.20
N PHE A 27 -1.44 -15.09 -5.54
CA PHE A 27 -1.32 -14.00 -4.58
C PHE A 27 -1.57 -12.68 -5.31
N VAL A 28 -2.67 -12.03 -4.98
CA VAL A 28 -2.96 -10.63 -5.33
C VAL A 28 -3.45 -9.92 -4.05
N THR A 29 -3.62 -8.59 -4.13
CA THR A 29 -4.14 -7.76 -3.05
C THR A 29 -4.72 -6.49 -3.65
N CYS A 30 -5.78 -5.97 -3.04
CA CYS A 30 -6.34 -4.65 -3.28
C CYS A 30 -6.05 -3.75 -2.04
N TYR A 31 -4.88 -3.12 -1.99
CA TYR A 31 -4.61 -2.14 -0.95
C TYR A 31 -5.57 -0.96 -1.17
N THR A 32 -6.32 -0.57 -0.14
CA THR A 32 -7.23 0.57 -0.22
C THR A 32 -7.09 1.38 1.07
N PHE A 33 -6.67 2.64 0.96
CA PHE A 33 -6.45 3.51 2.12
C PHE A 33 -7.71 4.36 2.33
N ASN A 34 -7.71 5.28 3.30
CA ASN A 34 -8.82 6.19 3.63
C ASN A 34 -8.25 7.60 3.71
N ALA A 35 -9.10 8.61 3.96
CA ALA A 35 -8.64 10.00 3.98
C ALA A 35 -7.51 10.18 4.99
N ASP A 36 -7.75 9.67 6.20
CA ASP A 36 -6.93 9.73 7.40
C ASP A 36 -7.69 9.01 8.52
N LYS A 37 -8.07 7.76 8.24
CA LYS A 37 -8.88 6.92 9.13
C LYS A 37 -8.27 5.52 9.26
N THR A 38 -8.39 4.66 8.25
CA THR A 38 -7.99 3.25 8.28
C THR A 38 -7.47 2.86 6.89
N TYR A 39 -7.25 1.57 6.65
CA TYR A 39 -7.05 1.01 5.32
C TYR A 39 -7.67 -0.40 5.29
N GLU A 40 -7.61 -1.08 4.15
CA GLU A 40 -7.89 -2.50 3.97
C GLU A 40 -6.74 -3.11 3.19
N VAL A 41 -6.48 -4.39 3.44
CA VAL A 41 -5.53 -5.21 2.69
C VAL A 41 -5.92 -6.68 2.87
N TYR A 42 -5.46 -7.56 1.96
CA TYR A 42 -5.72 -8.99 2.01
C TYR A 42 -4.75 -9.64 1.02
N THR A 43 -4.14 -10.76 1.38
CA THR A 43 -3.15 -11.44 0.55
C THR A 43 -3.34 -12.93 0.67
N GLY A 44 -3.46 -13.60 -0.47
CA GLY A 44 -3.57 -15.03 -0.55
C GLY A 44 -5.03 -15.43 -0.42
N SER A 45 -5.61 -15.75 -1.57
CA SER A 45 -6.95 -16.24 -1.71
C SER A 45 -6.83 -17.69 -2.15
N PRO A 46 -6.67 -18.65 -1.23
CA PRO A 46 -6.82 -20.05 -1.56
C PRO A 46 -8.27 -20.34 -1.98
N LEU A 47 -9.21 -19.49 -1.55
CA LEU A 47 -10.63 -19.55 -1.89
C LEU A 47 -11.17 -18.13 -1.99
N SER A 48 -11.33 -17.44 -0.86
CA SER A 48 -12.12 -16.22 -0.81
C SER A 48 -11.72 -15.32 0.36
N ASN A 49 -12.25 -14.09 0.37
CA ASN A 49 -12.00 -13.12 1.42
C ASN A 49 -13.00 -13.31 2.56
N GLY A 50 -12.74 -14.29 3.42
CA GLY A 50 -13.51 -14.51 4.63
C GLY A 50 -13.13 -13.54 5.74
N VAL A 51 -11.84 -13.15 5.80
CA VAL A 51 -11.27 -12.28 6.82
C VAL A 51 -10.29 -11.30 6.15
N PRO A 52 -10.75 -10.15 5.63
CA PRO A 52 -9.83 -9.11 5.19
C PRO A 52 -9.09 -8.54 6.40
N PHE A 53 -7.88 -8.02 6.16
CA PHE A 53 -7.15 -7.25 7.15
C PHE A 53 -7.56 -5.80 6.99
N ARG A 54 -7.51 -5.08 8.11
CA ARG A 54 -8.00 -3.72 8.26
C ARG A 54 -7.20 -3.15 9.41
N GLY A 55 -6.81 -1.90 9.30
CA GLY A 55 -5.89 -1.32 10.24
C GLY A 55 -5.68 0.15 9.99
N THR A 56 -4.54 0.69 10.42
CA THR A 56 -4.32 2.12 10.29
C THR A 56 -3.02 2.32 9.51
N TYR A 57 -2.87 3.52 8.96
CA TYR A 57 -1.62 3.97 8.36
C TYR A 57 -1.23 5.30 9.03
N ILE A 58 0.06 5.58 9.08
CA ILE A 58 0.72 6.78 9.61
C ILE A 58 1.62 7.32 8.52
N ILE A 59 1.82 8.63 8.43
CA ILE A 59 2.82 9.26 7.57
C ILE A 59 3.65 10.22 8.45
N SER A 60 4.82 10.63 7.95
CA SER A 60 5.62 11.72 8.49
C SER A 60 4.99 13.08 8.13
N LEU A 61 5.73 14.14 8.47
CA LEU A 61 5.45 15.55 8.20
C LEU A 61 5.40 15.83 6.71
N ASP A 62 6.28 15.17 5.94
CA ASP A 62 6.19 15.06 4.49
C ASP A 62 6.15 13.56 4.22
N GLU A 63 7.32 12.92 4.14
CA GLU A 63 7.52 11.70 3.40
C GLU A 63 8.62 10.85 4.05
N LYS A 64 9.14 11.24 5.24
CA LYS A 64 10.22 10.49 5.92
C LYS A 64 9.89 9.01 5.98
N LEU A 65 8.62 8.66 6.30
CA LEU A 65 8.11 7.32 6.11
C LEU A 65 6.57 7.31 6.08
N ILE A 66 5.99 6.16 5.76
CA ILE A 66 4.59 5.79 6.00
C ILE A 66 4.60 4.40 6.66
N LYS A 67 3.76 4.15 7.68
CA LYS A 67 3.73 2.91 8.47
C LYS A 67 2.32 2.37 8.64
N LEU A 68 2.18 1.04 8.80
CA LEU A 68 0.98 0.28 8.45
C LEU A 68 0.70 -0.83 9.44
N TYR A 69 -0.55 -0.95 9.92
CA TYR A 69 -0.92 -1.84 11.03
C TYR A 69 -2.10 -2.75 10.84
N ASP A 70 -2.54 -3.35 11.95
CA ASP A 70 -3.91 -3.85 12.08
C ASP A 70 -4.73 -2.73 12.67
N LYS A 71 -5.91 -3.08 13.16
CA LYS A 71 -6.88 -2.19 13.79
C LYS A 71 -6.13 -1.27 14.75
N GLU A 72 -5.15 -1.79 15.48
CA GLU A 72 -4.28 -1.08 16.34
C GLU A 72 -2.84 -1.60 16.31
N GLU A 73 -2.42 -2.48 15.37
CA GLU A 73 -1.13 -3.22 15.36
C GLU A 73 0.18 -2.48 15.19
N HIS A 74 0.14 -1.26 15.65
CA HIS A 74 1.07 -0.30 16.11
C HIS A 74 2.21 -0.08 15.12
N CYS A 75 1.83 -0.11 13.86
CA CYS A 75 2.48 -0.40 12.62
C CYS A 75 3.33 -1.68 12.69
N THR A 76 2.90 -2.73 11.99
CA THR A 76 3.68 -3.96 11.79
C THR A 76 4.79 -3.68 10.77
N GLU A 77 4.49 -2.86 9.76
CA GLU A 77 5.29 -2.72 8.54
C GLU A 77 5.44 -1.24 8.17
N GLN A 78 6.34 -0.95 7.22
CA GLN A 78 6.51 0.39 6.66
C GLN A 78 6.85 0.24 5.18
N TYR A 79 6.61 1.26 4.35
CA TYR A 79 7.15 1.33 2.98
C TYR A 79 7.70 2.73 2.79
N HIS A 80 8.85 2.89 2.13
CA HIS A 80 9.38 4.22 1.79
C HIS A 80 8.56 4.73 0.59
N ILE A 81 8.04 5.95 0.62
CA ILE A 81 7.35 6.54 -0.52
C ILE A 81 8.43 7.08 -1.45
N LEU A 82 8.79 6.36 -2.52
CA LEU A 82 9.64 6.97 -3.54
C LEU A 82 8.80 7.95 -4.36
N LYS A 83 7.63 7.49 -4.83
CA LYS A 83 6.69 8.33 -5.53
C LYS A 83 5.26 7.86 -5.25
N LEU A 84 4.36 8.85 -5.24
CA LEU A 84 2.95 8.70 -5.56
C LEU A 84 2.77 9.38 -6.91
N THR A 85 1.88 8.87 -7.76
CA THR A 85 1.42 9.55 -8.97
C THR A 85 -0.10 9.30 -9.11
N SER A 86 -0.70 9.53 -10.29
CA SER A 86 -2.04 9.01 -10.54
C SER A 86 -2.01 7.50 -10.34
N LYS A 87 -1.22 6.79 -11.16
CA LYS A 87 -1.37 5.35 -11.34
C LYS A 87 -0.09 4.57 -11.10
N GLU A 88 0.97 5.17 -10.56
CA GLU A 88 2.24 4.49 -10.39
C GLU A 88 2.83 4.83 -9.02
N MET A 89 2.78 3.88 -8.08
CA MET A 89 3.11 4.09 -6.69
C MET A 89 4.24 3.15 -6.30
N LYS A 90 5.41 3.70 -5.97
CA LYS A 90 6.66 2.96 -5.73
C LYS A 90 6.88 2.86 -4.22
N TRP A 91 6.58 1.69 -3.67
CA TRP A 91 6.55 1.37 -2.25
C TRP A 91 7.79 0.53 -1.94
N GLU A 92 8.86 1.18 -1.50
CA GLU A 92 10.19 0.59 -1.33
C GLU A 92 10.34 -0.01 0.08
N ASN A 93 11.30 -0.92 0.28
CA ASN A 93 11.44 -1.67 1.53
C ASN A 93 11.78 -0.76 2.70
N ALA A 94 12.80 0.09 2.59
CA ALA A 94 13.46 0.83 3.67
C ALA A 94 14.03 -0.05 4.79
N SER A 95 13.22 -0.90 5.42
CA SER A 95 13.58 -1.61 6.64
C SER A 95 13.73 -3.11 6.37
N PRO A 96 14.91 -3.59 5.91
CA PRO A 96 15.10 -5.01 5.61
C PRO A 96 14.97 -5.86 6.88
N LYS A 97 15.14 -5.25 8.05
CA LYS A 97 14.83 -5.81 9.36
C LYS A 97 13.39 -6.33 9.43
N ASP A 98 12.42 -5.52 9.03
CA ASP A 98 11.00 -5.82 9.14
C ASP A 98 10.55 -6.65 7.94
N GLY A 99 11.34 -6.66 6.86
CA GLY A 99 11.09 -7.51 5.70
C GLY A 99 9.97 -6.96 4.81
N ASN A 100 9.92 -5.63 4.66
CA ASN A 100 8.93 -4.95 3.82
C ASN A 100 9.21 -5.23 2.35
N SER A 101 8.18 -5.18 1.49
CA SER A 101 8.31 -5.37 0.06
C SER A 101 8.95 -4.13 -0.59
N ASP A 102 9.35 -4.23 -1.85
CA ASP A 102 9.94 -3.15 -2.63
C ASP A 102 9.41 -3.21 -4.08
N LYS A 103 8.08 -3.06 -4.22
CA LYS A 103 7.36 -3.18 -5.50
C LYS A 103 6.58 -1.92 -5.87
N ARG A 104 5.86 -1.95 -7.00
CA ARG A 104 5.22 -0.77 -7.56
C ARG A 104 3.76 -1.05 -7.90
N LEU A 105 2.83 -0.48 -7.12
CA LEU A 105 1.40 -0.67 -7.32
C LEU A 105 0.96 0.21 -8.49
N GLU A 106 0.11 -0.32 -9.37
CA GLU A 106 -0.23 0.32 -10.64
C GLU A 106 -1.73 0.57 -10.72
N LYS A 107 -2.24 1.30 -9.73
CA LYS A 107 -3.65 1.55 -9.50
C LYS A 107 -4.44 0.26 -9.34
N TYR A 108 -5.77 0.34 -9.25
CA TYR A 108 -6.59 -0.86 -9.20
C TYR A 108 -6.85 -1.26 -10.64
N ASN A 109 -6.20 -2.34 -11.08
CA ASN A 109 -6.24 -2.83 -12.46
C ASN A 109 -7.58 -3.53 -12.75
N ASP A 110 -8.64 -2.72 -12.72
CA ASP A 110 -10.04 -2.96 -13.10
C ASP A 110 -10.86 -3.87 -12.20
N GLY A 1 -3.64 15.39 -18.76
CA GLY A 1 -4.15 16.39 -17.83
C GLY A 1 -3.19 16.52 -16.67
N ASP A 2 -3.40 15.74 -15.62
CA ASP A 2 -2.80 15.99 -14.32
C ASP A 2 -1.62 15.05 -14.17
N GLU A 3 -0.44 15.53 -14.57
CA GLU A 3 0.76 14.74 -14.76
C GLU A 3 1.99 15.66 -14.85
N ASP A 4 2.61 15.95 -13.70
CA ASP A 4 3.83 16.75 -13.60
C ASP A 4 4.80 16.20 -12.55
N ASP A 5 4.81 14.88 -12.39
CA ASP A 5 5.73 14.12 -11.53
C ASP A 5 5.89 14.75 -10.15
N LYS A 6 4.76 14.93 -9.45
CA LYS A 6 4.71 15.40 -8.06
C LYS A 6 3.90 14.43 -7.23
N VAL A 7 4.28 14.22 -5.98
CA VAL A 7 3.49 13.40 -5.08
C VAL A 7 2.19 14.14 -4.78
N GLU A 8 1.06 13.44 -4.74
CA GLU A 8 -0.19 13.94 -4.16
C GLU A 8 -0.48 13.24 -2.83
N ILE A 9 -1.22 13.92 -1.95
CA ILE A 9 -1.84 13.35 -0.77
C ILE A 9 -3.11 12.56 -1.14
N PRO A 10 -4.19 13.16 -1.67
CA PRO A 10 -5.52 12.54 -1.77
C PRO A 10 -5.58 11.41 -2.81
N GLN A 11 -4.52 11.27 -3.60
CA GLN A 11 -4.31 10.28 -4.63
C GLN A 11 -3.99 8.90 -4.05
N LEU A 12 -3.76 8.81 -2.73
CA LEU A 12 -3.49 7.54 -2.05
C LEU A 12 -4.74 6.68 -1.93
N VAL A 13 -5.85 7.25 -1.41
CA VAL A 13 -7.08 6.54 -0.99
C VAL A 13 -7.65 5.62 -2.08
N GLY A 14 -7.31 5.87 -3.34
CA GLY A 14 -7.66 5.04 -4.47
C GLY A 14 -7.30 3.57 -4.27
N LYS A 15 -7.84 2.78 -5.18
CA LYS A 15 -7.68 1.34 -5.22
C LYS A 15 -6.33 0.96 -5.83
N TRP A 16 -5.74 -0.13 -5.36
CA TRP A 16 -4.45 -0.61 -5.82
C TRP A 16 -4.45 -2.13 -5.85
N ILE A 17 -3.72 -2.73 -6.77
CA ILE A 17 -3.44 -4.16 -6.77
C ILE A 17 -1.98 -4.25 -6.34
N VAL A 18 -1.64 -5.22 -5.50
CA VAL A 18 -0.25 -5.51 -5.17
C VAL A 18 0.37 -6.50 -6.16
N LYS A 19 -0.36 -6.84 -7.21
CA LYS A 19 -0.08 -7.93 -8.13
C LYS A 19 1.12 -7.63 -9.04
N GLU A 20 1.94 -6.65 -8.70
CA GLU A 20 2.98 -6.16 -9.58
C GLU A 20 4.17 -5.68 -8.72
N PRO A 21 5.29 -6.42 -8.69
CA PRO A 21 5.37 -7.84 -8.99
C PRO A 21 4.38 -8.64 -8.16
N VAL A 22 3.85 -9.70 -8.77
CA VAL A 22 3.01 -10.68 -8.10
C VAL A 22 3.91 -11.62 -7.31
N LEU A 23 3.37 -12.14 -6.21
CA LEU A 23 3.96 -13.15 -5.35
C LEU A 23 4.00 -14.52 -6.05
N GLN A 24 4.40 -15.53 -5.30
CA GLN A 24 4.28 -16.91 -5.74
C GLN A 24 2.81 -17.34 -5.89
N ASP A 25 2.64 -18.49 -6.54
CA ASP A 25 1.43 -19.16 -6.98
C ASP A 25 0.61 -18.19 -7.82
N ASP A 26 -0.20 -17.38 -7.13
CA ASP A 26 -1.19 -16.46 -7.65
C ASP A 26 -1.62 -15.40 -6.60
N PHE A 27 -0.96 -15.31 -5.44
CA PHE A 27 -1.43 -14.48 -4.32
C PHE A 27 -1.52 -12.99 -4.65
N VAL A 28 -2.71 -12.52 -4.98
CA VAL A 28 -3.03 -11.13 -5.24
C VAL A 28 -3.68 -10.55 -3.99
N THR A 29 -3.65 -9.22 -3.90
CA THR A 29 -4.34 -8.47 -2.89
C THR A 29 -4.81 -7.17 -3.52
N CYS A 30 -5.92 -6.65 -3.01
CA CYS A 30 -6.44 -5.33 -3.23
C CYS A 30 -5.97 -4.51 -2.03
N TYR A 31 -5.36 -3.35 -2.23
CA TYR A 31 -4.99 -2.42 -1.18
C TYR A 31 -5.82 -1.17 -1.40
N THR A 32 -6.83 -0.95 -0.57
CA THR A 32 -7.47 0.36 -0.48
C THR A 32 -6.91 1.03 0.77
N PHE A 33 -6.61 2.32 0.70
CA PHE A 33 -6.29 3.13 1.87
C PHE A 33 -7.56 3.91 2.24
N ASN A 34 -7.50 4.71 3.31
CA ASN A 34 -8.49 5.71 3.68
C ASN A 34 -7.81 7.05 3.82
N ALA A 35 -8.61 8.09 4.03
CA ALA A 35 -8.18 9.46 4.08
C ALA A 35 -7.48 9.85 5.39
N ASP A 36 -7.65 9.07 6.47
CA ASP A 36 -6.87 9.11 7.73
C ASP A 36 -7.19 7.92 8.67
N LYS A 37 -8.28 7.15 8.45
CA LYS A 37 -8.87 6.33 9.50
C LYS A 37 -8.24 4.93 9.54
N THR A 38 -8.50 4.08 8.54
CA THR A 38 -8.10 2.68 8.56
C THR A 38 -7.94 2.18 7.12
N TYR A 39 -6.94 1.34 6.81
CA TYR A 39 -6.81 0.72 5.47
C TYR A 39 -7.71 -0.50 5.37
N GLU A 40 -7.72 -1.16 4.21
CA GLU A 40 -8.62 -2.26 3.87
C GLU A 40 -7.86 -3.13 2.88
N VAL A 41 -7.38 -4.31 3.29
CA VAL A 41 -6.58 -5.22 2.44
C VAL A 41 -6.99 -6.67 2.60
N TYR A 42 -6.70 -7.51 1.60
CA TYR A 42 -7.22 -8.86 1.52
C TYR A 42 -6.33 -9.69 0.58
N THR A 43 -5.36 -10.39 1.13
CA THR A 43 -4.42 -11.25 0.41
C THR A 43 -4.95 -12.68 0.36
N GLY A 44 -4.91 -13.33 -0.82
CA GLY A 44 -5.38 -14.70 -1.00
C GLY A 44 -6.91 -14.77 -1.00
N SER A 45 -7.48 -14.88 -2.20
CA SER A 45 -8.91 -15.00 -2.45
C SER A 45 -9.14 -16.30 -3.24
N PRO A 46 -9.23 -17.45 -2.54
CA PRO A 46 -9.71 -18.66 -3.17
C PRO A 46 -11.17 -18.52 -3.62
N LEU A 47 -11.97 -17.68 -2.95
CA LEU A 47 -13.42 -17.61 -3.13
C LEU A 47 -13.81 -16.21 -3.53
N SER A 48 -13.62 -15.24 -2.64
CA SER A 48 -13.85 -13.82 -2.89
C SER A 48 -13.22 -13.01 -1.75
N ASN A 49 -13.54 -11.72 -1.70
CA ASN A 49 -12.96 -10.76 -0.79
C ASN A 49 -14.17 -10.17 -0.06
N GLY A 50 -14.50 -10.67 1.13
CA GLY A 50 -15.72 -10.25 1.85
C GLY A 50 -15.45 -9.71 3.24
N VAL A 51 -14.25 -9.93 3.79
CA VAL A 51 -13.84 -9.47 5.11
C VAL A 51 -12.38 -9.02 5.02
N PRO A 52 -12.09 -7.78 4.61
CA PRO A 52 -10.73 -7.27 4.57
C PRO A 52 -10.20 -7.00 5.98
N PHE A 53 -8.88 -7.09 6.11
CA PHE A 53 -8.14 -6.64 7.27
C PHE A 53 -8.31 -5.13 7.34
N ARG A 54 -8.79 -4.60 8.47
CA ARG A 54 -8.92 -3.17 8.69
C ARG A 54 -8.00 -2.73 9.81
N GLY A 55 -6.90 -2.08 9.45
CA GLY A 55 -5.80 -1.61 10.28
C GLY A 55 -5.58 -0.13 10.04
N THR A 56 -4.47 0.40 10.52
CA THR A 56 -4.27 1.82 10.75
C THR A 56 -3.00 2.26 10.00
N TYR A 57 -2.99 3.41 9.33
CA TYR A 57 -1.90 3.94 8.52
C TYR A 57 -1.48 5.32 9.06
N ILE A 58 -0.30 5.81 8.69
CA ILE A 58 0.25 7.09 9.15
C ILE A 58 1.01 7.72 7.99
N ILE A 59 1.03 9.05 7.86
CA ILE A 59 1.76 9.85 6.87
C ILE A 59 2.37 11.06 7.58
N SER A 60 3.56 10.91 8.17
CA SER A 60 4.32 12.04 8.68
C SER A 60 4.86 12.87 7.51
N LEU A 61 5.20 14.14 7.74
CA LEU A 61 5.86 15.00 6.77
C LEU A 61 7.37 14.71 6.71
N ASP A 62 7.98 14.17 7.78
CA ASP A 62 9.44 14.09 7.97
C ASP A 62 10.18 13.63 6.72
N GLU A 63 9.77 12.49 6.16
CA GLU A 63 10.39 11.89 5.01
C GLU A 63 9.38 11.14 4.11
N LYS A 64 8.08 11.36 4.34
CA LYS A 64 6.94 10.67 3.73
C LYS A 64 7.06 9.15 3.89
N LEU A 65 7.21 8.69 5.12
CA LEU A 65 7.25 7.28 5.48
C LEU A 65 5.83 6.87 5.85
N ILE A 66 5.28 5.82 5.23
CA ILE A 66 4.02 5.21 5.64
C ILE A 66 4.35 3.92 6.41
N LYS A 67 3.67 3.71 7.54
CA LYS A 67 3.66 2.42 8.23
C LYS A 67 2.22 1.96 8.32
N LEU A 68 1.96 0.69 8.04
CA LEU A 68 0.67 0.05 8.22
C LEU A 68 0.77 -0.77 9.49
N TYR A 69 -0.12 -0.46 10.42
CA TYR A 69 -0.25 -1.09 11.71
C TYR A 69 -1.39 -2.12 11.66
N ASP A 70 -1.45 -2.92 12.70
CA ASP A 70 -2.32 -4.09 12.82
C ASP A 70 -2.98 -4.10 14.20
N LYS A 71 -3.66 -5.20 14.53
CA LYS A 71 -4.37 -5.42 15.80
C LYS A 71 -3.44 -5.45 17.02
N GLU A 72 -2.15 -5.65 16.80
CA GLU A 72 -1.09 -5.67 17.81
C GLU A 72 -0.36 -4.31 17.84
N GLU A 73 -0.83 -3.37 17.01
CA GLU A 73 -0.36 -2.01 16.79
C GLU A 73 1.15 -1.96 16.52
N HIS A 74 1.73 -2.98 15.87
CA HIS A 74 3.18 -3.14 15.82
C HIS A 74 3.88 -2.79 14.50
N CYS A 75 3.18 -2.12 13.58
CA CYS A 75 3.67 -1.72 12.26
C CYS A 75 4.43 -2.85 11.54
N THR A 76 3.66 -3.84 11.04
CA THR A 76 4.11 -5.05 10.40
C THR A 76 5.12 -4.76 9.29
N GLU A 77 4.83 -3.79 8.42
CA GLU A 77 5.78 -3.28 7.45
C GLU A 77 5.58 -1.79 7.26
N GLN A 78 6.68 -1.11 6.94
CA GLN A 78 6.69 0.25 6.47
C GLN A 78 7.13 0.27 5.00
N TYR A 79 6.81 1.37 4.31
CA TYR A 79 7.29 1.63 2.96
C TYR A 79 7.55 3.12 2.82
N HIS A 80 8.55 3.49 2.02
CA HIS A 80 8.81 4.90 1.72
C HIS A 80 7.94 5.38 0.56
N ILE A 81 7.25 6.50 0.73
CA ILE A 81 6.57 7.14 -0.38
C ILE A 81 7.60 8.02 -1.10
N LEU A 82 8.37 7.44 -2.01
CA LEU A 82 9.18 8.24 -2.92
C LEU A 82 8.31 9.09 -3.87
N LYS A 83 7.49 8.51 -4.77
CA LYS A 83 6.76 9.25 -5.81
C LYS A 83 5.36 8.64 -6.05
N LEU A 84 4.30 9.26 -5.59
CA LEU A 84 2.94 8.74 -5.80
C LEU A 84 2.41 9.32 -7.12
N THR A 85 1.74 8.53 -7.95
CA THR A 85 1.03 9.01 -9.15
C THR A 85 -0.39 8.44 -9.15
N SER A 86 -1.21 8.83 -10.13
CA SER A 86 -2.54 8.31 -10.39
C SER A 86 -2.54 6.84 -10.82
N LYS A 87 -1.39 6.21 -11.10
CA LYS A 87 -1.34 4.80 -11.45
C LYS A 87 -0.13 4.05 -10.89
N GLU A 88 0.92 4.74 -10.46
CA GLU A 88 2.22 4.15 -10.17
C GLU A 88 2.58 4.47 -8.72
N MET A 89 2.98 3.43 -7.97
CA MET A 89 3.31 3.55 -6.57
C MET A 89 4.54 2.73 -6.24
N LYS A 90 5.46 3.29 -5.45
CA LYS A 90 6.87 2.88 -5.40
C LYS A 90 7.48 2.35 -4.12
N TRP A 91 6.65 1.64 -3.39
CA TRP A 91 6.72 1.57 -1.95
C TRP A 91 8.02 0.90 -1.53
N GLU A 92 9.07 1.69 -1.35
CA GLU A 92 10.39 1.13 -1.27
C GLU A 92 10.58 0.64 0.17
N ASN A 93 11.38 -0.41 0.35
CA ASN A 93 11.52 -1.14 1.60
C ASN A 93 11.75 -0.25 2.82
N ALA A 94 12.55 0.82 2.70
CA ALA A 94 12.79 1.86 3.68
C ALA A 94 13.45 1.43 5.01
N SER A 95 13.27 0.22 5.49
CA SER A 95 13.95 -0.37 6.63
C SER A 95 14.39 -1.80 6.26
N PRO A 96 15.56 -1.96 5.62
CA PRO A 96 16.11 -3.30 5.37
C PRO A 96 16.43 -4.03 6.68
N LYS A 97 16.50 -3.29 7.79
CA LYS A 97 16.72 -3.82 9.12
C LYS A 97 15.67 -4.87 9.48
N ASP A 98 14.42 -4.68 9.06
CA ASP A 98 13.34 -5.66 9.24
C ASP A 98 13.19 -6.55 8.02
N GLY A 99 13.43 -6.03 6.81
CA GLY A 99 13.49 -6.83 5.59
C GLY A 99 12.28 -6.70 4.68
N ASN A 100 11.55 -5.60 4.80
CA ASN A 100 10.30 -5.25 4.10
C ASN A 100 10.43 -5.40 2.58
N SER A 101 9.30 -5.45 1.87
CA SER A 101 9.28 -5.52 0.41
C SER A 101 9.42 -4.14 -0.24
N ASP A 102 9.64 -4.11 -1.56
CA ASP A 102 9.87 -2.89 -2.36
C ASP A 102 9.11 -2.91 -3.70
N LYS A 103 7.91 -3.50 -3.70
CA LYS A 103 7.10 -3.73 -4.91
C LYS A 103 6.44 -2.43 -5.40
N ARG A 104 5.86 -2.47 -6.61
CA ARG A 104 5.20 -1.31 -7.17
C ARG A 104 3.77 -1.56 -7.58
N LEU A 105 2.86 -1.30 -6.65
CA LEU A 105 1.42 -1.35 -6.88
C LEU A 105 1.03 -0.51 -8.10
N GLU A 106 0.44 -1.11 -9.14
CA GLU A 106 0.13 -0.43 -10.39
C GLU A 106 -1.36 -0.12 -10.50
N LYS A 107 -1.92 0.47 -9.45
CA LYS A 107 -3.35 0.72 -9.33
C LYS A 107 -4.17 -0.56 -9.41
N TYR A 108 -5.50 -0.49 -9.44
CA TYR A 108 -6.33 -1.70 -9.44
C TYR A 108 -6.80 -1.94 -10.86
N ASN A 109 -6.16 -2.88 -11.54
CA ASN A 109 -6.60 -3.53 -12.76
C ASN A 109 -5.85 -4.86 -12.80
N ASP A 110 -6.59 -5.91 -13.15
CA ASP A 110 -5.98 -7.08 -13.80
C ASP A 110 -5.43 -6.56 -15.14
#